data_3T5Q
#
_entry.id   3T5Q
#
_cell.length_a   127.441
_cell.length_b   127.441
_cell.length_c   298.430
_cell.angle_alpha   90.00
_cell.angle_beta   90.00
_cell.angle_gamma   120.00
#
_symmetry.space_group_name_H-M   'P 61'
#
loop_
_entity.id
_entity.type
_entity.pdbx_description
1 polymer Nucleoprotein
2 polymer "RNA (5'-R(P*UP*UP*AP*UP*CP*UP*CP*A)-3')"
3 polymer "RNA (5'-R(P*UP*AP*UP*CP*UP*CP*A)-3')"
4 polymer "RNA (5'-R(P*UP*AP*UP*CP*UP*C)-3')"
5 polymer "RNA (5'-R(P*UP*UP*AP*UP*CP*UP*CP*C)-3')"
6 non-polymer 'PHOSPHATE ION'
7 water water
#
loop_
_entity_poly.entity_id
_entity_poly.type
_entity_poly.pdbx_seq_one_letter_code
_entity_poly.pdbx_strand_id
1 'polypeptide(L)'
;MAHHHHHHDDDKMMSASKEIKSFLWTQSLRRELSGYCSNIKLQVVKDAQALLHGLDFSEVSNVQRLMRKERRDDNDLKRL
RDLNQAVNNLVELKSTQQKSILRVGTLTSDDLLILAADLEKLKSKVIRTERPLSAGVYMGNLSSQQLDQRRALLNMIGMS
GGNQGARAGRDGVVRVWDVKNAELLSNQFGTMPSLTLACLTKQGQVDLNDAVQALTDLGLIYTAKYPNTSDLDRLTQSHP
ILNMIDTKKSSLNISGYNFSLGAAVKAGACMLDGGNMLETIKVSPQTMDGILKSILKVKKALGMFISDTPGERNPYENIL
YKICLSGDGWPYIASRTSITGRAWENTVVDLES
;
A,B,E,G,I,K
2 'polyribonucleotide' UUAUCUCA C,F
3 'polyribonucleotide' UAUCUCA D
4 'polyribonucleotide' UAUCUC H,L
5 'polyribonucleotide' UUAUCUCC J
#
# COMPACT_ATOMS: atom_id res chain seq x y z
N LYS A 21 18.86 -1.06 28.42
CA LYS A 21 18.87 0.36 28.09
C LYS A 21 17.61 0.72 27.31
N SER A 22 17.25 -0.06 26.29
CA SER A 22 16.08 0.29 25.48
C SER A 22 14.86 0.54 26.38
N PHE A 23 14.45 -0.45 27.15
CA PHE A 23 13.26 -0.31 27.98
C PHE A 23 13.40 0.83 28.97
N LEU A 24 14.62 1.09 29.40
CA LEU A 24 14.88 2.21 30.30
C LEU A 24 14.54 3.54 29.63
N TRP A 25 14.92 3.69 28.37
CA TRP A 25 14.60 4.88 27.60
C TRP A 25 13.11 4.98 27.49
N THR A 26 12.49 3.89 27.10
CA THR A 26 11.05 3.83 26.94
C THR A 26 10.37 4.35 28.18
N GLN A 27 10.82 3.89 29.32
CA GLN A 27 10.17 4.23 30.57
C GLN A 27 10.43 5.65 31.02
N SER A 28 11.61 6.16 30.73
CA SER A 28 11.92 7.54 31.07
C SER A 28 11.06 8.47 30.26
N LEU A 29 10.85 8.12 28.98
CA LEU A 29 10.02 8.90 28.09
C LEU A 29 8.60 8.91 28.57
N ARG A 30 8.12 7.76 28.98
CA ARG A 30 6.77 7.64 29.49
C ARG A 30 6.53 8.56 30.67
N ARG A 31 7.48 8.61 31.60
CA ARG A 31 7.30 9.41 32.81
C ARG A 31 7.33 10.89 32.46
N GLU A 32 8.25 11.26 31.58
CA GLU A 32 8.42 12.65 31.17
C GLU A 32 7.25 13.15 30.36
N LEU A 33 6.76 12.32 29.46
CA LEU A 33 5.70 12.73 28.55
C LEU A 33 4.29 12.45 29.02
N SER A 34 4.16 11.93 30.24
CA SER A 34 2.88 11.49 30.77
C SER A 34 1.77 12.53 30.68
N GLY A 35 2.13 13.79 30.74
CA GLY A 35 1.15 14.85 30.65
C GLY A 35 0.45 14.94 29.32
N TYR A 36 1.08 14.42 28.28
CA TYR A 36 0.50 14.47 26.95
C TYR A 36 -0.24 13.19 26.56
N CYS A 37 -0.21 12.20 27.44
CA CYS A 37 -0.87 10.93 27.20
C CYS A 37 -2.32 11.09 27.55
N SER A 38 -3.20 10.36 26.86
CA SER A 38 -4.63 10.48 27.07
C SER A 38 -5.32 9.10 27.11
N ASN A 39 -6.54 9.06 27.60
CA ASN A 39 -7.31 7.83 27.63
C ASN A 39 -8.02 7.67 26.31
N ILE A 40 -7.71 6.64 25.55
CA ILE A 40 -8.30 6.47 24.23
C ILE A 40 -8.94 5.11 24.00
N LYS A 41 -9.12 4.33 25.07
CA LYS A 41 -9.73 3.03 24.94
C LYS A 41 -11.03 3.08 24.18
N LEU A 42 -11.92 3.94 24.64
CA LEU A 42 -13.19 4.22 23.99
C LEU A 42 -13.10 4.38 22.48
N GLN A 43 -12.32 5.36 22.01
CA GLN A 43 -12.19 5.62 20.59
C GLN A 43 -11.69 4.42 19.86
N VAL A 44 -10.58 3.87 20.34
CA VAL A 44 -9.99 2.73 19.69
C VAL A 44 -11.00 1.60 19.51
N VAL A 45 -11.77 1.32 20.56
CA VAL A 45 -12.81 0.32 20.48
C VAL A 45 -13.94 0.75 19.55
N LYS A 46 -14.35 2.01 19.62
CA LYS A 46 -15.37 2.53 18.71
C LYS A 46 -14.92 2.36 17.28
N ASP A 47 -13.68 2.71 16.98
CA ASP A 47 -13.14 2.57 15.63
C ASP A 47 -13.04 1.12 15.17
N ALA A 48 -12.66 0.22 16.06
CA ALA A 48 -12.63 -1.19 15.75
C ALA A 48 -14.02 -1.67 15.33
N GLN A 49 -15.04 -1.18 16.03
CA GLN A 49 -16.40 -1.55 15.71
C GLN A 49 -16.76 -1.06 14.32
N ALA A 50 -16.44 0.20 14.01
CA ALA A 50 -16.67 0.72 12.68
C ALA A 50 -16.10 -0.20 11.62
N LEU A 51 -14.85 -0.63 11.79
CA LEU A 51 -14.20 -1.49 10.80
C LEU A 51 -14.90 -2.83 10.70
N LEU A 52 -15.21 -3.43 11.84
CA LEU A 52 -15.93 -4.69 11.87
C LEU A 52 -17.25 -4.65 11.08
N HIS A 53 -17.90 -3.51 11.08
CA HIS A 53 -19.19 -3.39 10.44
C HIS A 53 -19.06 -2.97 8.97
N GLY A 54 -18.01 -2.22 8.65
CA GLY A 54 -17.95 -1.57 7.36
C GLY A 54 -16.91 -2.07 6.37
N LEU A 55 -15.92 -2.80 6.86
CA LEU A 55 -14.76 -3.13 6.05
C LEU A 55 -15.01 -4.41 5.30
N ASP A 56 -14.36 -4.53 4.14
CA ASP A 56 -14.44 -5.76 3.35
C ASP A 56 -13.38 -6.72 3.79
N PHE A 57 -13.70 -7.61 4.71
CA PHE A 57 -12.70 -8.52 5.25
C PHE A 57 -12.23 -9.59 4.26
N SER A 58 -12.95 -9.69 3.15
CA SER A 58 -12.54 -10.51 2.02
C SER A 58 -11.30 -9.88 1.39
N GLU A 59 -11.36 -8.58 1.11
CA GLU A 59 -10.19 -7.89 0.58
C GLU A 59 -9.07 -7.82 1.61
N VAL A 60 -9.41 -7.78 2.89
CA VAL A 60 -8.39 -7.84 3.93
C VAL A 60 -7.57 -9.11 3.78
N SER A 61 -8.23 -10.24 3.59
CA SER A 61 -7.52 -11.50 3.36
C SER A 61 -6.58 -11.41 2.18
N ASN A 62 -7.03 -10.85 1.07
CA ASN A 62 -6.23 -10.74 -0.13
C ASN A 62 -5.01 -9.91 0.12
N VAL A 63 -5.21 -8.73 0.69
CA VAL A 63 -4.08 -7.85 0.90
C VAL A 63 -3.08 -8.49 1.84
N GLN A 64 -3.56 -9.20 2.85
CA GLN A 64 -2.68 -9.95 3.73
C GLN A 64 -1.72 -10.80 2.90
N ARG A 65 -2.28 -11.60 2.00
CA ARG A 65 -1.52 -12.48 1.15
C ARG A 65 -0.60 -11.75 0.16
N LEU A 66 -1.17 -10.83 -0.60
CA LEU A 66 -0.39 -10.00 -1.47
C LEU A 66 0.81 -9.44 -0.76
N MET A 67 0.66 -9.03 0.49
CA MET A 67 1.78 -8.40 1.20
C MET A 67 2.88 -9.39 1.54
N ARG A 68 2.54 -10.68 1.51
CA ARG A 68 3.49 -11.71 1.90
C ARG A 68 4.37 -12.23 0.77
N LYS A 69 3.96 -12.04 -0.47
CA LYS A 69 4.79 -12.37 -1.64
C LYS A 69 6.17 -11.75 -1.56
N GLU A 70 7.21 -12.40 -2.12
CA GLU A 70 8.54 -11.79 -2.10
C GLU A 70 8.69 -10.84 -3.24
N ARG A 71 8.13 -11.20 -4.39
CA ARG A 71 8.10 -10.19 -5.42
C ARG A 71 6.76 -9.48 -5.37
N ARG A 72 6.81 -8.19 -5.07
CA ARG A 72 5.63 -7.36 -5.00
C ARG A 72 5.77 -6.19 -5.97
N ASP A 73 4.70 -5.92 -6.72
CA ASP A 73 4.74 -4.89 -7.77
C ASP A 73 3.77 -3.75 -7.49
N ASP A 74 3.54 -2.90 -8.49
CA ASP A 74 2.62 -1.77 -8.33
C ASP A 74 1.16 -2.19 -8.19
N ASN A 75 0.78 -3.30 -8.79
CA ASN A 75 -0.58 -3.77 -8.68
C ASN A 75 -0.91 -4.18 -7.27
N ASP A 76 0.03 -4.81 -6.59
CA ASP A 76 -0.12 -5.15 -5.18
C ASP A 76 -0.12 -3.88 -4.32
N LEU A 77 0.78 -2.95 -4.59
CA LEU A 77 0.80 -1.71 -3.85
C LEU A 77 -0.51 -0.95 -3.98
N LYS A 78 -1.11 -0.98 -5.16
CA LYS A 78 -2.35 -0.25 -5.40
C LYS A 78 -3.46 -0.87 -4.61
N ARG A 79 -3.34 -2.16 -4.43
CA ARG A 79 -4.34 -2.89 -3.72
C ARG A 79 -4.27 -2.49 -2.25
N LEU A 80 -3.05 -2.35 -1.73
CA LEU A 80 -2.81 -1.99 -0.34
C LEU A 80 -3.31 -0.59 -0.05
N ARG A 81 -2.98 0.36 -0.90
CA ARG A 81 -3.34 1.74 -0.70
C ARG A 81 -4.83 1.97 -0.78
N ASP A 82 -5.50 1.20 -1.62
CA ASP A 82 -6.94 1.30 -1.71
C ASP A 82 -7.59 0.84 -0.42
N LEU A 83 -7.12 -0.30 0.11
CA LEU A 83 -7.63 -0.80 1.37
C LEU A 83 -7.38 0.20 2.49
N ASN A 84 -6.19 0.77 2.49
CA ASN A 84 -5.86 1.77 3.48
C ASN A 84 -6.83 2.91 3.46
N GLN A 85 -7.26 3.33 2.28
CA GLN A 85 -8.17 4.43 2.18
C GLN A 85 -9.52 4.06 2.71
N ALA A 86 -9.91 2.81 2.50
CA ALA A 86 -11.18 2.32 2.99
C ALA A 86 -11.20 2.42 4.51
N VAL A 87 -10.08 2.04 5.12
CA VAL A 87 -9.91 2.06 6.57
C VAL A 87 -9.85 3.49 7.07
N ASN A 88 -9.18 4.37 6.34
CA ASN A 88 -9.09 5.76 6.72
C ASN A 88 -10.47 6.38 6.82
N ASN A 89 -11.41 5.89 6.06
CA ASN A 89 -12.75 6.44 6.03
C ASN A 89 -13.65 5.97 7.11
N LEU A 90 -13.31 4.87 7.77
CA LEU A 90 -14.15 4.36 8.82
C LEU A 90 -13.74 4.80 10.23
N VAL A 91 -12.55 5.37 10.36
CA VAL A 91 -11.98 5.65 11.67
C VAL A 91 -11.86 7.14 12.00
N GLU A 92 -11.95 7.46 13.29
CA GLU A 92 -11.89 8.85 13.74
C GLU A 92 -10.50 9.26 14.16
N LEU A 93 -9.71 8.32 14.69
CA LEU A 93 -8.33 8.60 15.08
C LEU A 93 -7.42 8.64 13.85
N LYS A 94 -7.30 9.83 13.26
CA LYS A 94 -6.44 10.02 12.10
C LYS A 94 -5.37 11.05 12.38
N SER A 95 -4.29 11.01 11.60
CA SER A 95 -3.33 12.08 11.56
C SER A 95 -3.61 12.81 10.27
N THR A 96 -3.44 14.12 10.27
CA THR A 96 -3.65 14.92 9.06
C THR A 96 -2.38 15.60 8.61
N GLN A 97 -2.28 15.94 7.33
CA GLN A 97 -1.08 16.60 6.86
C GLN A 97 -0.90 17.93 7.56
N GLN A 98 0.20 18.07 8.27
CA GLN A 98 0.47 19.26 9.04
C GLN A 98 1.96 19.53 9.09
N LYS A 99 2.42 20.37 8.19
CA LYS A 99 3.82 20.76 8.17
C LYS A 99 4.16 21.55 9.44
N SER A 100 5.35 21.32 9.98
CA SER A 100 5.78 22.02 11.18
C SER A 100 7.11 22.75 10.95
N ILE A 101 7.19 23.99 11.40
CA ILE A 101 8.44 24.72 11.40
C ILE A 101 8.83 25.00 12.83
N LEU A 102 9.98 24.50 13.24
CA LEU A 102 10.45 24.68 14.61
C LEU A 102 11.32 25.92 14.77
N ARG A 103 10.94 26.77 15.71
CA ARG A 103 11.60 28.05 15.88
C ARG A 103 11.97 28.30 17.31
N VAL A 104 12.90 29.23 17.53
CA VAL A 104 13.30 29.56 18.87
C VAL A 104 12.11 30.14 19.58
N GLY A 105 11.52 29.35 20.48
CA GLY A 105 10.37 29.79 21.26
C GLY A 105 10.45 29.11 22.60
N THR A 106 9.52 28.20 22.87
CA THR A 106 9.66 27.38 24.06
C THR A 106 10.82 26.40 23.83
N LEU A 107 11.28 26.33 22.59
CA LEU A 107 12.49 25.60 22.24
C LEU A 107 13.73 26.53 22.18
N THR A 108 14.80 26.14 22.87
CA THR A 108 16.06 26.89 22.84
C THR A 108 16.73 26.80 21.48
N SER A 109 17.80 27.55 21.30
CA SER A 109 18.44 27.55 20.00
C SER A 109 19.38 26.37 19.92
N ASP A 110 19.81 25.87 21.07
CA ASP A 110 20.62 24.67 21.13
C ASP A 110 19.79 23.47 20.78
N ASP A 111 18.57 23.47 21.29
CA ASP A 111 17.60 22.45 20.97
C ASP A 111 17.36 22.33 19.47
N LEU A 112 17.15 23.45 18.79
CA LEU A 112 16.96 23.44 17.35
C LEU A 112 18.14 22.79 16.65
N LEU A 113 19.34 23.00 17.18
CA LEU A 113 20.54 22.41 16.60
C LEU A 113 20.54 20.89 16.74
N ILE A 114 20.24 20.40 17.93
CA ILE A 114 20.09 18.97 18.17
C ILE A 114 19.03 18.36 17.25
N LEU A 115 17.85 18.95 17.24
CA LEU A 115 16.78 18.45 16.40
C LEU A 115 17.18 18.45 14.94
N ALA A 116 17.74 19.57 14.48
CA ALA A 116 18.11 19.72 13.09
C ALA A 116 19.10 18.66 12.67
N ALA A 117 19.99 18.31 13.60
CA ALA A 117 21.01 17.29 13.40
C ALA A 117 20.43 15.87 13.43
N ASP A 118 19.60 15.61 14.41
CA ASP A 118 19.00 14.30 14.56
C ASP A 118 18.03 14.00 13.43
N LEU A 119 17.31 15.00 12.94
CA LEU A 119 16.45 14.78 11.78
C LEU A 119 17.29 14.38 10.60
N GLU A 120 18.45 15.01 10.45
CA GLU A 120 19.36 14.67 9.37
C GLU A 120 19.86 13.22 9.46
N LYS A 121 20.25 12.82 10.67
CA LYS A 121 20.63 11.44 10.95
C LYS A 121 19.58 10.44 10.48
N LEU A 122 18.32 10.71 10.80
CA LEU A 122 17.24 9.86 10.34
C LEU A 122 17.25 9.77 8.84
N LYS A 123 17.34 10.93 8.18
CA LYS A 123 17.32 10.97 6.73
C LYS A 123 18.42 10.12 6.14
N SER A 124 19.61 10.23 6.72
CA SER A 124 20.77 9.58 6.15
C SER A 124 20.73 8.06 6.26
N LYS A 125 20.17 7.53 7.35
CA LYS A 125 20.02 6.09 7.47
C LYS A 125 19.15 5.51 6.34
N VAL A 126 18.20 6.29 5.84
CA VAL A 126 17.33 5.79 4.77
C VAL A 126 18.10 5.81 3.44
N ILE A 127 18.86 6.88 3.19
CA ILE A 127 19.75 6.93 2.03
C ILE A 127 20.80 5.80 2.07
N MET A 139 16.17 -12.32 -6.51
CA MET A 139 16.63 -11.03 -7.01
C MET A 139 16.72 -11.04 -8.54
N GLY A 140 15.89 -11.86 -9.18
CA GLY A 140 15.83 -12.00 -10.63
C GLY A 140 14.48 -11.67 -11.25
N ASN A 141 14.26 -12.12 -12.48
CA ASN A 141 13.09 -11.75 -13.28
C ASN A 141 11.80 -12.56 -13.05
N LEU A 142 11.93 -13.87 -12.81
CA LEU A 142 10.79 -14.72 -12.42
C LEU A 142 10.13 -14.10 -11.19
N SER A 143 8.84 -14.30 -10.91
CA SER A 143 7.82 -15.13 -11.58
C SER A 143 6.79 -15.67 -10.52
N SER A 144 5.83 -16.48 -10.95
CA SER A 144 4.93 -17.16 -10.01
C SER A 144 5.52 -18.54 -9.66
N GLN A 145 6.75 -18.74 -10.12
CA GLN A 145 7.52 -19.94 -9.84
C GLN A 145 8.38 -19.74 -8.60
N GLN A 146 8.38 -18.53 -8.07
CA GLN A 146 9.01 -18.28 -6.79
C GLN A 146 8.33 -19.09 -5.72
N LEU A 147 7.04 -19.33 -5.91
CA LEU A 147 6.29 -20.20 -5.00
C LEU A 147 6.94 -21.59 -4.96
N ASP A 148 7.24 -22.16 -6.11
CA ASP A 148 7.92 -23.45 -6.14
C ASP A 148 9.38 -23.38 -5.64
N GLN A 149 10.09 -22.29 -5.96
CA GLN A 149 11.44 -22.08 -5.43
C GLN A 149 11.36 -22.24 -3.89
N ARG A 150 10.36 -21.61 -3.28
CA ARG A 150 10.22 -21.60 -1.82
C ARG A 150 10.04 -22.99 -1.25
N ARG A 151 9.05 -23.69 -1.78
CA ARG A 151 8.73 -25.06 -1.38
C ARG A 151 9.95 -25.94 -1.48
N ALA A 152 10.62 -25.93 -2.65
CA ALA A 152 11.83 -26.72 -2.88
C ALA A 152 12.97 -26.31 -1.92
N LEU A 153 13.19 -25.01 -1.76
CA LEU A 153 14.15 -24.55 -0.75
C LEU A 153 13.84 -25.09 0.64
N LEU A 154 12.58 -24.94 1.06
CA LEU A 154 12.13 -25.50 2.33
C LEU A 154 12.39 -27.01 2.34
N ASN A 155 12.04 -27.68 1.24
CA ASN A 155 12.30 -29.11 1.07
C ASN A 155 13.65 -29.47 1.70
N MET A 156 14.67 -28.64 1.49
CA MET A 156 15.93 -28.82 2.19
C MET A 156 16.11 -27.84 3.38
N VAL A 173 13.36 -15.08 4.52
CA VAL A 173 12.73 -14.73 3.23
C VAL A 173 12.77 -13.24 2.91
N VAL A 174 13.79 -12.77 2.19
CA VAL A 174 13.84 -11.37 1.76
C VAL A 174 12.72 -11.12 0.76
N ARG A 175 11.99 -10.02 0.96
CA ARG A 175 10.93 -9.61 0.02
C ARG A 175 11.18 -8.19 -0.55
N VAL A 176 11.10 -8.10 -1.89
CA VAL A 176 11.46 -6.91 -2.65
C VAL A 176 10.23 -6.18 -3.19
N TRP A 177 10.40 -4.92 -3.59
CA TRP A 177 9.36 -4.20 -4.34
C TRP A 177 9.88 -3.86 -5.73
N ASP A 178 9.03 -4.08 -6.73
CA ASP A 178 9.29 -3.59 -8.07
C ASP A 178 8.24 -2.52 -8.39
N VAL A 179 8.57 -1.27 -8.08
CA VAL A 179 7.59 -0.20 -8.24
C VAL A 179 8.15 0.99 -9.00
N LYS A 180 7.27 1.64 -9.76
CA LYS A 180 7.64 2.82 -10.52
C LYS A 180 8.10 3.96 -9.60
N ASN A 181 7.29 4.27 -8.60
CA ASN A 181 7.58 5.37 -7.68
C ASN A 181 7.49 4.90 -6.25
N ALA A 182 8.62 4.87 -5.56
CA ALA A 182 8.66 4.31 -4.22
C ALA A 182 8.20 5.28 -3.14
N GLU A 183 7.83 6.49 -3.55
CA GLU A 183 7.22 7.45 -2.64
C GLU A 183 5.92 6.85 -2.14
N LEU A 184 5.27 6.09 -3.01
CA LEU A 184 3.95 5.57 -2.72
C LEU A 184 3.94 4.47 -1.69
N LEU A 185 5.11 4.07 -1.22
CA LEU A 185 5.17 3.14 -0.12
C LEU A 185 5.10 3.90 1.19
N SER A 186 5.55 5.15 1.16
CA SER A 186 5.64 5.98 2.36
C SER A 186 4.29 6.09 3.07
N ASN A 187 4.24 5.65 4.33
CA ASN A 187 3.06 5.75 5.21
C ASN A 187 1.95 4.76 4.96
N GLN A 188 2.19 3.78 4.10
CA GLN A 188 1.16 2.77 3.80
C GLN A 188 1.31 1.50 4.64
N PHE A 189 2.39 1.41 5.41
CA PHE A 189 2.75 0.17 6.06
C PHE A 189 2.71 0.16 7.59
N GLY A 190 2.14 1.21 8.19
CA GLY A 190 2.09 1.32 9.64
C GLY A 190 1.09 0.40 10.32
N THR A 191 1.16 0.34 11.64
CA THR A 191 0.25 -0.49 12.40
C THR A 191 -0.69 0.37 13.21
N MET A 192 -1.93 -0.08 13.33
CA MET A 192 -2.99 0.72 13.93
C MET A 192 -3.85 -0.14 14.84
N PRO A 193 -3.89 0.19 16.15
CA PRO A 193 -4.60 -0.64 17.13
C PRO A 193 -6.03 -1.00 16.74
N SER A 194 -6.80 -0.02 16.26
CA SER A 194 -8.19 -0.27 15.93
C SER A 194 -8.31 -1.32 14.83
N LEU A 195 -7.35 -1.32 13.91
CA LEU A 195 -7.29 -2.30 12.83
C LEU A 195 -6.88 -3.66 13.35
N THR A 196 -5.92 -3.69 14.25
CA THR A 196 -5.48 -4.94 14.84
C THR A 196 -6.62 -5.63 15.58
N LEU A 197 -7.36 -4.84 16.34
CA LEU A 197 -8.51 -5.35 17.07
C LEU A 197 -9.52 -5.94 16.11
N ALA A 198 -9.85 -5.19 15.07
CA ALA A 198 -10.86 -5.63 14.13
C ALA A 198 -10.48 -6.96 13.47
N CYS A 199 -9.24 -7.07 13.02
CA CYS A 199 -8.81 -8.27 12.31
C CYS A 199 -8.69 -9.46 13.24
N LEU A 200 -8.19 -9.25 14.46
CA LEU A 200 -8.14 -10.30 15.46
C LEU A 200 -9.51 -10.84 15.71
N THR A 201 -10.48 -9.94 15.77
CA THR A 201 -11.86 -10.30 16.07
C THR A 201 -12.53 -11.07 14.94
N LYS A 202 -12.50 -10.55 13.70
CA LYS A 202 -13.17 -11.26 12.61
C LYS A 202 -12.43 -12.55 12.32
N GLN A 203 -11.12 -12.45 12.13
CA GLN A 203 -10.37 -13.64 11.74
C GLN A 203 -10.31 -14.70 12.85
N GLY A 204 -10.26 -14.27 14.10
CA GLY A 204 -10.23 -15.18 15.23
C GLY A 204 -11.60 -15.67 15.62
N GLN A 205 -12.62 -15.11 14.98
CA GLN A 205 -14.02 -15.46 15.30
C GLN A 205 -14.30 -15.44 16.79
N VAL A 206 -14.17 -14.27 17.40
CA VAL A 206 -14.50 -14.09 18.82
C VAL A 206 -15.24 -12.80 18.97
N ASP A 207 -15.58 -12.46 20.20
CA ASP A 207 -16.23 -11.20 20.52
C ASP A 207 -15.21 -10.08 20.58
N LEU A 208 -15.59 -8.90 20.10
CA LEU A 208 -14.70 -7.76 20.21
C LEU A 208 -14.15 -7.66 21.62
N ASN A 209 -14.99 -7.98 22.59
CA ASN A 209 -14.57 -7.94 23.98
C ASN A 209 -13.47 -8.95 24.35
N ASP A 210 -13.56 -10.16 23.82
CA ASP A 210 -12.53 -11.16 24.11
C ASP A 210 -11.17 -10.68 23.62
N ALA A 211 -11.15 -10.00 22.48
CA ALA A 211 -9.93 -9.43 21.96
C ALA A 211 -9.41 -8.34 22.85
N VAL A 212 -10.30 -7.48 23.31
CA VAL A 212 -9.91 -6.37 24.16
C VAL A 212 -9.30 -6.86 25.46
N GLN A 213 -9.89 -7.85 26.09
CA GLN A 213 -9.34 -8.33 27.34
C GLN A 213 -7.96 -8.98 27.14
N ALA A 214 -7.80 -9.78 26.08
CA ALA A 214 -6.53 -10.40 25.79
C ALA A 214 -5.45 -9.36 25.60
N LEU A 215 -5.71 -8.39 24.74
CA LEU A 215 -4.72 -7.36 24.48
C LEU A 215 -4.43 -6.52 25.71
N THR A 216 -5.40 -6.33 26.58
CA THR A 216 -5.16 -5.60 27.82
C THR A 216 -4.08 -6.27 28.67
N ASP A 217 -4.05 -7.59 28.69
CA ASP A 217 -3.04 -8.29 29.45
C ASP A 217 -1.64 -8.07 28.89
N LEU A 218 -1.50 -8.15 27.58
CA LEU A 218 -0.28 -7.73 26.93
C LEU A 218 0.10 -6.31 27.36
N GLY A 219 -0.89 -5.44 27.44
CA GLY A 219 -0.67 -4.05 27.79
C GLY A 219 -0.13 -3.85 29.18
N LEU A 220 -0.65 -4.61 30.14
CA LEU A 220 -0.14 -4.53 31.49
C LEU A 220 1.28 -5.04 31.59
N ILE A 221 1.56 -6.17 30.96
CA ILE A 221 2.92 -6.68 30.95
C ILE A 221 3.86 -5.62 30.42
N TYR A 222 3.41 -4.95 29.36
CA TYR A 222 4.20 -3.93 28.67
C TYR A 222 4.61 -2.76 29.56
N THR A 223 3.94 -2.59 30.68
CA THR A 223 4.29 -1.51 31.57
C THR A 223 5.53 -1.87 32.36
N ALA A 224 5.88 -3.16 32.36
CA ALA A 224 7.02 -3.64 33.14
C ALA A 224 8.19 -4.10 32.27
N LYS A 225 7.89 -4.75 31.15
CA LYS A 225 8.93 -5.24 30.25
C LYS A 225 8.43 -5.30 28.83
N TYR A 226 9.32 -5.48 27.88
CA TYR A 226 8.94 -5.72 26.49
C TYR A 226 8.40 -7.13 26.36
N PRO A 227 7.10 -7.28 26.10
CA PRO A 227 6.58 -8.64 25.97
C PRO A 227 7.27 -9.40 24.84
N ASN A 228 7.47 -10.69 24.99
CA ASN A 228 8.09 -11.49 23.95
C ASN A 228 7.32 -12.78 23.66
N THR A 229 7.89 -13.62 22.81
CA THR A 229 7.18 -14.77 22.31
C THR A 229 6.79 -15.78 23.36
N SER A 230 7.64 -15.96 24.35
CA SER A 230 7.35 -16.89 25.43
C SER A 230 6.21 -16.36 26.28
N ASP A 231 6.21 -15.06 26.55
CA ASP A 231 5.14 -14.42 27.31
C ASP A 231 3.83 -14.56 26.56
N LEU A 232 3.85 -14.26 25.28
CA LEU A 232 2.69 -14.47 24.44
C LEU A 232 2.18 -15.91 24.57
N ASP A 233 3.10 -16.89 24.52
CA ASP A 233 2.72 -18.29 24.61
C ASP A 233 2.10 -18.63 25.96
N ARG A 234 2.62 -18.04 27.03
CA ARG A 234 2.03 -18.28 28.35
C ARG A 234 0.69 -17.60 28.51
N LEU A 235 0.46 -16.54 27.77
CA LEU A 235 -0.80 -15.81 27.85
C LEU A 235 -1.89 -16.49 27.07
N THR A 236 -1.50 -17.30 26.09
CA THR A 236 -2.46 -17.99 25.25
C THR A 236 -3.37 -18.99 25.98
N GLN A 237 -2.94 -19.44 27.15
CA GLN A 237 -3.76 -20.35 27.95
C GLN A 237 -5.09 -19.73 28.31
N SER A 238 -5.03 -18.58 28.97
CA SER A 238 -6.23 -17.86 29.36
C SER A 238 -6.90 -17.10 28.22
N HIS A 239 -6.18 -16.93 27.11
CA HIS A 239 -6.66 -16.14 25.97
C HIS A 239 -6.40 -16.79 24.63
N PRO A 240 -7.24 -17.76 24.27
CA PRO A 240 -7.10 -18.55 23.05
C PRO A 240 -6.94 -17.65 21.83
N ILE A 241 -7.59 -16.48 21.84
CA ILE A 241 -7.56 -15.57 20.71
C ILE A 241 -6.14 -15.21 20.29
N LEU A 242 -5.22 -15.25 21.24
CA LEU A 242 -3.85 -14.87 20.97
C LEU A 242 -3.09 -15.88 20.11
N ASN A 243 -3.69 -17.04 19.88
CA ASN A 243 -3.11 -18.04 19.00
C ASN A 243 -2.98 -17.46 17.61
N MET A 244 -3.82 -16.46 17.34
CA MET A 244 -3.87 -15.84 16.03
C MET A 244 -2.58 -15.07 15.72
N ILE A 245 -1.93 -14.57 16.76
CA ILE A 245 -0.66 -13.89 16.62
C ILE A 245 0.41 -14.95 16.58
N ASP A 246 0.76 -15.37 15.37
CA ASP A 246 1.76 -16.42 15.19
C ASP A 246 3.12 -15.81 14.92
N THR A 247 3.99 -15.86 15.92
CA THR A 247 5.21 -15.10 15.87
C THR A 247 6.23 -15.74 14.95
N LYS A 248 5.99 -17.01 14.63
CA LYS A 248 6.85 -17.74 13.70
C LYS A 248 6.56 -17.26 12.27
N LYS A 249 5.30 -16.94 12.02
CA LYS A 249 4.85 -16.54 10.69
C LYS A 249 4.86 -15.01 10.48
N SER A 250 5.11 -14.23 11.53
CA SER A 250 5.12 -12.78 11.38
C SER A 250 6.43 -12.30 10.78
N SER A 251 6.45 -11.08 10.23
CA SER A 251 7.61 -10.63 9.47
C SER A 251 7.67 -9.10 9.26
N LEU A 252 8.77 -8.63 8.68
CA LEU A 252 9.00 -7.20 8.53
C LEU A 252 8.46 -6.61 7.24
N ASN A 253 7.89 -5.41 7.33
CA ASN A 253 7.29 -4.74 6.17
C ASN A 253 6.20 -5.52 5.43
N ILE A 254 5.23 -6.07 6.14
CA ILE A 254 4.11 -6.72 5.47
C ILE A 254 2.74 -6.13 5.86
N SER A 255 2.78 -4.91 6.40
CA SER A 255 1.59 -4.09 6.65
C SER A 255 0.78 -4.52 7.86
N GLY A 256 0.01 -3.59 8.39
CA GLY A 256 -0.74 -3.81 9.61
C GLY A 256 -1.95 -4.70 9.46
N TYR A 257 -2.12 -5.31 8.29
CA TYR A 257 -3.21 -6.25 8.13
C TYR A 257 -2.80 -7.66 8.57
N ASN A 258 -1.49 -7.92 8.56
CA ASN A 258 -0.95 -9.15 9.11
C ASN A 258 -0.62 -8.96 10.56
N PHE A 259 -0.79 -10.00 11.35
CA PHE A 259 -0.56 -9.93 12.79
C PHE A 259 0.91 -10.04 13.18
N SER A 260 1.22 -9.45 14.34
CA SER A 260 2.55 -9.48 14.92
C SER A 260 2.42 -9.18 16.40
N LEU A 261 3.44 -9.55 17.16
CA LEU A 261 3.40 -9.34 18.58
C LEU A 261 3.53 -7.85 18.87
N GLY A 262 4.31 -7.18 18.04
CA GLY A 262 4.60 -5.79 18.26
C GLY A 262 3.37 -4.95 18.10
N ALA A 263 2.59 -5.27 17.08
CA ALA A 263 1.37 -4.58 16.79
C ALA A 263 0.31 -4.88 17.84
N ALA A 264 0.35 -6.09 18.38
CA ALA A 264 -0.60 -6.48 19.40
C ALA A 264 -0.29 -5.75 20.69
N VAL A 265 0.99 -5.57 20.96
CA VAL A 265 1.41 -4.83 22.14
C VAL A 265 1.03 -3.36 22.01
N LYS A 266 1.15 -2.82 20.80
CA LYS A 266 0.80 -1.44 20.58
C LYS A 266 -0.66 -1.22 20.88
N ALA A 267 -1.47 -2.18 20.46
CA ALA A 267 -2.89 -2.13 20.72
C ALA A 267 -3.19 -2.28 22.21
N GLY A 268 -2.55 -3.23 22.87
CA GLY A 268 -2.79 -3.45 24.27
C GLY A 268 -2.48 -2.23 25.09
N ALA A 269 -1.52 -1.41 24.65
CA ALA A 269 -1.16 -0.18 25.34
C ALA A 269 -2.30 0.82 25.42
N CYS A 270 -3.16 0.80 24.41
CA CYS A 270 -4.31 1.69 24.36
C CYS A 270 -5.49 1.15 25.12
N MET A 271 -5.36 -0.05 25.65
CA MET A 271 -6.45 -0.68 26.36
C MET A 271 -6.49 -0.34 27.83
N LEU A 272 -5.39 0.14 28.40
CA LEU A 272 -5.39 0.57 29.79
C LEU A 272 -5.48 2.05 29.84
N ASP A 273 -6.44 2.56 30.60
CA ASP A 273 -6.60 4.01 30.69
C ASP A 273 -5.67 4.51 31.77
N GLY A 274 -4.38 4.41 31.46
CA GLY A 274 -3.31 4.84 32.34
C GLY A 274 -2.06 4.17 31.85
N GLY A 275 -1.02 4.20 32.65
CA GLY A 275 0.24 3.58 32.30
C GLY A 275 1.14 4.57 31.62
N ASN A 276 0.61 5.74 31.34
CA ASN A 276 1.38 6.74 30.64
C ASN A 276 2.09 6.14 29.45
N MET A 277 1.33 5.48 28.58
CA MET A 277 1.90 4.84 27.42
C MET A 277 2.14 5.87 26.32
N LEU A 278 3.29 5.79 25.69
CA LEU A 278 3.62 6.70 24.62
C LEU A 278 2.61 6.59 23.49
N GLU A 279 2.09 5.39 23.29
CA GLU A 279 1.16 5.14 22.22
C GLU A 279 -0.04 6.07 22.26
N THR A 280 -0.43 6.50 23.45
CA THR A 280 -1.63 7.31 23.61
C THR A 280 -1.36 8.80 23.58
N ILE A 281 -0.16 9.20 23.18
CA ILE A 281 0.19 10.60 23.06
C ILE A 281 -0.47 11.26 21.87
N LYS A 282 -1.07 12.43 22.08
CA LYS A 282 -1.59 13.22 20.99
C LYS A 282 -0.75 14.43 20.76
N VAL A 283 -0.47 14.72 19.49
CA VAL A 283 0.27 15.92 19.11
C VAL A 283 -0.62 16.94 18.37
N SER A 284 -0.46 18.22 18.71
CA SER A 284 -1.14 19.31 18.04
C SER A 284 -0.15 20.42 17.82
N PRO A 285 -0.47 21.39 16.97
CA PRO A 285 0.50 22.45 16.68
C PRO A 285 0.95 23.21 17.94
N GLN A 286 0.07 23.32 18.92
CA GLN A 286 0.37 24.00 20.15
C GLN A 286 1.27 23.17 21.01
N THR A 287 0.90 21.90 21.21
CA THR A 287 1.66 21.02 22.08
C THR A 287 2.95 20.44 21.47
N MET A 288 3.19 20.70 20.20
CA MET A 288 4.33 20.11 19.48
C MET A 288 5.68 20.43 20.11
N ASP A 289 5.97 21.71 20.35
CA ASP A 289 7.26 22.10 20.88
C ASP A 289 7.48 21.58 22.29
N GLY A 290 6.47 21.67 23.14
CA GLY A 290 6.57 21.16 24.48
C GLY A 290 6.97 19.70 24.53
N ILE A 291 6.43 18.92 23.60
CA ILE A 291 6.74 17.50 23.50
C ILE A 291 8.18 17.25 23.06
N LEU A 292 8.62 17.89 22.00
CA LEU A 292 10.02 17.79 21.57
C LEU A 292 10.97 18.21 22.69
N LYS A 293 10.68 19.32 23.36
CA LYS A 293 11.55 19.79 24.43
C LYS A 293 11.63 18.77 25.53
N SER A 294 10.50 18.18 25.90
CA SER A 294 10.50 17.16 26.93
C SER A 294 11.29 15.93 26.50
N ILE A 295 11.29 15.63 25.22
CA ILE A 295 12.05 14.50 24.73
C ILE A 295 13.54 14.80 24.79
N LEU A 296 13.92 15.99 24.35
CA LEU A 296 15.30 16.42 24.43
C LEU A 296 15.86 16.31 25.86
N LYS A 297 15.07 16.71 26.84
CA LYS A 297 15.45 16.60 28.24
C LYS A 297 15.77 15.17 28.66
N VAL A 298 15.00 14.21 28.18
CA VAL A 298 15.28 12.81 28.44
C VAL A 298 16.51 12.38 27.67
N LYS A 299 16.62 12.84 26.42
CA LYS A 299 17.75 12.48 25.58
C LYS A 299 19.04 12.85 26.27
N LYS A 300 19.10 14.06 26.81
CA LYS A 300 20.25 14.53 27.56
C LYS A 300 20.48 13.62 28.77
N ALA A 301 19.55 13.68 29.71
CA ALA A 301 19.58 12.85 30.91
C ALA A 301 20.04 11.39 30.72
N LEU A 302 19.54 10.70 29.71
CA LEU A 302 19.89 9.29 29.54
C LEU A 302 20.93 9.05 28.42
N GLY A 303 21.31 10.11 27.73
CA GLY A 303 22.28 10.01 26.65
C GLY A 303 21.78 9.24 25.44
N MET A 304 20.51 9.41 25.12
CA MET A 304 19.93 8.74 23.97
C MET A 304 20.49 9.28 22.67
N PHE A 305 20.35 8.51 21.60
CA PHE A 305 20.91 8.90 20.32
C PHE A 305 20.28 8.13 19.18
N ILE A 306 20.52 8.61 17.96
CA ILE A 306 20.07 7.90 16.76
C ILE A 306 21.11 6.86 16.38
N SER A 307 20.71 5.59 16.30
CA SER A 307 21.61 4.51 15.91
C SER A 307 22.11 4.70 14.48
N ASP A 308 23.13 3.92 14.12
CA ASP A 308 23.70 3.97 12.76
C ASP A 308 23.45 2.68 12.00
N THR A 309 23.73 1.57 12.68
CA THR A 309 23.34 0.25 12.19
C THR A 309 21.91 0.33 11.64
N PRO A 310 21.74 -0.03 10.37
CA PRO A 310 20.44 0.14 9.71
C PRO A 310 19.29 -0.67 10.33
N GLY A 311 19.58 -1.82 10.92
CA GLY A 311 18.52 -2.69 11.42
C GLY A 311 17.89 -2.24 12.74
N GLU A 312 18.72 -1.70 13.63
CA GLU A 312 18.25 -1.30 14.95
C GLU A 312 17.48 0.01 14.92
N ARG A 313 16.24 -0.03 15.39
CA ARG A 313 15.42 1.17 15.56
C ARG A 313 15.03 1.25 17.03
N ASN A 314 15.41 2.32 17.71
CA ASN A 314 15.30 2.42 19.15
C ASN A 314 14.26 3.42 19.62
N PRO A 315 13.92 3.37 20.91
CA PRO A 315 12.91 4.25 21.49
C PRO A 315 13.03 5.72 21.08
N TYR A 316 14.25 6.24 21.03
CA TYR A 316 14.46 7.63 20.72
C TYR A 316 14.15 7.94 19.27
N GLU A 317 14.76 7.23 18.33
CA GLU A 317 14.50 7.53 16.95
C GLU A 317 13.06 7.20 16.57
N ASN A 318 12.49 6.21 17.25
CA ASN A 318 11.08 5.90 17.03
C ASN A 318 10.18 7.08 17.37
N ILE A 319 10.26 7.60 18.59
CA ILE A 319 9.39 8.71 18.99
C ILE A 319 9.67 9.96 18.16
N LEU A 320 10.92 10.19 17.83
CA LEU A 320 11.29 11.36 17.05
C LEU A 320 10.73 11.33 15.65
N TYR A 321 10.96 10.26 14.89
CA TYR A 321 10.35 10.14 13.57
C TYR A 321 8.82 10.24 13.63
N LYS A 322 8.21 9.58 14.62
CA LYS A 322 6.77 9.51 14.71
C LYS A 322 6.12 10.85 15.00
N ILE A 323 6.71 11.60 15.92
CA ILE A 323 6.22 12.95 16.21
C ILE A 323 6.35 13.87 15.01
N CYS A 324 7.49 13.83 14.34
CA CYS A 324 7.81 14.81 13.34
C CYS A 324 7.14 14.59 12.01
N LEU A 325 6.41 13.49 11.88
CA LEU A 325 5.73 13.20 10.63
C LEU A 325 4.57 14.14 10.42
N SER A 326 3.94 14.54 11.51
CA SER A 326 2.85 15.50 11.45
C SER A 326 2.61 16.17 12.78
N GLY A 327 2.31 17.46 12.73
CA GLY A 327 2.02 18.23 13.92
C GLY A 327 0.57 18.16 14.35
N ASP A 328 -0.16 17.19 13.80
CA ASP A 328 -1.54 17.01 14.21
C ASP A 328 -2.01 15.57 14.02
N GLY A 329 -2.00 14.80 15.10
CA GLY A 329 -2.53 13.46 15.09
C GLY A 329 -2.18 12.68 16.32
N TRP A 330 -2.26 11.36 16.22
CA TRP A 330 -1.76 10.46 17.25
C TRP A 330 -0.60 9.72 16.63
N PRO A 331 0.61 10.19 16.89
CA PRO A 331 1.83 9.73 16.22
C PRO A 331 2.03 8.22 16.17
N TYR A 332 1.56 7.49 17.17
CA TYR A 332 1.80 6.05 17.26
C TYR A 332 0.67 5.21 16.70
N ILE A 333 -0.56 5.70 16.84
CA ILE A 333 -1.72 4.81 16.71
C ILE A 333 -2.79 5.25 15.75
N ALA A 334 -2.63 6.40 15.12
CA ALA A 334 -3.65 6.94 14.21
C ALA A 334 -3.56 6.33 12.84
N SER A 335 -4.49 6.71 11.99
CA SER A 335 -4.41 6.36 10.57
C SER A 335 -3.61 7.42 9.83
N ARG A 336 -2.45 7.01 9.37
CA ARG A 336 -1.52 7.96 8.77
C ARG A 336 -1.40 7.75 7.26
N THR A 337 -2.28 6.94 6.70
CA THR A 337 -2.17 6.56 5.28
C THR A 337 -2.40 7.75 4.33
N SER A 338 -3.02 8.80 4.85
CA SER A 338 -3.30 10.02 4.11
C SER A 338 -2.07 10.92 4.01
N ILE A 339 -1.12 10.76 4.93
CA ILE A 339 0.04 11.63 5.01
C ILE A 339 0.99 11.38 3.86
N THR A 340 1.56 12.45 3.32
CA THR A 340 2.61 12.33 2.31
C THR A 340 3.94 12.76 2.93
N GLY A 341 5.04 12.13 2.54
CA GLY A 341 6.36 12.58 2.95
C GLY A 341 6.87 11.93 4.20
N ARG A 342 8.11 12.23 4.57
CA ARG A 342 8.72 11.65 5.76
C ARG A 342 8.91 12.71 6.82
N ALA A 343 9.27 12.29 8.03
CA ALA A 343 9.43 13.21 9.14
C ALA A 343 10.37 14.40 8.84
N TRP A 344 11.46 14.13 8.14
CA TRP A 344 12.44 15.17 7.89
C TRP A 344 12.00 16.14 6.81
N GLU A 345 10.91 15.80 6.14
CA GLU A 345 10.31 16.69 5.16
C GLU A 345 9.15 17.49 5.75
N ASN A 346 8.46 16.91 6.70
CA ASN A 346 7.25 17.50 7.25
C ASN A 346 7.53 18.34 8.47
N THR A 347 8.73 18.23 9.02
CA THR A 347 9.16 19.08 10.11
C THR A 347 10.52 19.65 9.78
N VAL A 348 10.59 20.97 9.70
CA VAL A 348 11.83 21.67 9.40
C VAL A 348 12.24 22.61 10.50
N VAL A 349 13.54 22.82 10.65
CA VAL A 349 14.09 23.72 11.67
C VAL A 349 14.45 25.10 11.10
N ASP A 350 14.15 26.15 11.85
CA ASP A 350 14.45 27.51 11.42
C ASP A 350 15.39 28.21 12.40
N LEU A 351 16.67 28.25 12.06
CA LEU A 351 17.66 28.83 12.95
C LEU A 351 17.58 30.37 13.12
N GLU A 352 16.68 31.07 12.44
CA GLU A 352 16.44 32.46 12.86
C GLU A 352 15.21 32.62 13.75
N SER A 353 15.24 33.54 14.70
CA SER A 353 16.36 34.43 15.04
C SER A 353 17.57 34.51 14.11
N LYS C 21 -31.67 6.53 -22.21
CA LYS C 21 -31.78 7.97 -21.98
C LYS C 21 -32.01 8.29 -20.51
N SER C 22 -32.86 7.54 -19.81
CA SER C 22 -33.00 7.77 -18.38
C SER C 22 -31.63 7.69 -17.73
N PHE C 23 -30.94 6.58 -17.90
CA PHE C 23 -29.62 6.41 -17.29
C PHE C 23 -28.64 7.45 -17.76
N LEU C 24 -28.79 7.90 -18.99
CA LEU C 24 -27.95 8.97 -19.51
C LEU C 24 -28.15 10.25 -18.72
N TRP C 25 -29.40 10.58 -18.40
CA TRP C 25 -29.70 11.74 -17.56
C TRP C 25 -29.05 11.54 -16.21
N THR C 26 -29.30 10.38 -15.63
CA THR C 26 -28.79 10.06 -14.31
C THR C 26 -27.30 10.33 -14.28
N GLN C 27 -26.58 9.83 -15.28
CA GLN C 27 -25.13 9.97 -15.31
C GLN C 27 -24.61 11.36 -15.56
N SER C 28 -25.34 12.15 -16.33
CA SER C 28 -24.94 13.52 -16.62
C SER C 28 -25.10 14.34 -15.35
N LEU C 29 -26.14 14.03 -14.58
CA LEU C 29 -26.43 14.71 -13.34
C LEU C 29 -25.34 14.39 -12.33
N ARG C 30 -24.93 13.13 -12.29
CA ARG C 30 -23.87 12.68 -11.40
C ARG C 30 -22.59 13.46 -11.65
N ARG C 31 -22.20 13.58 -12.90
CA ARG C 31 -20.96 14.26 -13.23
C ARG C 31 -21.03 15.73 -12.87
N GLU C 32 -22.15 16.35 -13.18
CA GLU C 32 -22.33 17.77 -12.94
C GLU C 32 -22.40 18.09 -11.46
N LEU C 33 -23.09 17.24 -10.72
CA LEU C 33 -23.34 17.52 -9.31
C LEU C 33 -22.30 16.90 -8.35
N SER C 34 -21.31 16.21 -8.90
CA SER C 34 -20.29 15.52 -8.13
C SER C 34 -19.68 16.33 -7.00
N GLY C 35 -19.62 17.64 -7.19
CA GLY C 35 -19.03 18.50 -6.17
C GLY C 35 -19.81 18.51 -4.88
N TYR C 36 -21.10 18.20 -4.95
CA TYR C 36 -21.99 18.29 -3.79
C TYR C 36 -22.18 16.94 -3.14
N CYS C 37 -21.63 15.89 -3.75
CA CYS C 37 -21.73 14.55 -3.21
C CYS C 37 -20.70 14.38 -2.13
N SER C 38 -21.01 13.57 -1.13
CA SER C 38 -20.10 13.33 0.00
C SER C 38 -19.95 11.86 0.36
N ASN C 39 -18.97 11.53 1.19
CA ASN C 39 -18.78 10.15 1.66
C ASN C 39 -19.60 9.93 2.91
N ILE C 40 -20.60 9.06 2.86
CA ILE C 40 -21.50 8.91 3.99
C ILE C 40 -21.64 7.47 4.45
N LYS C 41 -20.79 6.58 3.93
CA LYS C 41 -20.83 5.18 4.34
C LYS C 41 -20.86 5.03 5.86
N LEU C 42 -19.92 5.68 6.52
CA LEU C 42 -19.82 5.75 7.97
C LEU C 42 -21.14 6.05 8.67
N GLN C 43 -21.73 7.21 8.37
CA GLN C 43 -22.97 7.59 9.01
C GLN C 43 -24.05 6.57 8.76
N VAL C 44 -24.25 6.20 7.52
CA VAL C 44 -25.30 5.27 7.16
C VAL C 44 -25.16 3.98 7.96
N VAL C 45 -23.94 3.47 8.07
CA VAL C 45 -23.69 2.27 8.86
C VAL C 45 -23.86 2.54 10.36
N LYS C 46 -23.36 3.67 10.84
CA LYS C 46 -23.61 4.04 12.23
C LYS C 46 -25.12 4.08 12.54
N ASP C 47 -25.90 4.68 11.66
CA ASP C 47 -27.34 4.81 11.83
C ASP C 47 -28.04 3.47 11.77
N ALA C 48 -27.58 2.58 10.89
CA ALA C 48 -28.10 1.23 10.82
C ALA C 48 -27.89 0.48 12.14
N GLN C 49 -26.74 0.67 12.75
CA GLN C 49 -26.45 0.07 14.04
C GLN C 49 -27.40 0.60 15.10
N ALA C 50 -27.63 1.91 15.11
CA ALA C 50 -28.55 2.50 16.06
C ALA C 50 -29.89 1.82 15.99
N LEU C 51 -30.39 1.60 14.78
CA LEU C 51 -31.70 1.00 14.59
C LEU C 51 -31.67 -0.44 15.09
N LEU C 52 -30.65 -1.17 14.68
CA LEU C 52 -30.50 -2.56 15.13
C LEU C 52 -30.55 -2.72 16.64
N HIS C 53 -30.08 -1.72 17.37
CA HIS C 53 -30.00 -1.85 18.81
C HIS C 53 -31.24 -1.29 19.47
N GLY C 54 -31.90 -0.32 18.83
CA GLY C 54 -32.91 0.46 19.52
C GLY C 54 -34.34 0.28 19.04
N LEU C 55 -34.51 -0.25 17.83
CA LEU C 55 -35.81 -0.33 17.20
C LEU C 55 -36.59 -1.56 17.67
N ASP C 56 -37.90 -1.45 17.70
CA ASP C 56 -38.75 -2.62 17.96
C ASP C 56 -39.04 -3.37 16.66
N PHE C 57 -38.25 -4.39 16.37
CA PHE C 57 -38.41 -5.11 15.11
C PHE C 57 -39.69 -5.96 15.06
N SER C 58 -40.32 -6.07 16.22
CA SER C 58 -41.62 -6.71 16.30
C SER C 58 -42.64 -5.79 15.64
N GLU C 59 -42.67 -4.52 16.05
CA GLU C 59 -43.54 -3.57 15.39
C GLU C 59 -43.16 -3.41 13.90
N VAL C 60 -41.89 -3.52 13.57
CA VAL C 60 -41.49 -3.42 12.17
C VAL C 60 -42.24 -4.47 11.39
N SER C 61 -42.29 -5.70 11.91
CA SER C 61 -43.01 -6.79 11.23
C SER C 61 -44.48 -6.43 10.99
N ASN C 62 -45.11 -5.86 12.00
CA ASN C 62 -46.51 -5.50 11.90
C ASN C 62 -46.72 -4.45 10.84
N VAL C 63 -45.96 -3.37 10.93
CA VAL C 63 -46.15 -2.29 9.98
C VAL C 63 -45.90 -2.79 8.57
N GLN C 64 -44.97 -3.72 8.40
CA GLN C 64 -44.71 -4.31 7.10
C GLN C 64 -45.99 -4.90 6.56
N ARG C 65 -46.66 -5.70 7.38
CA ARG C 65 -47.94 -6.34 7.05
C ARG C 65 -49.07 -5.35 6.85
N LEU C 66 -49.32 -4.53 7.84
CA LEU C 66 -50.29 -3.46 7.69
C LEU C 66 -50.15 -2.73 6.35
N MET C 67 -48.93 -2.47 5.92
CA MET C 67 -48.76 -1.67 4.72
C MET C 67 -49.16 -2.46 3.47
N ARG C 68 -49.23 -3.79 3.60
CA ARG C 68 -49.49 -4.62 2.44
C ARG C 68 -50.98 -4.87 2.14
N LYS C 69 -51.83 -4.66 3.16
CA LYS C 69 -53.29 -4.72 2.98
C LYS C 69 -53.76 -3.80 1.84
N GLU C 70 -54.82 -4.19 1.12
CA GLU C 70 -55.35 -3.30 0.07
C GLU C 70 -56.24 -2.26 0.71
N ARG C 71 -56.89 -2.66 1.78
CA ARG C 71 -57.81 -1.80 2.50
C ARG C 71 -57.14 -1.19 3.74
N ARG C 72 -56.50 -0.03 3.55
CA ARG C 72 -55.75 0.61 4.64
C ARG C 72 -56.46 1.86 5.17
N ASP C 73 -56.57 1.95 6.48
CA ASP C 73 -57.30 3.04 7.13
C ASP C 73 -56.40 3.94 8.00
N ASP C 74 -57.00 4.82 8.78
CA ASP C 74 -56.24 5.72 9.63
C ASP C 74 -55.50 5.02 10.76
N ASN C 75 -56.01 3.88 11.20
CA ASN C 75 -55.37 3.15 12.28
C ASN C 75 -54.05 2.57 11.79
N ASP C 76 -54.04 2.14 10.53
CA ASP C 76 -52.83 1.64 9.92
C ASP C 76 -51.85 2.79 9.69
N LEU C 77 -52.35 3.93 9.24
CA LEU C 77 -51.49 5.06 9.01
C LEU C 77 -50.84 5.59 10.30
N LYS C 78 -51.58 5.62 11.41
CA LYS C 78 -51.01 6.12 12.68
C LYS C 78 -49.92 5.17 13.12
N ARG C 79 -50.14 3.89 12.86
CA ARG C 79 -49.16 2.88 13.18
C ARG C 79 -47.85 3.19 12.43
N LEU C 80 -47.95 3.44 11.12
CA LEU C 80 -46.78 3.74 10.29
C LEU C 80 -46.07 4.99 10.77
N ARG C 81 -46.81 6.07 10.99
CA ARG C 81 -46.19 7.33 11.38
C ARG C 81 -45.49 7.22 12.74
N ASP C 82 -46.06 6.43 13.65
CA ASP C 82 -45.45 6.25 14.97
C ASP C 82 -44.10 5.55 14.84
N LEU C 83 -44.08 4.46 14.10
CA LEU C 83 -42.83 3.77 13.80
C LEU C 83 -41.84 4.76 13.17
N ASN C 84 -42.30 5.53 12.21
CA ASN C 84 -41.44 6.49 11.54
C ASN C 84 -40.77 7.40 12.54
N GLN C 85 -41.50 7.77 13.58
CA GLN C 85 -40.96 8.74 14.53
C GLN C 85 -39.92 8.07 15.39
N ALA C 86 -40.12 6.78 15.65
CA ALA C 86 -39.17 6.00 16.42
C ALA C 86 -37.86 6.00 15.71
N VAL C 87 -37.93 5.78 14.38
CA VAL C 87 -36.77 5.71 13.50
C VAL C 87 -36.12 7.08 13.37
N ASN C 88 -36.93 8.12 13.28
CA ASN C 88 -36.39 9.46 13.20
C ASN C 88 -35.54 9.77 14.42
N ASN C 89 -35.87 9.14 15.53
CA ASN C 89 -35.16 9.39 16.78
C ASN C 89 -33.85 8.69 16.95
N LEU C 90 -33.64 7.64 16.18
CA LEU C 90 -32.42 6.89 16.35
C LEU C 90 -31.33 7.29 15.35
N VAL C 91 -31.69 8.07 14.33
CA VAL C 91 -30.76 8.35 13.24
C VAL C 91 -30.30 9.80 13.16
N GLU C 92 -29.09 9.99 12.62
CA GLU C 92 -28.46 11.31 12.54
C GLU C 92 -28.70 11.97 11.20
N LEU C 93 -28.76 11.18 10.14
CA LEU C 93 -29.03 11.69 8.82
C LEU C 93 -30.51 12.04 8.65
N LYS C 94 -30.87 13.28 9.00
CA LYS C 94 -32.25 13.74 8.87
C LYS C 94 -32.33 14.94 7.95
N SER C 95 -33.52 15.19 7.41
CA SER C 95 -33.82 16.45 6.76
C SER C 95 -34.69 17.18 7.75
N THR C 96 -34.56 18.50 7.78
CA THR C 96 -35.39 19.33 8.66
C THR C 96 -36.26 20.28 7.86
N GLN C 97 -37.35 20.75 8.47
CA GLN C 97 -38.24 21.66 7.77
C GLN C 97 -37.48 22.94 7.48
N GLN C 98 -37.35 23.23 6.19
CA GLN C 98 -36.61 24.41 5.76
C GLN C 98 -37.23 24.96 4.50
N LYS C 99 -38.10 25.95 4.66
CA LYS C 99 -38.70 26.64 3.53
C LYS C 99 -37.64 27.39 2.71
N SER C 100 -37.77 27.36 1.39
CA SER C 100 -36.82 28.02 0.52
C SER C 100 -37.53 29.01 -0.40
N ILE C 101 -36.99 30.22 -0.52
CA ILE C 101 -37.47 31.17 -1.50
C ILE C 101 -36.38 31.43 -2.53
N LEU C 102 -36.69 31.18 -3.79
CA LEU C 102 -35.69 31.29 -4.84
C LEU C 102 -35.72 32.67 -5.48
N ARG C 103 -34.59 33.36 -5.48
CA ARG C 103 -34.52 34.71 -6.01
C ARG C 103 -33.41 34.89 -7.00
N VAL C 104 -33.49 35.98 -7.76
CA VAL C 104 -32.46 36.29 -8.72
C VAL C 104 -31.18 36.55 -7.99
N GLY C 105 -30.26 35.59 -8.05
CA GLY C 105 -28.99 35.66 -7.38
C GLY C 105 -28.01 34.89 -8.22
N THR C 106 -27.44 33.82 -7.65
CA THR C 106 -26.61 32.97 -8.48
C THR C 106 -27.53 32.29 -9.50
N LEU C 107 -28.83 32.44 -9.29
CA LEU C 107 -29.85 31.99 -10.24
C LEU C 107 -30.35 33.12 -11.14
N THR C 108 -30.29 32.93 -12.45
CA THR C 108 -30.78 33.92 -13.40
C THR C 108 -32.27 34.09 -13.29
N SER C 109 -32.82 35.04 -14.02
CA SER C 109 -34.26 35.28 -13.97
C SER C 109 -34.98 34.33 -14.89
N ASP C 110 -34.26 33.83 -15.90
CA ASP C 110 -34.81 32.81 -16.78
C ASP C 110 -34.91 31.51 -16.03
N ASP C 111 -33.89 31.22 -15.25
CA ASP C 111 -33.88 30.04 -14.41
C ASP C 111 -35.07 30.01 -13.47
N LEU C 112 -35.36 31.13 -12.82
CA LEU C 112 -36.53 31.20 -11.96
C LEU C 112 -37.81 30.87 -12.70
N LEU C 113 -37.91 31.29 -13.95
CA LEU C 113 -39.08 30.96 -14.77
C LEU C 113 -39.21 29.47 -15.03
N ILE C 114 -38.13 28.83 -15.47
CA ILE C 114 -38.09 27.39 -15.66
C ILE C 114 -38.46 26.66 -14.39
N LEU C 115 -37.83 27.02 -13.29
CA LEU C 115 -38.10 26.35 -12.01
C LEU C 115 -39.56 26.53 -11.58
N ALA C 116 -40.05 27.75 -11.70
CA ALA C 116 -41.41 28.08 -11.32
C ALA C 116 -42.41 27.27 -12.12
N ALA C 117 -42.10 27.08 -13.40
CA ALA C 117 -42.93 26.28 -14.29
C ALA C 117 -42.87 24.79 -13.99
N ASP C 118 -41.65 24.28 -13.82
CA ASP C 118 -41.45 22.88 -13.55
C ASP C 118 -42.01 22.45 -12.20
N LEU C 119 -41.94 23.33 -11.21
CA LEU C 119 -42.56 23.04 -9.93
C LEU C 119 -44.07 22.91 -10.12
N GLU C 120 -44.63 23.77 -10.96
CA GLU C 120 -46.06 23.73 -11.24
C GLU C 120 -46.43 22.42 -11.92
N LYS C 121 -45.64 22.02 -12.91
CA LYS C 121 -45.80 20.72 -13.57
C LYS C 121 -45.90 19.58 -12.57
N LEU C 122 -45.00 19.56 -11.59
CA LEU C 122 -45.03 18.54 -10.56
C LEU C 122 -46.36 18.57 -9.83
N LYS C 123 -46.75 19.75 -9.38
CA LYS C 123 -48.00 19.91 -8.65
C LYS C 123 -49.16 19.33 -9.45
N SER C 124 -49.22 19.67 -10.73
CA SER C 124 -50.36 19.31 -11.55
C SER C 124 -50.51 17.80 -11.77
N LYS C 125 -49.40 17.09 -11.90
CA LYS C 125 -49.48 15.64 -12.05
C LYS C 125 -50.12 14.98 -10.83
N VAL C 126 -49.96 15.58 -9.65
CA VAL C 126 -50.56 15.00 -8.46
C VAL C 126 -52.08 15.31 -8.43
N ILE C 127 -52.47 16.52 -8.85
CA ILE C 127 -53.88 16.84 -8.99
C ILE C 127 -54.59 15.92 -10.02
N ARG C 128 -54.05 15.78 -11.23
CA ARG C 128 -54.61 14.80 -12.19
C ARG C 128 -54.73 13.39 -11.58
N GLY C 140 -64.79 2.56 -3.66
CA GLY C 140 -64.59 2.18 -2.26
C GLY C 140 -65.71 1.23 -1.78
N ASN C 141 -65.54 0.65 -0.58
CA ASN C 141 -66.52 -0.26 0.01
C ASN C 141 -66.06 -0.85 1.35
N LEU C 142 -67.01 -1.26 2.20
CA LEU C 142 -66.69 -1.85 3.51
C LEU C 142 -67.28 -3.28 3.70
N SER C 143 -66.45 -4.31 3.48
CA SER C 143 -66.90 -5.71 3.58
C SER C 143 -65.77 -6.69 3.97
N SER C 144 -66.04 -8.01 3.97
CA SER C 144 -65.10 -8.98 4.58
C SER C 144 -64.84 -10.28 3.79
N GLN C 145 -65.45 -11.36 4.29
CA GLN C 145 -65.42 -12.64 3.61
C GLN C 145 -66.33 -12.52 2.42
N GLN C 146 -67.28 -11.60 2.57
CA GLN C 146 -68.15 -11.17 1.49
C GLN C 146 -67.34 -10.50 0.40
N LEU C 147 -66.57 -9.48 0.81
CA LEU C 147 -65.64 -8.83 -0.13
C LEU C 147 -64.85 -9.89 -0.90
N ASP C 148 -64.32 -10.85 -0.16
CA ASP C 148 -63.70 -11.99 -0.73
C ASP C 148 -64.54 -12.69 -1.83
N GLN C 149 -65.57 -13.41 -1.39
CA GLN C 149 -66.42 -14.23 -2.27
C GLN C 149 -67.15 -13.43 -3.34
N ARG C 150 -67.01 -12.11 -3.23
CA ARG C 150 -67.51 -11.18 -4.24
C ARG C 150 -66.53 -11.02 -5.38
N ARG C 151 -65.25 -10.88 -5.04
CA ARG C 151 -64.21 -10.78 -6.07
C ARG C 151 -64.41 -11.94 -7.05
N ALA C 152 -64.81 -13.08 -6.51
CA ALA C 152 -65.06 -14.27 -7.31
C ALA C 152 -66.29 -14.11 -8.20
N LEU C 153 -67.30 -13.38 -7.71
CA LEU C 153 -68.55 -13.22 -8.47
C LEU C 153 -68.38 -12.35 -9.72
N LEU C 154 -67.64 -11.26 -9.60
CA LEU C 154 -67.38 -10.40 -10.75
C LEU C 154 -66.68 -11.20 -11.86
N ASN C 155 -65.75 -12.05 -11.46
CA ASN C 155 -65.03 -12.92 -12.40
C ASN C 155 -65.66 -14.32 -12.44
N VAL C 176 -55.27 0.85 -1.55
CA VAL C 176 -56.27 1.91 -1.38
C VAL C 176 -56.31 2.44 0.07
N TRP C 177 -56.41 3.76 0.22
CA TRP C 177 -56.33 4.41 1.55
C TRP C 177 -57.60 5.15 1.98
N ASP C 178 -58.28 4.64 3.00
CA ASP C 178 -59.47 5.28 3.55
C ASP C 178 -59.09 6.13 4.76
N VAL C 179 -58.74 7.38 4.50
CA VAL C 179 -58.24 8.27 5.55
C VAL C 179 -58.96 9.62 5.62
N LYS C 180 -59.08 10.14 6.83
CA LYS C 180 -59.71 11.43 7.07
C LYS C 180 -58.95 12.54 6.39
N ASN C 181 -57.65 12.61 6.64
CA ASN C 181 -56.81 13.66 6.07
C ASN C 181 -55.58 13.08 5.37
N ALA C 182 -55.51 13.25 4.06
CA ALA C 182 -54.49 12.59 3.25
C ALA C 182 -53.16 13.36 3.24
N GLU C 183 -53.14 14.50 3.91
CA GLU C 183 -51.89 15.22 4.11
C GLU C 183 -50.96 14.32 4.91
N LEU C 184 -51.54 13.55 5.81
CA LEU C 184 -50.76 12.72 6.73
C LEU C 184 -50.07 11.54 6.05
N LEU C 185 -50.30 11.34 4.77
CA LEU C 185 -49.52 10.36 4.03
C LEU C 185 -48.22 11.00 3.56
N SER C 186 -48.25 12.31 3.33
CA SER C 186 -47.10 13.02 2.79
C SER C 186 -45.82 12.79 3.62
N ASN C 187 -44.80 12.21 3.00
CA ASN C 187 -43.46 12.04 3.59
C ASN C 187 -43.29 10.87 4.53
N GLN C 188 -44.29 10.03 4.63
CA GLN C 188 -44.22 8.88 5.52
C GLN C 188 -43.81 7.62 4.78
N PHE C 189 -43.67 7.72 3.46
CA PHE C 189 -43.51 6.53 2.62
C PHE C 189 -42.16 6.37 1.92
N GLY C 190 -41.21 7.25 2.25
CA GLY C 190 -39.90 7.22 1.62
C GLY C 190 -39.02 6.03 1.99
N THR C 191 -37.92 5.85 1.25
CA THR C 191 -36.97 4.80 1.54
C THR C 191 -35.67 5.39 2.04
N MET C 192 -35.05 4.69 2.98
CA MET C 192 -33.90 5.22 3.71
C MET C 192 -32.85 4.11 3.87
N PRO C 193 -31.64 4.33 3.32
CA PRO C 193 -30.59 3.31 3.35
C PRO C 193 -30.35 2.71 4.70
N SER C 194 -30.19 3.53 5.73
CA SER C 194 -29.89 3.02 7.06
C SER C 194 -30.99 2.08 7.56
N LEU C 195 -32.23 2.36 7.19
CA LEU C 195 -33.35 1.49 7.54
C LEU C 195 -33.36 0.20 6.73
N THR C 196 -33.06 0.27 5.46
CA THR C 196 -32.95 -0.91 4.62
C THR C 196 -31.89 -1.87 5.15
N LEU C 197 -30.74 -1.33 5.50
CA LEU C 197 -29.65 -2.09 6.07
C LEU C 197 -30.11 -2.81 7.32
N ALA C 198 -30.69 -2.05 8.24
CA ALA C 198 -31.11 -2.59 9.52
C ALA C 198 -32.10 -3.75 9.34
N CYS C 199 -33.10 -3.57 8.48
CA CYS C 199 -34.11 -4.61 8.29
C CYS C 199 -33.55 -5.82 7.55
N LEU C 200 -32.69 -5.59 6.56
CA LEU C 200 -32.04 -6.70 5.89
C LEU C 200 -31.28 -7.53 6.90
N THR C 201 -30.63 -6.86 7.83
CA THR C 201 -29.75 -7.53 8.78
C THR C 201 -30.54 -8.33 9.80
N LYS C 202 -31.52 -7.71 10.49
CA LYS C 202 -32.32 -8.44 11.49
C LYS C 202 -33.14 -9.54 10.83
N GLN C 203 -33.89 -9.19 9.81
CA GLN C 203 -34.79 -10.15 9.18
C GLN C 203 -34.05 -11.25 8.42
N GLY C 204 -32.94 -10.92 7.79
CA GLY C 204 -32.13 -11.93 7.12
C GLY C 204 -31.22 -12.71 8.05
N GLN C 205 -31.16 -12.29 9.31
CA GLN C 205 -30.30 -12.92 10.31
C GLN C 205 -28.87 -13.09 9.81
N VAL C 206 -28.21 -11.96 9.57
CA VAL C 206 -26.80 -11.97 9.15
C VAL C 206 -26.08 -10.87 9.91
N ASP C 207 -24.79 -10.73 9.62
CA ASP C 207 -23.98 -9.64 10.18
C ASP C 207 -24.21 -8.34 9.43
N LEU C 208 -24.33 -7.24 10.16
CA LEU C 208 -24.45 -5.96 9.48
C LEU C 208 -23.46 -5.90 8.35
N ASN C 209 -22.28 -6.46 8.55
CA ASN C 209 -21.26 -6.45 7.51
C ASN C 209 -21.64 -7.20 6.25
N ASP C 210 -22.26 -8.36 6.39
CA ASP C 210 -22.65 -9.17 5.23
C ASP C 210 -23.62 -8.39 4.34
N ALA C 211 -24.52 -7.67 4.99
CA ALA C 211 -25.45 -6.81 4.29
C ALA C 211 -24.71 -5.69 3.54
N VAL C 212 -23.78 -5.04 4.21
CA VAL C 212 -23.03 -3.95 3.60
C VAL C 212 -22.30 -4.41 2.34
N GLN C 213 -21.64 -5.55 2.42
CA GLN C 213 -20.89 -6.05 1.27
C GLN C 213 -21.81 -6.39 0.10
N ALA C 214 -22.92 -7.04 0.40
CA ALA C 214 -23.90 -7.38 -0.63
C ALA C 214 -24.40 -6.12 -1.34
N LEU C 215 -24.84 -5.12 -0.57
CA LEU C 215 -25.36 -3.88 -1.14
C LEU C 215 -24.30 -3.08 -1.88
N THR C 216 -23.04 -3.24 -1.49
CA THR C 216 -21.97 -2.54 -2.17
C THR C 216 -21.85 -3.03 -3.60
N ASP C 217 -22.07 -4.32 -3.80
CA ASP C 217 -22.00 -4.87 -5.14
C ASP C 217 -23.09 -4.29 -6.03
N LEU C 218 -24.31 -4.25 -5.52
CA LEU C 218 -25.40 -3.53 -6.16
C LEU C 218 -24.99 -2.11 -6.51
N GLY C 219 -24.31 -1.45 -5.59
CA GLY C 219 -23.89 -0.10 -5.79
C GLY C 219 -22.91 0.05 -6.92
N LEU C 220 -21.98 -0.89 -7.05
CA LEU C 220 -20.98 -0.78 -8.11
C LEU C 220 -21.63 -0.97 -9.47
N ILE C 221 -22.51 -1.97 -9.57
CA ILE C 221 -23.27 -2.19 -10.79
C ILE C 221 -23.99 -0.90 -11.19
N TYR C 222 -24.59 -0.26 -10.20
CA TYR C 222 -25.39 0.92 -10.40
C TYR C 222 -24.63 2.09 -10.99
N THR C 223 -23.31 2.03 -10.97
CA THR C 223 -22.51 3.09 -11.56
C THR C 223 -22.45 2.92 -13.07
N ALA C 224 -22.83 1.73 -13.54
CA ALA C 224 -22.78 1.44 -14.96
C ALA C 224 -24.16 1.32 -15.60
N LYS C 225 -25.11 0.71 -14.89
CA LYS C 225 -26.46 0.51 -15.41
C LYS C 225 -27.47 0.48 -14.28
N TYR C 226 -28.74 0.54 -14.62
CA TYR C 226 -29.77 0.35 -13.61
C TYR C 226 -29.85 -1.15 -13.30
N PRO C 227 -29.51 -1.53 -12.07
CA PRO C 227 -29.62 -2.94 -11.71
C PRO C 227 -31.05 -3.45 -11.83
N ASN C 228 -31.24 -4.69 -12.29
CA ASN C 228 -32.57 -5.24 -12.43
C ASN C 228 -32.69 -6.63 -11.81
N THR C 229 -33.85 -7.26 -11.98
CA THR C 229 -34.14 -8.51 -11.28
C THR C 229 -33.21 -9.67 -11.63
N SER C 230 -32.78 -9.73 -12.88
CA SER C 230 -31.87 -10.79 -13.29
C SER C 230 -30.52 -10.58 -12.63
N ASP C 231 -30.05 -9.34 -12.62
CA ASP C 231 -28.79 -9.00 -11.97
C ASP C 231 -28.87 -9.35 -10.49
N LEU C 232 -29.95 -8.96 -9.84
CA LEU C 232 -30.15 -9.31 -8.46
C LEU C 232 -30.04 -10.83 -8.28
N ASP C 233 -30.65 -11.58 -9.17
CA ASP C 233 -30.59 -13.05 -9.11
C ASP C 233 -29.17 -13.65 -9.27
N ARG C 234 -28.36 -13.11 -10.19
CA ARG C 234 -26.95 -13.53 -10.38
C ARG C 234 -26.08 -13.11 -9.21
N LEU C 235 -26.48 -12.05 -8.52
CA LEU C 235 -25.74 -11.60 -7.35
C LEU C 235 -26.01 -12.46 -6.12
N THR C 236 -27.18 -13.11 -6.11
CA THR C 236 -27.61 -13.90 -4.96
C THR C 236 -26.73 -15.11 -4.67
N GLN C 237 -25.97 -15.56 -5.65
CA GLN C 237 -25.04 -16.67 -5.47
C GLN C 237 -23.97 -16.37 -4.42
N SER C 238 -23.23 -15.29 -4.65
CA SER C 238 -22.20 -14.84 -3.71
C SER C 238 -22.79 -14.17 -2.46
N HIS C 239 -24.05 -13.75 -2.52
CA HIS C 239 -24.67 -12.98 -1.46
C HIS C 239 -26.08 -13.48 -1.11
N PRO C 240 -26.13 -14.54 -0.31
CA PRO C 240 -27.39 -15.17 0.10
C PRO C 240 -28.36 -14.15 0.69
N ILE C 241 -27.86 -13.16 1.40
CA ILE C 241 -28.71 -12.20 2.09
C ILE C 241 -29.68 -11.53 1.11
N LEU C 242 -29.29 -11.44 -0.16
CA LEU C 242 -30.11 -10.77 -1.16
C LEU C 242 -31.39 -11.53 -1.52
N ASN C 243 -31.49 -12.77 -1.06
CA ASN C 243 -32.70 -13.53 -1.27
C ASN C 243 -33.86 -12.84 -0.58
N MET C 244 -33.53 -11.99 0.37
CA MET C 244 -34.53 -11.30 1.16
C MET C 244 -35.26 -10.27 0.33
N ILE C 245 -34.57 -9.74 -0.67
CA ILE C 245 -35.18 -8.80 -1.59
C ILE C 245 -35.90 -9.62 -2.65
N ASP C 246 -37.18 -9.88 -2.39
CA ASP C 246 -38.00 -10.65 -3.32
C ASP C 246 -38.77 -9.74 -4.26
N THR C 247 -38.30 -9.68 -5.50
CA THR C 247 -38.81 -8.71 -6.45
C THR C 247 -40.22 -9.08 -6.95
N LYS C 248 -40.56 -10.37 -6.89
CA LYS C 248 -41.91 -10.81 -7.19
C LYS C 248 -42.90 -10.27 -6.15
N LYS C 249 -42.49 -10.18 -4.89
CA LYS C 249 -43.38 -9.79 -3.81
C LYS C 249 -43.29 -8.28 -3.46
N SER C 250 -42.40 -7.54 -4.12
CA SER C 250 -42.26 -6.11 -3.83
C SER C 250 -43.31 -5.31 -4.59
N SER C 251 -43.61 -4.09 -4.13
CA SER C 251 -44.74 -3.35 -4.69
C SER C 251 -44.67 -1.84 -4.44
N LEU C 252 -45.59 -1.09 -5.05
CA LEU C 252 -45.60 0.36 -4.97
C LEU C 252 -46.35 0.92 -3.76
N ASN C 253 -45.82 1.99 -3.18
CA ASN C 253 -46.40 2.61 -2.00
C ASN C 253 -46.68 1.68 -0.80
N ILE C 254 -45.72 0.86 -0.40
CA ILE C 254 -45.89 0.07 0.83
C ILE C 254 -44.78 0.35 1.87
N SER C 255 -44.17 1.53 1.76
CA SER C 255 -43.23 2.04 2.77
C SER C 255 -41.85 1.37 2.78
N GLY C 256 -40.88 2.09 3.33
CA GLY C 256 -39.50 1.64 3.34
C GLY C 256 -39.21 0.49 4.29
N TYR C 257 -40.22 -0.02 4.98
CA TYR C 257 -40.01 -1.17 5.85
C TYR C 257 -40.06 -2.46 5.06
N ASN C 258 -40.74 -2.46 3.93
CA ASN C 258 -40.74 -3.61 3.04
C ASN C 258 -39.63 -3.46 2.03
N PHE C 259 -39.06 -4.59 1.62
CA PHE C 259 -37.90 -4.60 0.73
C PHE C 259 -38.26 -4.43 -0.72
N SER C 260 -37.31 -3.89 -1.48
CA SER C 260 -37.44 -3.71 -2.92
C SER C 260 -36.04 -3.56 -3.49
N LEU C 261 -35.90 -3.81 -4.80
CA LEU C 261 -34.61 -3.69 -5.44
C LEU C 261 -34.19 -2.25 -5.52
N GLY C 262 -35.15 -1.37 -5.71
CA GLY C 262 -34.84 0.03 -5.84
C GLY C 262 -34.26 0.61 -4.57
N ALA C 263 -34.86 0.25 -3.44
CA ALA C 263 -34.41 0.74 -2.16
C ALA C 263 -33.04 0.13 -1.82
N ALA C 264 -32.81 -1.11 -2.25
CA ALA C 264 -31.55 -1.76 -2.00
C ALA C 264 -30.48 -1.06 -2.80
N VAL C 265 -30.83 -0.65 -4.01
CA VAL C 265 -29.88 0.02 -4.88
C VAL C 265 -29.55 1.40 -4.33
N LYS C 266 -30.55 2.05 -3.74
CA LYS C 266 -30.33 3.37 -3.14
C LYS C 266 -29.33 3.25 -2.00
N ALA C 267 -29.47 2.18 -1.20
CA ALA C 267 -28.55 1.92 -0.10
C ALA C 267 -27.14 1.60 -0.60
N GLY C 268 -27.03 0.72 -1.58
CA GLY C 268 -25.75 0.33 -2.12
C GLY C 268 -24.97 1.52 -2.66
N ALA C 269 -25.68 2.54 -3.12
CA ALA C 269 -25.02 3.72 -3.66
C ALA C 269 -24.24 4.44 -2.57
N CYS C 270 -24.75 4.37 -1.33
CA CYS C 270 -24.10 5.04 -0.19
C CYS C 270 -22.95 4.23 0.39
N MET C 271 -22.77 3.03 -0.13
CA MET C 271 -21.76 2.10 0.36
C MET C 271 -20.42 2.31 -0.30
N LEU C 272 -20.37 2.99 -1.43
CA LEU C 272 -19.09 3.28 -2.08
C LEU C 272 -18.76 4.74 -1.83
N ASP C 273 -17.57 4.98 -1.30
CA ASP C 273 -17.17 6.35 -1.02
C ASP C 273 -16.59 6.95 -2.30
N GLY C 274 -17.48 7.16 -3.24
CA GLY C 274 -17.15 7.69 -4.55
C GLY C 274 -18.27 7.30 -5.48
N GLY C 275 -18.03 7.44 -6.78
CA GLY C 275 -19.05 7.15 -7.76
C GLY C 275 -19.89 8.38 -8.04
N ASN C 276 -19.70 9.43 -7.27
CA ASN C 276 -20.49 10.62 -7.42
C ASN C 276 -21.97 10.30 -7.52
N MET C 277 -22.48 9.55 -6.57
CA MET C 277 -23.86 9.12 -6.60
C MET C 277 -24.74 10.24 -6.13
N LEU C 278 -25.87 10.45 -6.79
CA LEU C 278 -26.78 11.51 -6.42
C LEU C 278 -27.31 11.30 -5.01
N GLU C 279 -27.43 10.04 -4.62
CA GLU C 279 -27.96 9.69 -3.33
C GLU C 279 -27.20 10.36 -2.17
N THR C 280 -25.91 10.55 -2.35
CA THR C 280 -25.06 11.12 -1.30
C THR C 280 -24.99 12.65 -1.29
N ILE C 281 -25.83 13.31 -2.08
CA ILE C 281 -25.85 14.76 -2.15
C ILE C 281 -26.45 15.35 -0.90
N LYS C 282 -25.76 16.33 -0.32
CA LYS C 282 -26.32 17.11 0.78
C LYS C 282 -26.71 18.53 0.35
N VAL C 283 -27.86 18.99 0.82
CA VAL C 283 -28.34 20.32 0.46
C VAL C 283 -28.38 21.18 1.71
N SER C 284 -28.00 22.43 1.57
CA SER C 284 -28.08 23.40 2.64
C SER C 284 -28.57 24.70 2.05
N PRO C 285 -29.00 25.64 2.90
CA PRO C 285 -29.51 26.89 2.36
C PRO C 285 -28.51 27.62 1.49
N GLN C 286 -27.22 27.50 1.79
CA GLN C 286 -26.20 28.15 0.98
C GLN C 286 -26.00 27.43 -0.36
N THR C 287 -25.86 26.11 -0.33
CA THR C 287 -25.59 25.33 -1.53
C THR C 287 -26.83 25.11 -2.41
N MET C 288 -27.99 25.55 -1.94
CA MET C 288 -29.26 25.25 -2.61
C MET C 288 -29.30 25.75 -4.04
N ASP C 289 -29.04 27.03 -4.24
CA ASP C 289 -29.11 27.62 -5.58
C ASP C 289 -28.08 27.07 -6.55
N GLY C 290 -26.86 26.85 -6.07
CA GLY C 290 -25.83 26.26 -6.89
C GLY C 290 -26.22 24.90 -7.43
N ILE C 291 -26.93 24.11 -6.64
CA ILE C 291 -27.38 22.80 -7.04
C ILE C 291 -28.47 22.89 -8.10
N LEU C 292 -29.48 23.73 -7.87
CA LEU C 292 -30.53 23.96 -8.85
C LEU C 292 -29.95 24.45 -10.18
N LYS C 293 -29.06 25.43 -10.11
CA LYS C 293 -28.47 25.97 -11.32
C LYS C 293 -27.71 24.90 -12.08
N SER C 294 -27.00 24.05 -11.36
CA SER C 294 -26.26 22.98 -12.01
C SER C 294 -27.22 22.00 -12.66
N ILE C 295 -28.38 21.79 -12.06
CA ILE C 295 -29.36 20.87 -12.61
C ILE C 295 -29.94 21.46 -13.88
N LEU C 296 -30.29 22.73 -13.83
CA LEU C 296 -30.81 23.43 -15.00
C LEU C 296 -29.88 23.33 -16.18
N LYS C 297 -28.59 23.50 -15.94
CA LYS C 297 -27.56 23.31 -16.97
C LYS C 297 -27.57 21.95 -17.64
N VAL C 298 -27.75 20.88 -16.88
CA VAL C 298 -27.93 19.56 -17.43
C VAL C 298 -29.29 19.44 -18.17
N LYS C 299 -30.33 20.04 -17.60
CA LYS C 299 -31.66 20.00 -18.19
C LYS C 299 -31.60 20.55 -19.59
N LYS C 300 -30.98 21.71 -19.73
CA LYS C 300 -30.76 22.31 -21.04
C LYS C 300 -29.99 21.37 -21.94
N ALA C 301 -28.72 21.15 -21.62
CA ALA C 301 -27.85 20.25 -22.38
C ALA C 301 -28.45 18.95 -22.87
N LEU C 302 -29.20 18.26 -22.03
CA LEU C 302 -29.77 16.98 -22.42
C LEU C 302 -31.25 17.06 -22.80
N GLY C 303 -31.86 18.23 -22.66
CA GLY C 303 -33.25 18.42 -22.96
C GLY C 303 -34.22 17.69 -22.04
N MET C 304 -33.86 17.57 -20.77
CA MET C 304 -34.71 16.90 -19.79
C MET C 304 -36.01 17.64 -19.54
N PHE C 305 -37.00 16.94 -19.01
CA PHE C 305 -38.31 17.53 -18.80
C PHE C 305 -39.13 16.73 -17.80
N ILE C 306 -40.18 17.34 -17.27
CA ILE C 306 -41.14 16.65 -16.41
C ILE C 306 -42.14 15.88 -17.28
N SER C 307 -42.24 14.58 -17.06
CA SER C 307 -43.17 13.73 -17.81
C SER C 307 -44.61 14.10 -17.51
N ASP C 308 -45.54 13.61 -18.32
CA ASP C 308 -46.96 13.90 -18.14
C ASP C 308 -47.72 12.66 -17.73
N THR C 309 -47.44 11.57 -18.44
CA THR C 309 -47.92 10.24 -18.05
C THR C 309 -47.73 10.05 -16.55
N PRO C 310 -48.82 9.77 -15.81
CA PRO C 310 -48.76 9.73 -14.34
C PRO C 310 -47.81 8.67 -13.76
N GLY C 311 -47.65 7.55 -14.45
CA GLY C 311 -46.84 6.45 -13.93
C GLY C 311 -45.33 6.65 -13.99
N GLU C 312 -44.86 7.28 -15.04
CA GLU C 312 -43.43 7.46 -15.25
C GLU C 312 -42.88 8.60 -14.38
N ARG C 313 -41.89 8.26 -13.55
CA ARG C 313 -41.13 9.24 -12.77
C ARG C 313 -39.65 9.13 -13.16
N ASN C 314 -39.10 10.21 -13.69
CA ASN C 314 -37.76 10.18 -14.28
C ASN C 314 -36.67 10.90 -13.46
N PRO C 315 -35.40 10.64 -13.81
CA PRO C 315 -34.29 11.25 -13.09
C PRO C 315 -34.45 12.75 -12.85
N TYR C 316 -34.98 13.49 -13.82
CA TYR C 316 -35.11 14.93 -13.66
C TYR C 316 -36.15 15.32 -12.62
N GLU C 317 -37.37 14.81 -12.77
CA GLU C 317 -38.41 15.14 -11.80
C GLU C 317 -38.10 14.57 -10.44
N ASN C 318 -37.44 13.43 -10.42
CA ASN C 318 -37.00 12.86 -9.16
C ASN C 318 -36.08 13.78 -8.37
N ILE C 319 -34.96 14.20 -8.97
CA ILE C 319 -34.03 15.10 -8.29
C ILE C 319 -34.66 16.44 -7.95
N LEU C 320 -35.53 16.95 -8.82
CA LEU C 320 -36.15 18.24 -8.58
C LEU C 320 -37.11 18.19 -7.40
N TYR C 321 -38.00 17.23 -7.36
CA TYR C 321 -38.90 17.12 -6.22
C TYR C 321 -38.12 16.89 -4.92
N LYS C 322 -37.12 16.04 -4.97
CA LYS C 322 -36.35 15.69 -3.78
C LYS C 322 -35.59 16.85 -3.19
N ILE C 323 -34.95 17.65 -4.05
CA ILE C 323 -34.22 18.84 -3.61
C ILE C 323 -35.14 19.86 -2.99
N CYS C 324 -36.27 20.12 -3.65
CA CYS C 324 -37.13 21.22 -3.27
C CYS C 324 -38.04 20.94 -2.10
N LEU C 325 -38.00 19.74 -1.58
CA LEU C 325 -38.79 19.43 -0.41
C LEU C 325 -38.26 20.18 0.81
N SER C 326 -36.94 20.35 0.87
CA SER C 326 -36.31 21.03 1.99
C SER C 326 -34.91 21.50 1.63
N GLY C 327 -34.57 22.71 2.08
CA GLY C 327 -33.28 23.30 1.82
C GLY C 327 -32.25 22.90 2.86
N ASP C 328 -32.57 21.86 3.63
CA ASP C 328 -31.61 21.36 4.60
C ASP C 328 -31.79 19.87 4.87
N GLY C 329 -30.95 19.06 4.25
CA GLY C 329 -30.92 17.64 4.53
C GLY C 329 -30.17 16.86 3.50
N TRP C 330 -30.43 15.56 3.45
CA TRP C 330 -29.96 14.70 2.38
C TRP C 330 -31.19 14.26 1.60
N PRO C 331 -31.47 14.97 0.49
CA PRO C 331 -32.72 14.81 -0.26
C PRO C 331 -33.07 13.35 -0.61
N TYR C 332 -32.08 12.48 -0.84
CA TYR C 332 -32.35 11.12 -1.27
C TYR C 332 -32.43 10.09 -0.14
N ILE C 333 -31.68 10.31 0.92
CA ILE C 333 -31.40 9.23 1.85
C ILE C 333 -31.64 9.52 3.31
N ALA C 334 -32.06 10.74 3.62
CA ALA C 334 -32.31 11.13 5.00
C ALA C 334 -33.64 10.65 5.53
N SER C 335 -33.86 10.88 6.83
CA SER C 335 -35.18 10.67 7.43
C SER C 335 -36.01 11.92 7.23
N ARG C 336 -37.03 11.81 6.39
CA ARG C 336 -37.83 12.96 6.02
C ARG C 336 -39.23 12.93 6.65
N THR C 337 -39.46 11.98 7.57
CA THR C 337 -40.79 11.76 8.12
C THR C 337 -41.27 12.94 8.94
N SER C 338 -40.34 13.82 9.31
CA SER C 338 -40.63 14.99 10.11
C SER C 338 -41.17 16.14 9.24
N ILE C 339 -40.86 16.10 7.95
CA ILE C 339 -41.19 17.20 7.05
C ILE C 339 -42.69 17.25 6.78
N THR C 340 -43.23 18.46 6.71
CA THR C 340 -44.61 18.64 6.30
C THR C 340 -44.63 19.29 4.91
N GLY C 341 -45.60 18.92 4.09
CA GLY C 341 -45.78 19.58 2.81
C GLY C 341 -45.04 18.94 1.65
N ARG C 342 -45.29 19.43 0.44
CA ARG C 342 -44.65 18.91 -0.77
C ARG C 342 -43.65 19.90 -1.29
N ALA C 343 -42.87 19.47 -2.28
CA ALA C 343 -41.81 20.30 -2.84
C ALA C 343 -42.29 21.67 -3.32
N TRP C 344 -43.42 21.69 -4.02
CA TRP C 344 -43.96 22.94 -4.55
C TRP C 344 -44.51 23.87 -3.47
N GLU C 345 -44.66 23.37 -2.25
CA GLU C 345 -45.08 24.20 -1.15
C GLU C 345 -43.88 24.71 -0.36
N ASN C 346 -42.83 23.89 -0.28
CA ASN C 346 -41.67 24.18 0.56
C ASN C 346 -40.58 24.97 -0.15
N THR C 347 -40.67 25.05 -1.48
CA THR C 347 -39.80 25.92 -2.26
C THR C 347 -40.65 26.77 -3.20
N VAL C 348 -40.55 28.08 -3.06
CA VAL C 348 -41.32 29.02 -3.87
C VAL C 348 -40.38 29.94 -4.62
N VAL C 349 -40.84 30.38 -5.79
CA VAL C 349 -40.08 31.30 -6.64
C VAL C 349 -40.52 32.76 -6.47
N ASP C 350 -39.56 33.68 -6.47
CA ASP C 350 -39.85 35.11 -6.30
C ASP C 350 -39.33 35.94 -7.48
N LEU C 351 -40.21 36.22 -8.43
CA LEU C 351 -39.82 36.92 -9.64
C LEU C 351 -39.68 38.42 -9.41
N GLU C 352 -40.59 38.92 -8.56
CA GLU C 352 -40.82 40.34 -8.29
C GLU C 352 -42.07 40.90 -9.03
N LYS E 21 -26.64 -27.67 -48.83
CA LYS E 21 -25.76 -27.07 -49.84
C LYS E 21 -24.33 -26.99 -49.31
N SER E 22 -24.18 -26.82 -48.00
CA SER E 22 -22.85 -26.68 -47.44
C SER E 22 -21.97 -27.81 -47.93
N PHE E 23 -22.39 -29.05 -47.67
CA PHE E 23 -21.55 -30.20 -48.01
C PHE E 23 -21.27 -30.29 -49.50
N LEU E 24 -22.23 -29.86 -50.31
CA LEU E 24 -21.99 -29.77 -51.74
C LEU E 24 -20.82 -28.82 -52.09
N TRP E 25 -20.79 -27.64 -51.47
CA TRP E 25 -19.66 -26.72 -51.65
C TRP E 25 -18.38 -27.43 -51.24
N THR E 26 -18.40 -28.01 -50.05
CA THR E 26 -17.25 -28.68 -49.50
C THR E 26 -16.71 -29.64 -50.54
N GLN E 27 -17.60 -30.41 -51.15
CA GLN E 27 -17.19 -31.47 -52.06
C GLN E 27 -16.68 -30.97 -53.39
N SER E 28 -17.23 -29.84 -53.83
CA SER E 28 -16.83 -29.27 -55.11
C SER E 28 -15.44 -28.72 -54.95
N LEU E 29 -15.17 -28.14 -53.79
CA LEU E 29 -13.87 -27.59 -53.48
C LEU E 29 -12.84 -28.68 -53.41
N ARG E 30 -13.19 -29.78 -52.77
CA ARG E 30 -12.32 -30.92 -52.69
C ARG E 30 -11.88 -31.39 -54.07
N ARG E 31 -12.83 -31.54 -54.99
CA ARG E 31 -12.55 -32.07 -56.31
C ARG E 31 -11.67 -31.10 -57.08
N GLU E 32 -12.01 -29.83 -57.00
CA GLU E 32 -11.26 -28.80 -57.69
C GLU E 32 -9.84 -28.63 -57.16
N LEU E 33 -9.69 -28.68 -55.85
CA LEU E 33 -8.40 -28.41 -55.24
C LEU E 33 -7.55 -29.64 -55.00
N SER E 34 -8.07 -30.80 -55.34
CA SER E 34 -7.39 -32.07 -55.13
C SER E 34 -5.91 -32.09 -55.48
N GLY E 35 -5.50 -31.32 -56.47
CA GLY E 35 -4.11 -31.32 -56.88
C GLY E 35 -3.18 -30.77 -55.82
N TYR E 36 -3.73 -29.96 -54.92
CA TYR E 36 -2.92 -29.28 -53.92
C TYR E 36 -2.91 -30.02 -52.60
N CYS E 37 -3.75 -31.05 -52.50
CA CYS E 37 -3.84 -31.88 -51.29
C CYS E 37 -2.67 -32.83 -51.24
N SER E 38 -2.18 -33.11 -50.04
CA SER E 38 -1.04 -34.03 -49.88
C SER E 38 -1.28 -35.10 -48.81
N ASN E 39 -0.43 -36.13 -48.81
CA ASN E 39 -0.50 -37.19 -47.80
C ASN E 39 0.29 -36.79 -46.56
N ILE E 40 -0.39 -36.54 -45.44
CA ILE E 40 0.30 -36.01 -44.27
C ILE E 40 0.12 -36.85 -43.02
N LYS E 41 -0.50 -38.03 -43.16
CA LYS E 41 -0.68 -38.93 -42.03
C LYS E 41 0.59 -39.10 -41.21
N LEU E 42 1.65 -39.48 -41.89
CA LEU E 42 2.95 -39.60 -41.31
C LEU E 42 3.35 -38.43 -40.42
N GLN E 43 3.36 -37.21 -40.96
CA GLN E 43 3.79 -36.03 -40.20
C GLN E 43 2.90 -35.80 -39.02
N VAL E 44 1.59 -35.81 -39.25
CA VAL E 44 0.65 -35.59 -38.17
C VAL E 44 0.83 -36.55 -37.01
N VAL E 45 0.98 -37.83 -37.31
CA VAL E 45 1.33 -38.80 -36.28
C VAL E 45 2.71 -38.56 -35.64
N LYS E 46 3.75 -38.31 -36.44
CA LYS E 46 5.08 -37.96 -35.91
C LYS E 46 4.97 -36.78 -34.93
N ASP E 47 4.19 -35.76 -35.30
CA ASP E 47 4.03 -34.57 -34.47
C ASP E 47 3.26 -34.88 -33.18
N ALA E 48 2.23 -35.69 -33.29
CA ALA E 48 1.53 -36.17 -32.11
C ALA E 48 2.48 -36.85 -31.14
N GLN E 49 3.37 -37.69 -31.66
CA GLN E 49 4.35 -38.38 -30.84
C GLN E 49 5.24 -37.38 -30.12
N ALA E 50 5.70 -36.38 -30.84
CA ALA E 50 6.50 -35.31 -30.28
C ALA E 50 5.84 -34.71 -29.06
N LEU E 51 4.57 -34.34 -29.22
CA LEU E 51 3.80 -33.74 -28.12
C LEU E 51 3.66 -34.71 -26.95
N LEU E 52 3.28 -35.95 -27.22
CA LEU E 52 3.17 -36.96 -26.18
C LEU E 52 4.43 -37.12 -25.36
N HIS E 53 5.58 -36.93 -25.97
CA HIS E 53 6.84 -37.09 -25.26
C HIS E 53 7.32 -35.81 -24.60
N GLY E 54 6.97 -34.66 -25.16
CA GLY E 54 7.60 -33.42 -24.77
C GLY E 54 6.74 -32.38 -24.08
N LEU E 55 5.42 -32.54 -24.18
CA LEU E 55 4.49 -31.56 -23.64
C LEU E 55 4.17 -31.81 -22.17
N ASP E 56 3.86 -30.73 -21.46
CA ASP E 56 3.43 -30.82 -20.06
C ASP E 56 1.94 -30.99 -20.00
N PHE E 57 1.47 -32.23 -19.89
CA PHE E 57 0.05 -32.50 -19.93
C PHE E 57 -0.66 -32.10 -18.65
N SER E 58 0.14 -31.76 -17.63
CA SER E 58 -0.39 -31.15 -16.43
C SER E 58 -0.88 -29.74 -16.76
N GLU E 59 -0.03 -28.95 -17.41
CA GLU E 59 -0.44 -27.64 -17.88
C GLU E 59 -1.56 -27.70 -18.93
N VAL E 60 -1.57 -28.75 -19.74
CA VAL E 60 -2.67 -28.95 -20.66
C VAL E 60 -3.99 -29.00 -19.89
N SER E 61 -4.03 -29.74 -18.79
CA SER E 61 -5.24 -29.84 -18.00
C SER E 61 -5.67 -28.48 -17.50
N ASN E 62 -4.71 -27.70 -17.03
CA ASN E 62 -5.00 -26.38 -16.50
C ASN E 62 -5.59 -25.48 -17.55
N VAL E 63 -4.94 -25.43 -18.70
CA VAL E 63 -5.39 -24.54 -19.73
C VAL E 63 -6.77 -24.95 -20.20
N GLN E 64 -7.02 -26.25 -20.23
CA GLN E 64 -8.34 -26.74 -20.59
C GLN E 64 -9.39 -26.09 -19.71
N ARG E 65 -9.19 -26.18 -18.40
CA ARG E 65 -10.05 -25.57 -17.40
C ARG E 65 -10.16 -24.07 -17.46
N LEU E 66 -9.03 -23.38 -17.37
CA LEU E 66 -8.99 -21.96 -17.60
C LEU E 66 -9.79 -21.49 -18.80
N MET E 67 -9.76 -22.23 -19.90
CA MET E 67 -10.45 -21.80 -21.09
C MET E 67 -11.95 -21.93 -20.93
N ARG E 68 -12.38 -22.74 -19.97
CA ARG E 68 -13.80 -23.01 -19.81
C ARG E 68 -14.56 -22.03 -18.90
N LYS E 69 -13.84 -21.29 -18.05
CA LYS E 69 -14.41 -20.19 -17.27
C LYS E 69 -15.17 -19.18 -18.14
N GLU E 70 -16.23 -18.57 -17.62
CA GLU E 70 -16.93 -17.54 -18.39
C GLU E 70 -16.20 -16.21 -18.25
N ARG E 71 -15.63 -15.99 -17.07
CA ARG E 71 -14.85 -14.78 -16.82
C ARG E 71 -13.40 -15.09 -17.06
N ARG E 72 -12.88 -14.73 -18.25
CA ARG E 72 -11.48 -14.98 -18.59
C ARG E 72 -10.72 -13.65 -18.72
N ASP E 73 -9.53 -13.59 -18.13
CA ASP E 73 -8.75 -12.36 -18.13
C ASP E 73 -7.40 -12.53 -18.83
N ASP E 74 -6.51 -11.57 -18.65
CA ASP E 74 -5.20 -11.60 -19.30
C ASP E 74 -4.28 -12.68 -18.75
N ASN E 75 -4.50 -13.05 -17.49
CA ASN E 75 -3.67 -14.09 -16.88
C ASN E 75 -3.96 -15.43 -17.51
N ASP E 76 -5.24 -15.69 -17.78
CA ASP E 76 -5.63 -16.90 -18.47
C ASP E 76 -5.12 -16.91 -19.92
N LEU E 77 -5.27 -15.79 -20.62
CA LEU E 77 -4.79 -15.69 -21.98
C LEU E 77 -3.28 -15.87 -22.01
N LYS E 78 -2.58 -15.29 -21.05
CA LYS E 78 -1.13 -15.42 -21.02
C LYS E 78 -0.78 -16.88 -20.97
N ARG E 79 -1.55 -17.63 -20.17
CA ARG E 79 -1.34 -19.04 -19.91
C ARG E 79 -1.52 -19.84 -21.19
N LEU E 80 -2.56 -19.48 -21.94
CA LEU E 80 -2.88 -20.14 -23.22
C LEU E 80 -1.77 -19.97 -24.25
N ARG E 81 -1.33 -18.73 -24.41
CA ARG E 81 -0.31 -18.41 -25.38
C ARG E 81 1.02 -19.07 -25.07
N ASP E 82 1.35 -19.20 -23.80
CA ASP E 82 2.58 -19.87 -23.42
C ASP E 82 2.53 -21.36 -23.76
N LEU E 83 1.41 -22.00 -23.47
CA LEU E 83 1.24 -23.38 -23.85
C LEU E 83 1.33 -23.51 -25.37
N ASN E 84 0.68 -22.59 -26.09
CA ASN E 84 0.72 -22.58 -27.54
C ASN E 84 2.14 -22.58 -28.09
N GLN E 85 3.01 -21.84 -27.42
CA GLN E 85 4.37 -21.72 -27.88
C GLN E 85 5.13 -23.00 -27.63
N ALA E 86 4.78 -23.67 -26.54
CA ALA E 86 5.41 -24.93 -26.22
C ALA E 86 5.10 -25.91 -27.33
N VAL E 87 3.85 -25.88 -27.79
CA VAL E 87 3.36 -26.78 -28.82
C VAL E 87 3.95 -26.43 -30.16
N ASN E 88 4.06 -25.14 -30.44
CA ASN E 88 4.69 -24.71 -31.67
C ASN E 88 6.11 -25.20 -31.80
N ASN E 89 6.79 -25.42 -30.69
CA ASN E 89 8.14 -25.91 -30.73
C ASN E 89 8.33 -27.35 -30.95
N LEU E 90 7.32 -28.14 -30.65
CA LEU E 90 7.48 -29.55 -30.76
C LEU E 90 7.12 -30.07 -32.16
N VAL E 91 6.38 -29.26 -32.91
CA VAL E 91 5.80 -29.74 -34.15
C VAL E 91 6.44 -29.18 -35.41
N GLU E 92 6.39 -29.97 -36.49
CA GLU E 92 6.98 -29.61 -37.78
C GLU E 92 6.00 -28.92 -38.73
N LEU E 93 4.73 -29.30 -38.66
CA LEU E 93 3.70 -28.70 -39.49
C LEU E 93 3.28 -27.33 -38.98
N LYS E 94 4.00 -26.29 -39.36
CA LYS E 94 3.67 -24.95 -38.93
C LYS E 94 3.30 -24.09 -40.11
N SER E 95 2.59 -23.00 -39.83
CA SER E 95 2.47 -21.89 -40.75
C SER E 95 3.43 -20.79 -40.29
N THR E 96 4.02 -20.08 -41.23
CA THR E 96 4.91 -18.97 -40.88
C THR E 96 4.34 -17.65 -41.37
N GLN E 97 4.79 -16.55 -40.78
CA GLN E 97 4.32 -15.24 -41.21
C GLN E 97 4.73 -15.01 -42.66
N GLN E 98 3.75 -14.81 -43.52
CA GLN E 98 4.02 -14.64 -44.93
C GLN E 98 2.96 -13.73 -45.54
N LYS E 99 3.27 -12.45 -45.60
CA LYS E 99 2.39 -11.49 -46.24
C LYS E 99 2.26 -11.81 -47.73
N SER E 100 1.06 -11.62 -48.28
CA SER E 100 0.81 -11.87 -49.68
C SER E 100 0.21 -10.65 -50.37
N ILE E 101 0.75 -10.32 -51.53
CA ILE E 101 0.15 -9.31 -52.37
C ILE E 101 -0.36 -9.94 -53.66
N LEU E 102 -1.65 -9.83 -53.90
CA LEU E 102 -2.26 -10.43 -55.06
C LEU E 102 -2.30 -9.48 -56.25
N ARG E 103 -1.71 -9.92 -57.36
CA ARG E 103 -1.60 -9.09 -58.54
C ARG E 103 -2.15 -9.77 -59.80
N VAL E 104 -2.41 -8.96 -60.81
CA VAL E 104 -2.86 -9.49 -62.08
C VAL E 104 -1.74 -10.35 -62.64
N GLY E 105 -1.94 -11.66 -62.58
CA GLY E 105 -0.97 -12.62 -63.06
C GLY E 105 -1.76 -13.83 -63.51
N THR E 106 -1.54 -14.97 -62.87
CA THR E 106 -2.39 -16.11 -63.17
C THR E 106 -3.80 -15.78 -62.66
N LEU E 107 -3.89 -14.69 -61.91
CA LEU E 107 -5.18 -14.13 -61.49
C LEU E 107 -5.65 -12.99 -62.39
N THR E 108 -6.89 -13.09 -62.88
CA THR E 108 -7.47 -12.03 -63.70
C THR E 108 -7.70 -10.78 -62.88
N SER E 109 -8.09 -9.71 -63.54
CA SER E 109 -8.34 -8.46 -62.85
C SER E 109 -9.74 -8.44 -62.25
N ASP E 110 -10.63 -9.25 -62.81
CA ASP E 110 -11.97 -9.43 -62.24
C ASP E 110 -11.85 -10.22 -60.96
N ASP E 111 -10.98 -11.23 -61.00
CA ASP E 111 -10.69 -12.04 -59.82
C ASP E 111 -10.22 -11.20 -58.64
N LEU E 112 -9.25 -10.32 -58.88
CA LEU E 112 -8.77 -9.40 -57.85
C LEU E 112 -9.92 -8.59 -57.25
N LEU E 113 -10.87 -8.20 -58.08
CA LEU E 113 -12.02 -7.46 -57.60
C LEU E 113 -12.89 -8.31 -56.64
N ILE E 114 -13.23 -9.52 -57.08
CA ILE E 114 -13.97 -10.43 -56.23
C ILE E 114 -13.25 -10.67 -54.91
N LEU E 115 -11.97 -11.01 -54.99
CA LEU E 115 -11.19 -11.28 -53.78
C LEU E 115 -11.16 -10.08 -52.86
N ALA E 116 -10.85 -8.92 -53.42
CA ALA E 116 -10.73 -7.69 -52.64
C ALA E 116 -12.05 -7.39 -51.93
N ALA E 117 -13.15 -7.71 -52.60
CA ALA E 117 -14.47 -7.47 -52.04
C ALA E 117 -14.78 -8.47 -50.95
N ASP E 118 -14.46 -9.73 -51.21
CA ASP E 118 -14.78 -10.82 -50.28
C ASP E 118 -13.94 -10.74 -49.02
N LEU E 119 -12.68 -10.32 -49.16
CA LEU E 119 -11.86 -10.08 -47.99
C LEU E 119 -12.51 -9.00 -47.13
N GLU E 120 -13.02 -7.96 -47.79
CA GLU E 120 -13.67 -6.87 -47.07
C GLU E 120 -14.89 -7.38 -46.30
N LYS E 121 -15.70 -8.18 -46.96
CA LYS E 121 -16.84 -8.83 -46.32
C LYS E 121 -16.46 -9.54 -45.03
N LEU E 122 -15.37 -10.32 -45.08
CA LEU E 122 -14.88 -11.00 -43.90
C LEU E 122 -14.59 -9.99 -42.82
N LYS E 123 -13.82 -8.95 -43.17
CA LYS E 123 -13.46 -7.91 -42.22
C LYS E 123 -14.68 -7.34 -41.54
N SER E 124 -15.67 -7.00 -42.34
CA SER E 124 -16.86 -6.32 -41.82
C SER E 124 -17.69 -7.15 -40.83
N LYS E 125 -17.78 -8.46 -41.05
CA LYS E 125 -18.49 -9.33 -40.10
C LYS E 125 -17.80 -9.28 -38.73
N LEU E 142 -15.33 8.12 -10.33
CA LEU E 142 -14.44 8.47 -9.21
C LEU E 142 -14.30 7.35 -8.18
N SER E 143 -14.01 6.14 -8.65
CA SER E 143 -13.87 4.97 -7.77
C SER E 143 -12.39 4.53 -7.73
N SER E 144 -12.05 3.61 -6.84
CA SER E 144 -10.66 3.16 -6.69
C SER E 144 -10.27 2.09 -7.72
N GLN E 145 -8.97 1.85 -7.91
CA GLN E 145 -8.56 0.72 -8.73
C GLN E 145 -9.35 -0.52 -8.28
N GLN E 146 -9.32 -0.79 -6.99
CA GLN E 146 -10.02 -1.98 -6.56
C GLN E 146 -11.49 -1.87 -6.95
N LEU E 147 -12.15 -0.76 -6.63
CA LEU E 147 -13.58 -0.62 -6.93
C LEU E 147 -13.84 -0.86 -8.44
N ASP E 148 -13.06 -0.22 -9.31
CA ASP E 148 -13.06 -0.52 -10.75
C ASP E 148 -12.92 -2.00 -11.15
N GLN E 149 -11.80 -2.62 -10.76
CA GLN E 149 -11.60 -4.06 -10.98
C GLN E 149 -12.77 -4.91 -10.44
N ARG E 150 -13.41 -4.47 -9.36
CA ARG E 150 -14.52 -5.24 -8.84
C ARG E 150 -15.75 -4.97 -9.69
N ARG E 151 -15.77 -3.82 -10.36
CA ARG E 151 -16.86 -3.50 -11.29
C ARG E 151 -16.83 -4.25 -12.63
N ALA E 152 -15.74 -4.12 -13.42
CA ALA E 152 -15.53 -4.98 -14.61
C ALA E 152 -15.95 -6.44 -14.34
N LEU E 153 -15.47 -6.99 -13.24
CA LEU E 153 -15.91 -8.30 -12.77
C LEU E 153 -17.43 -8.43 -12.65
N LEU E 154 -18.04 -7.52 -11.92
CA LEU E 154 -19.47 -7.58 -11.68
C LEU E 154 -20.31 -7.48 -12.98
N ASN E 155 -19.89 -6.60 -13.88
CA ASN E 155 -20.56 -6.46 -15.16
C ASN E 155 -20.46 -7.69 -16.02
N MET E 156 -19.24 -8.09 -16.35
CA MET E 156 -19.05 -9.40 -16.97
C MET E 156 -20.04 -10.41 -16.35
N ILE E 157 -20.08 -10.59 -15.02
CA ILE E 157 -21.06 -11.54 -14.45
C ILE E 157 -22.54 -11.21 -14.73
N GLY E 158 -22.90 -9.92 -14.77
CA GLY E 158 -24.25 -9.45 -15.11
C GLY E 158 -24.72 -9.82 -16.52
N VAL E 174 -22.29 -18.60 -21.82
CA VAL E 174 -21.51 -17.45 -22.32
C VAL E 174 -20.21 -17.26 -21.54
N ARG E 175 -19.08 -17.42 -22.22
CA ARG E 175 -17.79 -16.99 -21.67
C ARG E 175 -17.55 -15.57 -22.13
N VAL E 176 -16.43 -15.01 -21.75
CA VAL E 176 -16.18 -13.60 -22.00
C VAL E 176 -14.71 -13.31 -21.75
N TRP E 177 -14.19 -12.26 -22.38
CA TRP E 177 -12.80 -11.89 -22.14
C TRP E 177 -12.77 -10.49 -21.59
N ASP E 178 -11.92 -10.33 -20.59
CA ASP E 178 -11.57 -9.04 -20.06
C ASP E 178 -10.07 -8.91 -20.29
N VAL E 179 -9.71 -8.34 -21.42
CA VAL E 179 -8.29 -8.25 -21.78
C VAL E 179 -7.89 -6.84 -22.22
N LYS E 180 -6.64 -6.48 -21.92
CA LYS E 180 -6.09 -5.19 -22.32
C LYS E 180 -6.07 -5.04 -23.82
N ASN E 181 -5.46 -5.99 -24.51
CA ASN E 181 -5.34 -5.93 -25.96
C ASN E 181 -5.86 -7.20 -26.61
N ALA E 182 -6.95 -7.08 -27.36
CA ALA E 182 -7.61 -8.25 -27.91
C ALA E 182 -6.96 -8.76 -29.18
N GLU E 183 -5.91 -8.09 -29.63
CA GLU E 183 -5.10 -8.59 -30.72
C GLU E 183 -4.52 -9.92 -30.32
N LEU E 184 -4.20 -10.03 -29.04
CA LEU E 184 -3.53 -11.20 -28.50
C LEU E 184 -4.38 -12.47 -28.46
N LEU E 185 -5.65 -12.36 -28.82
CA LEU E 185 -6.47 -13.53 -28.98
C LEU E 185 -6.30 -14.10 -30.37
N SER E 186 -5.95 -13.25 -31.33
CA SER E 186 -5.86 -13.64 -32.74
C SER E 186 -4.87 -14.79 -32.92
N ASN E 187 -5.40 -15.91 -33.44
CA ASN E 187 -4.61 -17.09 -33.82
C ASN E 187 -4.20 -18.03 -32.71
N GLN E 188 -4.71 -17.78 -31.51
CA GLN E 188 -4.39 -18.61 -30.35
C GLN E 188 -5.43 -19.70 -30.10
N PHE E 189 -6.54 -19.65 -30.83
CA PHE E 189 -7.67 -20.52 -30.55
C PHE E 189 -7.99 -21.61 -31.59
N GLY E 190 -7.09 -21.85 -32.52
CA GLY E 190 -7.36 -22.80 -33.58
C GLY E 190 -7.24 -24.25 -33.14
N THR E 191 -7.67 -25.17 -34.01
CA THR E 191 -7.56 -26.61 -33.76
C THR E 191 -6.53 -27.24 -34.68
N MET E 192 -5.80 -28.23 -34.15
CA MET E 192 -4.65 -28.81 -34.81
C MET E 192 -4.67 -30.30 -34.60
N PRO E 193 -4.79 -31.08 -35.68
CA PRO E 193 -4.88 -32.54 -35.61
C PRO E 193 -3.85 -33.18 -34.71
N SER E 194 -2.58 -32.82 -34.85
CA SER E 194 -1.54 -33.47 -34.05
C SER E 194 -1.78 -33.27 -32.54
N LEU E 195 -2.31 -32.12 -32.20
CA LEU E 195 -2.63 -31.81 -30.80
C LEU E 195 -3.86 -32.56 -30.30
N THR E 196 -4.90 -32.65 -31.12
CA THR E 196 -6.06 -33.49 -30.84
C THR E 196 -5.67 -34.96 -30.58
N LEU E 197 -4.89 -35.54 -31.47
CA LEU E 197 -4.37 -36.87 -31.28
C LEU E 197 -3.66 -37.04 -29.95
N ALA E 198 -2.71 -36.15 -29.67
CA ALA E 198 -1.92 -36.26 -28.46
C ALA E 198 -2.79 -36.21 -27.21
N CYS E 199 -3.72 -35.28 -27.14
CA CYS E 199 -4.58 -35.15 -25.98
C CYS E 199 -5.56 -36.31 -25.84
N LEU E 200 -6.13 -36.76 -26.95
CA LEU E 200 -6.99 -37.95 -26.93
C LEU E 200 -6.24 -39.13 -26.37
N THR E 201 -4.99 -39.27 -26.76
CA THR E 201 -4.19 -40.42 -26.37
C THR E 201 -3.79 -40.36 -24.90
N LYS E 202 -3.14 -39.28 -24.49
CA LYS E 202 -2.74 -39.08 -23.11
C LYS E 202 -3.96 -39.11 -22.15
N GLN E 203 -5.00 -38.31 -22.43
CA GLN E 203 -6.13 -38.21 -21.53
C GLN E 203 -7.06 -39.42 -21.58
N GLY E 204 -7.20 -40.02 -22.75
CA GLY E 204 -7.96 -41.25 -22.87
C GLY E 204 -7.22 -42.49 -22.41
N GLN E 205 -5.94 -42.35 -22.10
CA GLN E 205 -5.09 -43.48 -21.74
C GLN E 205 -5.20 -44.67 -22.69
N VAL E 206 -4.83 -44.45 -23.95
CA VAL E 206 -4.83 -45.51 -24.95
C VAL E 206 -3.53 -45.41 -25.73
N ASP E 207 -3.38 -46.28 -26.73
CA ASP E 207 -2.24 -46.24 -27.63
C ASP E 207 -2.44 -45.21 -28.71
N LEU E 208 -1.39 -44.50 -29.06
CA LEU E 208 -1.49 -43.54 -30.15
C LEU E 208 -2.21 -44.18 -31.31
N ASN E 209 -1.96 -45.45 -31.53
CA ASN E 209 -2.60 -46.16 -32.62
C ASN E 209 -4.11 -46.32 -32.49
N ASP E 210 -4.60 -46.56 -31.28
CA ASP E 210 -6.05 -46.69 -31.07
C ASP E 210 -6.77 -45.41 -31.43
N ALA E 211 -6.16 -44.28 -31.08
CA ALA E 211 -6.68 -42.97 -31.44
C ALA E 211 -6.70 -42.80 -32.95
N VAL E 212 -5.60 -43.16 -33.60
CA VAL E 212 -5.50 -43.02 -35.04
C VAL E 212 -6.60 -43.80 -35.75
N GLN E 213 -6.80 -45.05 -35.37
CA GLN E 213 -7.82 -45.87 -36.01
C GLN E 213 -9.22 -45.31 -35.81
N ALA E 214 -9.50 -44.86 -34.59
CA ALA E 214 -10.80 -44.26 -34.29
C ALA E 214 -11.08 -43.04 -35.17
N LEU E 215 -10.11 -42.12 -35.22
CA LEU E 215 -10.24 -40.91 -36.03
C LEU E 215 -10.31 -41.20 -37.53
N THR E 216 -9.61 -42.24 -37.98
CA THR E 216 -9.72 -42.64 -39.37
C THR E 216 -11.16 -42.96 -39.77
N ASP E 217 -11.90 -43.60 -38.89
CA ASP E 217 -13.28 -43.91 -39.20
C ASP E 217 -14.13 -42.65 -39.40
N LEU E 218 -14.01 -41.71 -38.46
CA LEU E 218 -14.57 -40.37 -38.62
C LEU E 218 -14.20 -39.76 -39.97
N GLY E 219 -12.94 -39.91 -40.33
CA GLY E 219 -12.42 -39.41 -41.59
C GLY E 219 -13.11 -39.98 -42.80
N LEU E 220 -13.35 -41.29 -42.82
CA LEU E 220 -14.01 -41.91 -43.97
C LEU E 220 -15.46 -41.47 -44.06
N ILE E 221 -16.15 -41.44 -42.93
CA ILE E 221 -17.51 -40.92 -42.94
C ILE E 221 -17.53 -39.53 -43.55
N TYR E 222 -16.55 -38.73 -43.18
CA TYR E 222 -16.45 -37.33 -43.57
C TYR E 222 -16.37 -37.14 -45.09
N THR E 223 -15.98 -38.20 -45.81
CA THR E 223 -15.89 -38.13 -47.25
C THR E 223 -17.28 -38.21 -47.88
N ALA E 224 -18.26 -38.65 -47.11
CA ALA E 224 -19.62 -38.75 -47.60
C ALA E 224 -20.59 -37.74 -46.99
N LYS E 225 -20.46 -37.49 -45.69
CA LYS E 225 -21.33 -36.52 -45.02
C LYS E 225 -20.59 -35.81 -43.91
N TYR E 226 -21.22 -34.77 -43.37
CA TYR E 226 -20.71 -34.14 -42.16
C TYR E 226 -21.06 -35.05 -40.98
N PRO E 227 -20.04 -35.64 -40.35
CA PRO E 227 -20.32 -36.47 -39.18
C PRO E 227 -21.00 -35.68 -38.08
N ASN E 228 -21.91 -36.31 -37.35
CA ASN E 228 -22.63 -35.63 -36.29
C ASN E 228 -22.66 -36.46 -35.00
N THR E 229 -23.37 -35.95 -34.00
CA THR E 229 -23.34 -36.54 -32.66
C THR E 229 -23.84 -37.97 -32.61
N SER E 230 -24.88 -38.27 -33.39
CA SER E 230 -25.41 -39.62 -33.44
C SER E 230 -24.37 -40.58 -34.04
N ASP E 231 -23.74 -40.14 -35.13
CA ASP E 231 -22.71 -40.94 -35.79
C ASP E 231 -21.57 -41.19 -34.83
N LEU E 232 -21.12 -40.14 -34.16
CA LEU E 232 -20.09 -40.31 -33.15
C LEU E 232 -20.49 -41.37 -32.11
N ASP E 233 -21.75 -41.30 -31.66
CA ASP E 233 -22.27 -42.25 -30.67
C ASP E 233 -22.28 -43.67 -31.21
N ARG E 234 -22.69 -43.83 -32.47
CA ARG E 234 -22.66 -45.18 -33.05
C ARG E 234 -21.22 -45.73 -33.16
N LEU E 235 -20.27 -44.83 -33.42
CA LEU E 235 -18.87 -45.19 -33.62
C LEU E 235 -18.18 -45.59 -32.32
N THR E 236 -18.72 -45.09 -31.21
CA THR E 236 -18.11 -45.31 -29.91
C THR E 236 -18.11 -46.77 -29.48
N GLN E 237 -19.02 -47.57 -30.06
CA GLN E 237 -19.04 -49.00 -29.78
C GLN E 237 -17.68 -49.62 -30.11
N SER E 238 -17.31 -49.60 -31.39
CA SER E 238 -16.03 -50.15 -31.82
C SER E 238 -14.81 -49.37 -31.33
N HIS E 239 -15.02 -48.13 -30.88
CA HIS E 239 -13.92 -47.20 -30.55
C HIS E 239 -14.16 -46.45 -29.27
N PRO E 240 -13.94 -47.11 -28.13
CA PRO E 240 -14.19 -46.58 -26.78
C PRO E 240 -13.52 -45.21 -26.59
N ILE E 241 -12.37 -45.03 -27.22
CA ILE E 241 -11.61 -43.79 -27.07
C ILE E 241 -12.47 -42.56 -27.38
N LEU E 242 -13.44 -42.73 -28.27
CA LEU E 242 -14.27 -41.63 -28.73
C LEU E 242 -15.22 -41.10 -27.66
N ASN E 243 -15.36 -41.83 -26.56
CA ASN E 243 -16.16 -41.38 -25.42
C ASN E 243 -15.61 -40.08 -24.86
N MET E 244 -14.33 -39.84 -25.16
CA MET E 244 -13.63 -38.66 -24.68
C MET E 244 -14.15 -37.40 -25.34
N ILE E 245 -14.60 -37.54 -26.57
CA ILE E 245 -15.22 -36.44 -27.27
C ILE E 245 -16.65 -36.37 -26.82
N ASP E 246 -16.89 -35.54 -25.81
CA ASP E 246 -18.23 -35.37 -25.26
C ASP E 246 -18.91 -34.14 -25.85
N THR E 247 -19.85 -34.38 -26.74
CA THR E 247 -20.42 -33.32 -27.54
C THR E 247 -21.37 -32.41 -26.73
N LYS E 248 -21.91 -32.92 -25.64
CA LYS E 248 -22.75 -32.08 -24.79
C LYS E 248 -21.89 -31.17 -23.89
N LYS E 249 -20.62 -31.52 -23.70
CA LYS E 249 -19.73 -30.66 -22.92
C LYS E 249 -18.83 -29.75 -23.78
N SER E 250 -18.84 -29.95 -25.10
CA SER E 250 -18.00 -29.15 -26.00
C SER E 250 -18.61 -27.78 -26.26
N SER E 251 -17.81 -26.82 -26.69
CA SER E 251 -18.29 -25.45 -26.80
C SER E 251 -17.45 -24.54 -27.71
N LEU E 252 -17.94 -23.33 -27.93
CA LEU E 252 -17.32 -22.41 -28.86
C LEU E 252 -16.23 -21.54 -28.21
N ASN E 253 -15.14 -21.33 -28.95
CA ASN E 253 -14.02 -20.53 -28.47
C ASN E 253 -13.43 -20.97 -27.14
N ILE E 254 -13.12 -22.25 -26.99
CA ILE E 254 -12.41 -22.71 -25.79
C ILE E 254 -11.08 -23.43 -26.10
N SER E 255 -10.56 -23.21 -27.31
CA SER E 255 -9.23 -23.64 -27.73
C SER E 255 -9.15 -25.11 -28.08
N GLY E 256 -8.12 -25.44 -28.86
CA GLY E 256 -7.92 -26.78 -29.34
C GLY E 256 -7.43 -27.76 -28.30
N TYR E 257 -7.31 -27.34 -27.05
CA TYR E 257 -6.95 -28.27 -25.99
C TYR E 257 -8.15 -29.01 -25.46
N ASN E 258 -9.33 -28.42 -25.61
CA ASN E 258 -10.58 -29.11 -25.28
C ASN E 258 -11.12 -29.83 -26.50
N PHE E 259 -11.78 -30.97 -26.27
CA PHE E 259 -12.24 -31.82 -27.36
C PHE E 259 -13.55 -31.36 -27.97
N SER E 260 -13.74 -31.71 -29.24
CA SER E 260 -14.97 -31.41 -29.95
C SER E 260 -15.05 -32.36 -31.13
N LEU E 261 -16.24 -32.52 -31.68
CA LEU E 261 -16.43 -33.43 -32.81
C LEU E 261 -15.80 -32.83 -34.05
N GLY E 262 -15.89 -31.51 -34.17
CA GLY E 262 -15.37 -30.82 -35.34
C GLY E 262 -13.88 -30.97 -35.45
N ALA E 263 -13.18 -30.87 -34.33
CA ALA E 263 -11.74 -30.97 -34.30
C ALA E 263 -11.33 -32.42 -34.52
N ALA E 264 -12.15 -33.35 -34.05
CA ALA E 264 -11.84 -34.76 -34.23
C ALA E 264 -11.99 -35.12 -35.70
N VAL E 265 -12.99 -34.53 -36.35
CA VAL E 265 -13.21 -34.74 -37.77
C VAL E 265 -12.06 -34.15 -38.61
N LYS E 266 -11.62 -32.96 -38.23
CA LYS E 266 -10.47 -32.37 -38.89
C LYS E 266 -9.26 -33.30 -38.81
N ALA E 267 -9.02 -33.87 -37.65
CA ALA E 267 -7.91 -34.80 -37.50
C ALA E 267 -8.08 -36.06 -38.34
N GLY E 268 -9.30 -36.63 -38.34
CA GLY E 268 -9.56 -37.84 -39.07
C GLY E 268 -9.35 -37.67 -40.55
N ALA E 269 -9.55 -36.45 -41.03
CA ALA E 269 -9.38 -36.16 -42.43
C ALA E 269 -7.92 -36.37 -42.84
N CYS E 270 -7.00 -36.12 -41.92
CA CYS E 270 -5.57 -36.26 -42.18
C CYS E 270 -5.08 -37.69 -42.01
N MET E 271 -5.98 -38.57 -41.61
CA MET E 271 -5.62 -39.95 -41.36
C MET E 271 -5.72 -40.84 -42.60
N LEU E 272 -6.51 -40.42 -43.60
CA LEU E 272 -6.58 -41.15 -44.86
C LEU E 272 -5.69 -40.50 -45.87
N ASP E 273 -4.79 -41.28 -46.45
CA ASP E 273 -3.92 -40.71 -47.46
C ASP E 273 -4.65 -40.70 -48.79
N GLY E 274 -5.65 -39.84 -48.87
CA GLY E 274 -6.50 -39.69 -50.03
C GLY E 274 -7.78 -39.01 -49.57
N GLY E 275 -8.80 -39.04 -50.41
CA GLY E 275 -10.05 -38.39 -50.09
C GLY E 275 -10.04 -36.96 -50.58
N ASN E 276 -8.87 -36.46 -50.99
CA ASN E 276 -8.77 -35.08 -51.42
C ASN E 276 -9.39 -34.15 -50.39
N MET E 277 -8.95 -34.28 -49.15
CA MET E 277 -9.51 -33.49 -48.08
C MET E 277 -8.86 -32.11 -48.08
N LEU E 278 -9.69 -31.07 -47.95
CA LEU E 278 -9.18 -29.72 -47.88
C LEU E 278 -8.16 -29.55 -46.77
N GLU E 279 -8.38 -30.22 -45.66
CA GLU E 279 -7.50 -30.15 -44.52
C GLU E 279 -6.03 -30.38 -44.88
N THR E 280 -5.77 -31.20 -45.88
CA THR E 280 -4.39 -31.57 -46.20
C THR E 280 -3.74 -30.68 -47.26
N ILE E 281 -4.42 -29.60 -47.62
CA ILE E 281 -3.88 -28.62 -48.57
C ILE E 281 -2.69 -27.86 -48.00
N LYS E 282 -1.61 -27.79 -48.77
CA LYS E 282 -0.50 -26.91 -48.43
C LYS E 282 -0.46 -25.69 -49.33
N VAL E 283 -0.20 -24.53 -48.75
CA VAL E 283 -0.08 -23.30 -49.52
C VAL E 283 1.36 -22.79 -49.47
N SER E 284 1.85 -22.31 -50.61
CA SER E 284 3.17 -21.68 -50.71
C SER E 284 3.01 -20.41 -51.52
N PRO E 285 4.04 -19.56 -51.53
CA PRO E 285 3.93 -18.33 -52.32
C PRO E 285 3.71 -18.59 -53.82
N GLN E 286 4.29 -19.66 -54.33
CA GLN E 286 4.09 -20.03 -55.73
C GLN E 286 2.67 -20.55 -56.00
N THR E 287 2.21 -21.47 -55.17
CA THR E 287 0.92 -22.13 -55.39
C THR E 287 -0.28 -21.27 -54.94
N MET E 288 0.01 -20.14 -54.31
CA MET E 288 -1.04 -19.33 -53.72
C MET E 288 -2.11 -18.90 -54.72
N ASP E 289 -1.70 -18.31 -55.82
CA ASP E 289 -2.65 -17.77 -56.80
C ASP E 289 -3.46 -18.86 -57.48
N GLY E 290 -2.79 -19.95 -57.84
CA GLY E 290 -3.45 -21.10 -58.41
C GLY E 290 -4.59 -21.58 -57.55
N ILE E 291 -4.36 -21.62 -56.25
CA ILE E 291 -5.37 -22.04 -55.27
C ILE E 291 -6.56 -21.09 -55.19
N LEU E 292 -6.30 -19.81 -55.10
CA LEU E 292 -7.35 -18.78 -55.11
C LEU E 292 -8.16 -18.82 -56.39
N LYS E 293 -7.45 -18.91 -57.51
CA LYS E 293 -8.13 -18.98 -58.78
C LYS E 293 -9.05 -20.20 -58.86
N SER E 294 -8.53 -21.35 -58.46
CA SER E 294 -9.37 -22.55 -58.43
C SER E 294 -10.61 -22.39 -57.55
N ILE E 295 -10.46 -21.66 -56.45
CA ILE E 295 -11.57 -21.43 -55.53
C ILE E 295 -12.61 -20.54 -56.20
N LEU E 296 -12.14 -19.46 -56.77
CA LEU E 296 -13.02 -18.55 -57.50
C LEU E 296 -13.88 -19.29 -58.52
N LYS E 297 -13.27 -20.21 -59.26
CA LYS E 297 -13.95 -21.04 -60.25
C LYS E 297 -15.11 -21.83 -59.65
N VAL E 298 -14.90 -22.39 -58.47
CA VAL E 298 -15.96 -23.11 -57.75
C VAL E 298 -17.01 -22.12 -57.26
N LYS E 299 -16.55 -20.98 -56.76
CA LYS E 299 -17.43 -19.95 -56.25
C LYS E 299 -18.44 -19.59 -57.32
N LYS E 300 -17.94 -19.31 -58.51
CA LYS E 300 -18.78 -19.02 -59.67
C LYS E 300 -19.74 -20.16 -59.91
N ALA E 301 -19.19 -21.27 -60.38
CA ALA E 301 -19.96 -22.48 -60.65
C ALA E 301 -21.10 -22.78 -59.65
N LEU E 302 -20.82 -22.66 -58.35
CA LEU E 302 -21.83 -23.05 -57.36
C LEU E 302 -22.55 -21.85 -56.73
N GLY E 303 -22.12 -20.65 -57.10
CA GLY E 303 -22.71 -19.43 -56.56
C GLY E 303 -22.45 -19.20 -55.09
N MET E 304 -21.26 -19.60 -54.63
CA MET E 304 -20.89 -19.47 -53.22
C MET E 304 -20.69 -18.01 -52.86
N PHE E 305 -20.77 -17.70 -51.56
CA PHE E 305 -20.71 -16.33 -51.08
C PHE E 305 -20.37 -16.26 -49.59
N ILE E 306 -19.97 -15.07 -49.13
CA ILE E 306 -19.74 -14.82 -47.72
C ILE E 306 -21.07 -14.51 -47.04
N SER E 307 -21.41 -15.29 -46.02
CA SER E 307 -22.64 -15.05 -45.25
C SER E 307 -22.59 -13.70 -44.53
N ASP E 308 -23.75 -13.26 -44.04
CA ASP E 308 -23.85 -12.00 -43.28
C ASP E 308 -24.18 -12.25 -41.82
N THR E 309 -25.18 -13.09 -41.60
CA THR E 309 -25.49 -13.60 -40.28
C THR E 309 -24.19 -13.95 -39.57
N PRO E 310 -23.92 -13.33 -38.42
CA PRO E 310 -22.64 -13.49 -37.73
C PRO E 310 -22.31 -14.93 -37.30
N GLY E 311 -23.32 -15.74 -36.99
CA GLY E 311 -23.10 -17.08 -36.47
C GLY E 311 -22.69 -18.13 -37.49
N GLU E 312 -23.23 -18.03 -38.70
CA GLU E 312 -22.96 -19.01 -39.75
C GLU E 312 -21.61 -18.75 -40.42
N ARG E 313 -20.74 -19.76 -40.36
CA ARG E 313 -19.46 -19.74 -41.08
C ARG E 313 -19.45 -20.92 -42.04
N ASN E 314 -19.34 -20.64 -43.34
CA ASN E 314 -19.51 -21.68 -44.36
C ASN E 314 -18.24 -22.11 -45.10
N PRO E 315 -18.32 -23.22 -45.86
CA PRO E 315 -17.15 -23.75 -46.56
C PRO E 315 -16.36 -22.70 -47.33
N TYR E 316 -17.06 -21.75 -47.95
CA TYR E 316 -16.37 -20.75 -48.74
C TYR E 316 -15.58 -19.75 -47.88
N GLU E 317 -16.24 -19.12 -46.92
CA GLU E 317 -15.55 -18.15 -46.10
C GLU E 317 -14.49 -18.83 -45.25
N ASN E 318 -14.74 -20.08 -44.92
CA ASN E 318 -13.76 -20.86 -44.17
C ASN E 318 -12.42 -21.04 -44.92
N ILE E 319 -12.51 -21.57 -46.14
CA ILE E 319 -11.30 -21.78 -46.93
C ILE E 319 -10.64 -20.47 -47.29
N LEU E 320 -11.43 -19.44 -47.57
CA LEU E 320 -10.90 -18.14 -47.94
C LEU E 320 -10.11 -17.48 -46.80
N TYR E 321 -10.72 -17.37 -45.62
CA TYR E 321 -10.01 -16.84 -44.47
C TYR E 321 -8.75 -17.67 -44.19
N LYS E 322 -8.87 -18.98 -44.27
CA LYS E 322 -7.78 -19.84 -43.87
C LYS E 322 -6.59 -19.69 -44.79
N ILE E 323 -6.86 -19.61 -46.09
CA ILE E 323 -5.79 -19.48 -47.08
C ILE E 323 -5.05 -18.16 -46.95
N CYS E 324 -5.84 -17.10 -46.78
CA CYS E 324 -5.32 -15.75 -46.82
C CYS E 324 -4.62 -15.30 -45.56
N LEU E 325 -4.61 -16.13 -44.53
CA LEU E 325 -3.91 -15.78 -43.31
C LEU E 325 -2.39 -15.81 -43.52
N SER E 326 -1.95 -16.69 -44.41
CA SER E 326 -0.53 -16.82 -44.69
C SER E 326 -0.29 -17.57 -45.98
N GLY E 327 0.70 -17.11 -46.73
CA GLY E 327 1.02 -17.70 -48.00
C GLY E 327 2.04 -18.79 -47.84
N ASP E 328 2.22 -19.26 -46.62
CA ASP E 328 3.13 -20.37 -46.39
C ASP E 328 2.76 -21.18 -45.17
N GLY E 329 2.06 -22.29 -45.39
CA GLY E 329 1.74 -23.21 -44.32
C GLY E 329 0.73 -24.26 -44.74
N TRP E 330 0.09 -24.87 -43.75
CA TRP E 330 -1.04 -25.75 -43.98
C TRP E 330 -2.21 -25.04 -43.36
N PRO E 331 -2.99 -24.31 -44.17
CA PRO E 331 -4.08 -23.43 -43.74
C PRO E 331 -5.07 -24.01 -42.73
N TYR E 332 -5.34 -25.32 -42.80
CA TYR E 332 -6.34 -25.95 -41.94
C TYR E 332 -5.77 -26.59 -40.67
N ILE E 333 -4.54 -27.10 -40.75
CA ILE E 333 -4.08 -28.06 -39.77
C ILE E 333 -2.74 -27.75 -39.13
N ALA E 334 -2.10 -26.66 -39.52
CA ALA E 334 -0.76 -26.35 -39.02
C ALA E 334 -0.83 -25.64 -37.68
N SER E 335 0.34 -25.39 -37.10
CA SER E 335 0.43 -24.54 -35.91
C SER E 335 0.54 -23.09 -36.35
N ARG E 336 -0.53 -22.36 -36.11
CA ARG E 336 -0.60 -20.98 -36.55
C ARG E 336 -0.45 -19.98 -35.41
N THR E 337 -0.06 -20.43 -34.23
CA THR E 337 -0.01 -19.58 -33.06
C THR E 337 1.06 -18.49 -33.18
N SER E 338 1.99 -18.69 -34.10
CA SER E 338 3.08 -17.74 -34.32
C SER E 338 2.65 -16.54 -35.17
N ILE E 339 1.57 -16.73 -35.94
CA ILE E 339 1.10 -15.74 -36.90
C ILE E 339 0.50 -14.55 -36.20
N THR E 340 0.77 -13.35 -36.71
CA THR E 340 0.11 -12.16 -36.22
C THR E 340 -0.85 -11.68 -37.29
N GLY E 341 -1.99 -11.12 -36.89
CA GLY E 341 -2.91 -10.48 -37.82
C GLY E 341 -3.99 -11.36 -38.38
N ARG E 342 -4.91 -10.78 -39.13
CA ARG E 342 -6.00 -11.53 -39.74
C ARG E 342 -5.81 -11.68 -41.25
N ALA E 343 -6.65 -12.49 -41.88
CA ALA E 343 -6.51 -12.76 -43.31
C ALA E 343 -6.54 -11.50 -44.17
N TRP E 344 -7.46 -10.60 -43.85
CA TRP E 344 -7.57 -9.36 -44.59
C TRP E 344 -6.40 -8.39 -44.37
N GLU E 345 -5.55 -8.68 -43.38
CA GLU E 345 -4.35 -7.89 -43.18
C GLU E 345 -3.13 -8.53 -43.84
N ASN E 346 -3.12 -9.85 -43.90
CA ASN E 346 -1.94 -10.57 -44.34
C ASN E 346 -1.98 -10.89 -45.81
N THR E 347 -3.13 -10.69 -46.43
CA THR E 347 -3.27 -10.78 -47.88
C THR E 347 -3.96 -9.51 -48.41
N VAL E 348 -3.25 -8.77 -49.25
CA VAL E 348 -3.79 -7.56 -49.83
C VAL E 348 -3.84 -7.65 -51.36
N VAL E 349 -4.83 -6.97 -51.95
CA VAL E 349 -5.00 -6.95 -53.40
C VAL E 349 -4.37 -5.69 -54.01
N ASP E 350 -3.75 -5.83 -55.18
CA ASP E 350 -3.13 -4.70 -55.87
C ASP E 350 -3.71 -4.50 -57.28
N LEU E 351 -4.66 -3.56 -57.41
CA LEU E 351 -5.34 -3.35 -58.68
C LEU E 351 -4.51 -2.57 -59.71
N GLU E 352 -3.68 -1.66 -59.20
CA GLU E 352 -2.78 -0.84 -60.02
C GLU E 352 -3.44 0.34 -60.72
N SER G 22 -47.16 9.53 47.03
CA SER G 22 -45.83 9.56 46.41
C SER G 22 -45.96 9.71 44.90
N PHE G 23 -46.65 8.77 44.28
CA PHE G 23 -46.75 8.76 42.83
C PHE G 23 -47.37 10.06 42.30
N LEU G 24 -48.24 10.66 43.11
CA LEU G 24 -48.84 11.93 42.72
C LEU G 24 -47.80 13.04 42.67
N TRP G 25 -46.88 13.04 43.63
CA TRP G 25 -45.78 14.00 43.59
C TRP G 25 -44.94 13.78 42.34
N THR G 26 -44.60 12.51 42.14
CA THR G 26 -43.78 12.10 41.01
C THR G 26 -44.36 12.69 39.74
N GLN G 27 -45.68 12.51 39.57
CA GLN G 27 -46.35 12.91 38.34
C GLN G 27 -46.52 14.41 38.18
N SER G 28 -46.65 15.11 39.29
CA SER G 28 -46.77 16.56 39.25
C SER G 28 -45.44 17.14 38.81
N LEU G 29 -44.37 16.53 39.31
CA LEU G 29 -43.02 16.95 39.01
C LEU G 29 -42.72 16.74 37.54
N ARG G 30 -43.16 15.58 37.03
CA ARG G 30 -43.01 15.24 35.61
C ARG G 30 -43.63 16.32 34.72
N ARG G 31 -44.87 16.68 35.02
CA ARG G 31 -45.61 17.62 34.20
C ARG G 31 -44.95 19.00 34.25
N GLU G 32 -44.54 19.39 35.45
CA GLU G 32 -43.96 20.70 35.64
C GLU G 32 -42.62 20.80 34.94
N LEU G 33 -41.82 19.75 35.07
CA LEU G 33 -40.43 19.79 34.64
C LEU G 33 -40.23 19.29 33.21
N SER G 34 -41.32 18.83 32.59
CA SER G 34 -41.28 18.29 31.22
C SER G 34 -40.42 19.07 30.22
N GLY G 35 -40.34 20.37 30.39
CA GLY G 35 -39.56 21.18 29.46
C GLY G 35 -38.08 20.90 29.51
N TYR G 36 -37.60 20.39 30.64
CA TYR G 36 -36.18 20.09 30.81
C TYR G 36 -35.83 18.62 30.52
N CYS G 37 -36.85 17.81 30.26
CA CYS G 37 -36.65 16.41 29.90
C CYS G 37 -36.25 16.32 28.45
N SER G 38 -35.40 15.34 28.13
CA SER G 38 -34.89 15.15 26.77
C SER G 38 -34.97 13.69 26.30
N ASN G 39 -34.77 13.46 25.01
CA ASN G 39 -34.75 12.10 24.47
C ASN G 39 -33.34 11.55 24.53
N ILE G 40 -33.12 10.50 25.33
CA ILE G 40 -31.76 10.01 25.51
C ILE G 40 -31.58 8.53 25.21
N LYS G 41 -32.63 7.89 24.69
CA LYS G 41 -32.55 6.48 24.34
C LYS G 41 -31.28 6.14 23.58
N LEU G 42 -31.03 6.88 22.51
CA LEU G 42 -29.82 6.78 21.71
C LEU G 42 -28.55 6.71 22.53
N GLN G 43 -28.25 7.75 23.29
CA GLN G 43 -27.04 7.80 24.11
C GLN G 43 -26.96 6.63 25.05
N VAL G 44 -28.02 6.41 25.82
CA VAL G 44 -28.02 5.34 26.77
C VAL G 44 -27.69 4.02 26.10
N VAL G 45 -28.30 3.77 24.95
CA VAL G 45 -27.98 2.55 24.21
C VAL G 45 -26.55 2.54 23.66
N LYS G 46 -26.10 3.66 23.11
CA LYS G 46 -24.73 3.79 22.65
C LYS G 46 -23.78 3.48 23.81
N ASP G 47 -24.04 4.04 24.98
CA ASP G 47 -23.19 3.82 26.15
C ASP G 47 -23.19 2.35 26.60
N ALA G 48 -24.35 1.74 26.60
CA ALA G 48 -24.44 0.32 26.92
C ALA G 48 -23.56 -0.51 25.99
N GLN G 49 -23.54 -0.15 24.73
CA GLN G 49 -22.73 -0.85 23.75
C GLN G 49 -21.25 -0.71 24.11
N ALA G 50 -20.82 0.52 24.38
CA ALA G 50 -19.47 0.79 24.81
C ALA G 50 -19.06 -0.14 25.93
N LEU G 51 -19.90 -0.26 26.95
CA LEU G 51 -19.59 -1.09 28.09
C LEU G 51 -19.49 -2.54 27.69
N LEU G 52 -20.45 -3.01 26.90
CA LEU G 52 -20.46 -4.39 26.42
C LEU G 52 -19.18 -4.77 25.68
N HIS G 53 -18.63 -3.82 24.94
CA HIS G 53 -17.40 -4.05 24.19
C HIS G 53 -16.10 -3.85 24.96
N GLY G 54 -16.11 -2.94 25.94
CA GLY G 54 -14.89 -2.53 26.62
C GLY G 54 -14.70 -2.95 28.06
N LEU G 55 -15.78 -3.31 28.74
CA LEU G 55 -15.71 -3.55 30.17
C LEU G 55 -15.24 -4.98 30.46
N ASP G 56 -14.55 -5.17 31.59
CA ASP G 56 -14.17 -6.49 32.08
C ASP G 56 -15.30 -7.10 32.89
N PHE G 57 -16.14 -7.93 32.26
CA PHE G 57 -17.30 -8.45 32.95
C PHE G 57 -16.94 -9.53 33.95
N SER G 58 -15.68 -9.92 33.95
CA SER G 58 -15.14 -10.83 34.94
C SER G 58 -15.03 -10.07 36.25
N GLU G 59 -14.42 -8.89 36.21
CA GLU G 59 -14.37 -8.04 37.39
C GLU G 59 -15.76 -7.59 37.83
N VAL G 60 -16.66 -7.35 36.88
CA VAL G 60 -18.04 -7.04 37.24
C VAL G 60 -18.62 -8.12 38.15
N SER G 61 -18.40 -9.39 37.81
CA SER G 61 -18.85 -10.50 38.65
C SER G 61 -18.26 -10.43 40.06
N ASN G 62 -16.99 -10.11 40.17
CA ASN G 62 -16.37 -10.03 41.44
C ASN G 62 -16.92 -8.92 42.28
N VAL G 63 -16.92 -7.73 41.73
CA VAL G 63 -17.47 -6.63 42.48
C VAL G 63 -18.91 -6.89 42.92
N GLN G 64 -19.69 -7.55 42.09
CA GLN G 64 -21.06 -7.91 42.45
C GLN G 64 -21.06 -8.69 43.76
N ARG G 65 -20.22 -9.72 43.83
CA ARG G 65 -20.03 -10.55 45.02
C ARG G 65 -19.48 -9.80 46.21
N LEU G 66 -18.32 -9.17 46.02
CA LEU G 66 -17.76 -8.32 47.05
C LEU G 66 -18.78 -7.37 47.66
N MET G 67 -19.70 -6.83 46.86
CA MET G 67 -20.66 -5.86 47.38
C MET G 67 -21.71 -6.52 48.23
N ARG G 68 -21.85 -7.83 48.09
CA ARG G 68 -22.87 -8.57 48.82
C ARG G 68 -22.47 -9.07 50.23
N LYS G 69 -21.16 -9.20 50.48
CA LYS G 69 -20.67 -9.49 51.83
C LYS G 69 -21.26 -8.55 52.88
N GLU G 70 -21.45 -9.04 54.10
CA GLU G 70 -21.91 -8.14 55.17
C GLU G 70 -20.74 -7.36 55.77
N ARG G 71 -19.59 -7.99 55.90
CA ARG G 71 -18.44 -7.27 56.42
C ARG G 71 -17.56 -6.81 55.27
N ARG G 72 -17.71 -5.55 54.87
CA ARG G 72 -16.98 -5.01 53.75
C ARG G 72 -15.90 -4.03 54.21
N ASP G 73 -14.70 -4.12 53.65
CA ASP G 73 -13.57 -3.29 54.08
C ASP G 73 -13.08 -2.35 52.97
N ASP G 74 -11.94 -1.71 53.20
CA ASP G 74 -11.36 -0.82 52.20
C ASP G 74 -10.89 -1.52 50.94
N ASN G 75 -10.50 -2.79 51.03
CA ASN G 75 -10.05 -3.52 49.86
C ASN G 75 -11.20 -3.73 48.88
N ASP G 76 -12.38 -3.97 49.45
CA ASP G 76 -13.59 -4.14 48.66
C ASP G 76 -14.02 -2.81 48.07
N LEU G 77 -13.96 -1.75 48.86
CA LEU G 77 -14.31 -0.42 48.38
C LEU G 77 -13.35 0.04 47.29
N LYS G 78 -12.07 -0.27 47.50
CA LYS G 78 -11.00 -0.03 46.55
C LYS G 78 -11.35 -0.68 45.21
N ARG G 79 -11.87 -1.89 45.25
CA ARG G 79 -12.25 -2.64 44.08
C ARG G 79 -13.43 -2.00 43.35
N LEU G 80 -14.43 -1.57 44.10
CA LEU G 80 -15.61 -0.92 43.56
C LEU G 80 -15.29 0.38 42.81
N ARG G 81 -14.47 1.21 43.43
CA ARG G 81 -14.16 2.51 42.86
C ARG G 81 -13.34 2.39 41.59
N ASP G 82 -12.48 1.39 41.53
CA ASP G 82 -11.68 1.15 40.33
C ASP G 82 -12.58 0.74 39.17
N LEU G 83 -13.48 -0.21 39.41
CA LEU G 83 -14.45 -0.57 38.41
C LEU G 83 -15.26 0.65 37.98
N ASN G 84 -15.68 1.46 38.92
CA ASN G 84 -16.46 2.65 38.59
C ASN G 84 -15.72 3.56 37.62
N GLN G 85 -14.41 3.64 37.77
CA GLN G 85 -13.62 4.51 36.93
C GLN G 85 -13.55 3.95 35.56
N ALA G 86 -13.46 2.64 35.46
CA ALA G 86 -13.46 1.97 34.16
C ALA G 86 -14.71 2.31 33.39
N VAL G 87 -15.84 2.24 34.08
CA VAL G 87 -17.12 2.55 33.51
C VAL G 87 -17.21 4.02 33.17
N ASN G 88 -16.70 4.90 34.05
CA ASN G 88 -16.74 6.33 33.77
C ASN G 88 -16.02 6.65 32.46
N ASN G 89 -15.03 5.85 32.13
CA ASN G 89 -14.26 6.08 30.92
C ASN G 89 -14.89 5.60 29.66
N LEU G 90 -15.90 4.74 29.75
CA LEU G 90 -16.49 4.22 28.53
C LEU G 90 -17.76 4.96 28.11
N VAL G 91 -18.29 5.77 29.01
CA VAL G 91 -19.60 6.38 28.80
C VAL G 91 -19.55 7.88 28.59
N GLU G 92 -20.53 8.39 27.82
CA GLU G 92 -20.61 9.82 27.49
C GLU G 92 -21.51 10.61 28.44
N LEU G 93 -22.56 9.98 28.93
CA LEU G 93 -23.47 10.62 29.87
C LEU G 93 -22.88 10.69 31.26
N LYS G 94 -22.08 11.73 31.51
CA LYS G 94 -21.48 11.91 32.81
C LYS G 94 -22.00 13.17 33.48
N SER G 95 -21.88 13.22 34.80
CA SER G 95 -21.97 14.46 35.54
C SER G 95 -20.53 14.90 35.88
N THR G 96 -20.31 16.21 35.92
CA THR G 96 -18.98 16.71 36.25
C THR G 96 -19.06 17.57 37.50
N GLN G 97 -17.93 17.70 38.18
CA GLN G 97 -17.90 18.51 39.39
C GLN G 97 -18.23 19.96 39.06
N GLN G 98 -19.33 20.43 39.61
CA GLN G 98 -19.84 21.77 39.32
C GLN G 98 -20.51 22.36 40.53
N LYS G 99 -19.74 23.11 41.32
CA LYS G 99 -20.26 23.81 42.48
C LYS G 99 -21.30 24.84 42.04
N SER G 100 -22.39 24.95 42.80
CA SER G 100 -23.44 25.91 42.51
C SER G 100 -23.67 26.85 43.70
N ILE G 101 -23.74 28.15 43.41
CA ILE G 101 -24.17 29.13 44.40
C ILE G 101 -25.50 29.75 43.99
N LEU G 102 -26.50 29.58 44.86
CA LEU G 102 -27.85 30.05 44.56
C LEU G 102 -28.08 31.48 45.06
N ARG G 103 -28.47 32.36 44.15
CA ARG G 103 -28.65 33.77 44.49
C ARG G 103 -30.00 34.29 44.03
N VAL G 104 -30.37 35.42 44.61
CA VAL G 104 -31.63 36.07 44.26
C VAL G 104 -31.52 36.50 42.81
N GLY G 105 -32.21 35.75 41.95
CA GLY G 105 -32.21 36.01 40.53
C GLY G 105 -33.56 35.56 40.03
N THR G 106 -33.59 34.58 39.14
CA THR G 106 -34.86 34.02 38.74
C THR G 106 -35.45 33.31 39.96
N LEU G 107 -34.62 33.17 40.99
CA LEU G 107 -35.03 32.66 42.29
C LEU G 107 -35.34 33.80 43.28
N THR G 108 -36.54 33.75 43.88
CA THR G 108 -36.92 34.73 44.89
C THR G 108 -36.10 34.56 46.13
N SER G 109 -36.24 35.50 47.07
CA SER G 109 -35.48 35.43 48.30
C SER G 109 -36.15 34.49 49.30
N ASP G 110 -37.45 34.30 49.15
CA ASP G 110 -38.18 33.30 49.94
C ASP G 110 -37.76 31.92 49.50
N ASP G 111 -37.62 31.74 48.19
CA ASP G 111 -37.16 30.49 47.62
C ASP G 111 -35.80 30.07 48.20
N LEU G 112 -34.85 31.00 48.22
CA LEU G 112 -33.55 30.71 48.81
C LEU G 112 -33.66 30.21 50.25
N LEU G 113 -34.62 30.77 50.99
CA LEU G 113 -34.83 30.37 52.37
C LEU G 113 -35.30 28.92 52.44
N ILE G 114 -36.32 28.58 51.63
CA ILE G 114 -36.83 27.22 51.57
C ILE G 114 -35.71 26.25 51.19
N LEU G 115 -34.99 26.58 50.12
CA LEU G 115 -33.91 25.72 49.65
C LEU G 115 -32.86 25.53 50.73
N ALA G 116 -32.40 26.64 51.30
CA ALA G 116 -31.35 26.62 52.32
C ALA G 116 -31.76 25.75 53.51
N ALA G 117 -33.05 25.79 53.83
CA ALA G 117 -33.60 25.01 54.94
C ALA G 117 -33.70 23.54 54.57
N ASP G 118 -34.21 23.28 53.37
CA ASP G 118 -34.40 21.90 52.90
C ASP G 118 -33.07 21.18 52.70
N LEU G 119 -32.07 21.91 52.21
CA LEU G 119 -30.74 21.33 52.09
C LEU G 119 -30.26 20.92 53.47
N GLU G 120 -30.49 21.78 54.46
CA GLU G 120 -30.10 21.50 55.83
C GLU G 120 -30.78 20.22 56.37
N LYS G 121 -32.09 20.12 56.10
CA LYS G 121 -32.85 18.92 56.44
C LYS G 121 -32.18 17.65 55.92
N LEU G 122 -31.79 17.66 54.64
CA LEU G 122 -31.11 16.52 54.04
C LEU G 122 -29.88 16.20 54.84
N LYS G 123 -29.05 17.21 55.06
CA LYS G 123 -27.81 17.02 55.80
C LYS G 123 -28.05 16.34 57.15
N SER G 124 -29.07 16.82 57.85
CA SER G 124 -29.32 16.37 59.22
C SER G 124 -29.77 14.91 59.30
N LYS G 125 -30.57 14.46 58.33
CA LYS G 125 -30.99 13.07 58.32
C LYS G 125 -29.79 12.14 58.24
N VAL G 126 -28.72 12.59 57.58
CA VAL G 126 -27.56 11.75 57.44
C VAL G 126 -27.05 11.52 58.83
N ILE G 127 -26.90 12.63 59.55
CA ILE G 127 -26.38 12.58 60.92
C ILE G 127 -27.23 11.72 61.90
N ARG G 128 -28.54 11.95 61.96
CA ARG G 128 -29.40 11.15 62.85
C ARG G 128 -30.04 9.94 62.15
N LEU G 142 -7.56 -3.60 67.46
CA LEU G 142 -8.57 -4.21 68.34
C LEU G 142 -8.10 -5.43 69.13
N SER G 143 -9.07 -6.24 69.58
CA SER G 143 -8.91 -7.28 70.62
C SER G 143 -8.45 -8.67 70.10
N SER G 144 -7.95 -9.54 70.99
CA SER G 144 -7.56 -10.92 70.64
C SER G 144 -8.69 -11.95 70.75
N GLN G 145 -8.43 -13.16 70.27
CA GLN G 145 -9.42 -14.24 70.27
C GLN G 145 -9.93 -14.57 71.68
N GLN G 146 -9.01 -14.88 72.59
CA GLN G 146 -9.34 -15.17 73.99
C GLN G 146 -9.74 -13.91 74.75
N LEU G 147 -9.53 -12.76 74.12
CA LEU G 147 -10.03 -11.49 74.65
C LEU G 147 -11.50 -11.38 74.24
N ASP G 148 -11.85 -12.04 73.14
CA ASP G 148 -13.18 -11.92 72.57
C ASP G 148 -14.21 -12.87 73.13
N GLN G 149 -13.72 -14.01 73.61
CA GLN G 149 -14.61 -14.95 74.25
C GLN G 149 -14.91 -14.44 75.65
N ARG G 150 -13.88 -14.06 76.39
CA ARG G 150 -14.11 -13.45 77.69
C ARG G 150 -15.10 -12.29 77.62
N ARG G 151 -15.13 -11.58 76.50
CA ARG G 151 -16.16 -10.56 76.28
C ARG G 151 -17.54 -11.21 76.31
N ALA G 152 -17.78 -12.11 75.35
CA ALA G 152 -18.99 -12.93 75.27
C ALA G 152 -19.38 -13.42 76.67
N LEU G 153 -18.54 -14.28 77.22
CA LEU G 153 -18.52 -14.62 78.63
C LEU G 153 -19.12 -13.48 79.50
N LEU G 154 -18.46 -12.33 79.48
CA LEU G 154 -18.74 -11.26 80.45
C LEU G 154 -20.02 -10.45 80.22
N ASN G 155 -20.57 -10.51 79.01
CA ASN G 155 -21.74 -9.69 78.68
C ASN G 155 -22.99 -10.38 79.12
N MET G 156 -22.91 -11.70 79.16
CA MET G 156 -23.89 -12.54 79.79
C MET G 156 -23.99 -12.24 81.28
N ILE G 157 -22.94 -12.62 82.01
CA ILE G 157 -22.94 -12.45 83.47
C ILE G 157 -23.27 -11.02 83.87
N GLY G 158 -22.87 -10.07 83.00
CA GLY G 158 -23.07 -8.63 83.20
C GLY G 158 -24.51 -8.21 82.94
N MET G 159 -25.07 -8.69 81.83
CA MET G 159 -26.41 -8.33 81.37
C MET G 159 -26.81 -9.22 80.18
N ARG G 175 -25.26 -5.35 57.59
CA ARG G 175 -24.25 -5.17 56.53
C ARG G 175 -23.27 -4.02 56.82
N VAL G 176 -22.41 -4.22 57.84
CA VAL G 176 -21.47 -3.19 58.29
C VAL G 176 -20.46 -2.69 57.22
N TRP G 177 -19.69 -1.65 57.56
CA TRP G 177 -18.70 -1.04 56.66
C TRP G 177 -17.44 -0.62 57.40
N ASP G 178 -16.35 -1.37 57.23
CA ASP G 178 -15.13 -1.09 57.99
C ASP G 178 -14.11 -0.35 57.14
N VAL G 179 -14.22 0.98 57.11
CA VAL G 179 -13.37 1.79 56.24
C VAL G 179 -12.72 2.96 56.98
N LYS G 180 -11.50 3.33 56.57
CA LYS G 180 -10.78 4.37 57.28
C LYS G 180 -11.29 5.78 56.92
N ASN G 181 -11.81 5.96 55.72
CA ASN G 181 -12.42 7.24 55.36
C ASN G 181 -13.71 7.03 54.59
N ALA G 182 -14.84 7.38 55.21
CA ALA G 182 -16.14 7.06 54.65
C ALA G 182 -16.60 8.07 53.63
N GLU G 183 -15.79 9.10 53.40
CA GLU G 183 -16.10 10.03 52.32
C GLU G 183 -15.84 9.38 50.94
N LEU G 184 -15.14 8.23 50.94
CA LEU G 184 -14.88 7.46 49.72
C LEU G 184 -16.04 6.57 49.31
N LEU G 185 -17.08 6.49 50.13
CA LEU G 185 -18.28 5.78 49.72
C LEU G 185 -19.15 6.72 48.92
N SER G 186 -19.04 8.02 49.18
CA SER G 186 -19.88 9.02 48.55
C SER G 186 -19.84 8.96 47.01
N ASN G 187 -20.99 8.72 46.39
CA ASN G 187 -21.13 8.70 44.94
C ASN G 187 -20.65 7.47 44.16
N GLN G 188 -20.25 6.44 44.89
CA GLN G 188 -19.78 5.22 44.26
C GLN G 188 -20.89 4.18 44.14
N PHE G 189 -22.07 4.47 44.66
CA PHE G 189 -23.10 3.45 44.81
C PHE G 189 -24.35 3.68 44.00
N GLY G 190 -24.29 4.64 43.08
CA GLY G 190 -25.45 4.97 42.27
C GLY G 190 -25.83 3.94 41.23
N THR G 191 -27.04 4.07 40.67
CA THR G 191 -27.47 3.24 39.56
C THR G 191 -27.52 4.04 38.26
N MET G 192 -27.17 3.37 37.15
CA MET G 192 -26.98 4.02 35.86
C MET G 192 -27.55 3.14 34.77
N PRO G 193 -28.55 3.64 34.04
CA PRO G 193 -29.26 2.86 33.02
C PRO G 193 -28.34 2.11 32.03
N SER G 194 -27.34 2.80 31.50
CA SER G 194 -26.44 2.20 30.52
C SER G 194 -25.71 0.99 31.09
N LEU G 195 -25.38 1.07 32.38
CA LEU G 195 -24.73 -0.04 33.07
C LEU G 195 -25.69 -1.19 33.34
N THR G 196 -26.93 -0.85 33.67
CA THR G 196 -27.96 -1.87 33.89
C THR G 196 -28.20 -2.66 32.61
N LEU G 197 -28.37 -1.95 31.52
CA LEU G 197 -28.52 -2.57 30.23
C LEU G 197 -27.39 -3.52 29.91
N ALA G 198 -26.17 -3.04 30.05
CA ALA G 198 -25.01 -3.83 29.70
C ALA G 198 -24.95 -5.11 30.51
N CYS G 199 -25.15 -5.02 31.83
CA CYS G 199 -25.07 -6.19 32.67
C CYS G 199 -26.20 -7.17 32.45
N LEU G 200 -27.41 -6.65 32.23
CA LEU G 200 -28.53 -7.50 31.88
C LEU G 200 -28.21 -8.28 30.63
N THR G 201 -27.60 -7.61 29.67
CA THR G 201 -27.33 -8.21 28.39
C THR G 201 -26.24 -9.27 28.46
N LYS G 202 -25.08 -8.96 29.02
CA LYS G 202 -24.02 -9.98 29.10
C LYS G 202 -24.43 -11.12 30.04
N GLN G 203 -24.90 -10.79 31.22
CA GLN G 203 -25.18 -11.83 32.20
C GLN G 203 -26.41 -12.64 31.82
N GLY G 204 -27.38 -12.00 31.20
CA GLY G 204 -28.56 -12.71 30.74
C GLY G 204 -28.35 -13.45 29.43
N GLN G 205 -27.22 -13.20 28.77
CA GLN G 205 -26.93 -13.79 27.48
C GLN G 205 -28.05 -13.58 26.47
N VAL G 206 -28.33 -12.32 26.15
CA VAL G 206 -29.32 -11.99 25.14
C VAL G 206 -28.78 -10.88 24.27
N ASP G 207 -29.59 -10.41 23.33
CA ASP G 207 -29.24 -9.30 22.47
C ASP G 207 -29.51 -8.00 23.17
N LEU G 208 -28.61 -7.03 23.00
CA LEU G 208 -28.84 -5.72 23.60
C LEU G 208 -30.28 -5.28 23.34
N ASN G 209 -30.78 -5.61 22.17
CA ASN G 209 -32.16 -5.25 21.82
C ASN G 209 -33.23 -5.93 22.69
N ASP G 210 -33.06 -7.21 22.99
CA ASP G 210 -34.01 -7.90 23.84
C ASP G 210 -34.15 -7.21 25.19
N ALA G 211 -33.03 -6.76 25.72
CA ALA G 211 -33.02 -6.05 26.97
C ALA G 211 -33.75 -4.71 26.84
N VAL G 212 -33.45 -3.99 25.78
CA VAL G 212 -34.11 -2.71 25.57
C VAL G 212 -35.63 -2.86 25.51
N GLN G 213 -36.12 -3.84 24.77
CA GLN G 213 -37.56 -4.00 24.64
C GLN G 213 -38.20 -4.33 26.00
N ALA G 214 -37.61 -5.28 26.71
CA ALA G 214 -38.09 -5.62 28.05
C ALA G 214 -38.17 -4.38 28.94
N LEU G 215 -37.08 -3.63 29.04
CA LEU G 215 -37.06 -2.47 29.91
C LEU G 215 -38.02 -1.39 29.46
N THR G 216 -38.32 -1.36 28.17
CA THR G 216 -39.27 -0.36 27.66
C THR G 216 -40.67 -0.62 28.24
N ASP G 217 -41.03 -1.89 28.38
CA ASP G 217 -42.32 -2.23 28.94
C ASP G 217 -42.44 -1.73 30.39
N LEU G 218 -41.43 -2.05 31.19
CA LEU G 218 -41.32 -1.46 32.52
C LEU G 218 -41.51 0.05 32.48
N GLY G 219 -40.87 0.68 31.53
CA GLY G 219 -40.93 2.13 31.40
C GLY G 219 -42.33 2.65 31.12
N LEU G 220 -43.09 1.96 30.28
CA LEU G 220 -44.47 2.36 29.99
C LEU G 220 -45.37 2.21 31.24
N ILE G 221 -45.30 1.04 31.88
CA ILE G 221 -45.99 0.87 33.14
C ILE G 221 -45.68 2.04 34.08
N TYR G 222 -44.42 2.40 34.14
CA TYR G 222 -43.93 3.40 35.07
C TYR G 222 -44.58 4.76 34.87
N THR G 223 -45.21 4.96 33.71
CA THR G 223 -45.85 6.25 33.43
C THR G 223 -47.22 6.31 34.14
N ALA G 224 -47.72 5.15 34.54
CA ALA G 224 -49.02 5.06 35.17
C ALA G 224 -48.94 4.73 36.68
N LYS G 225 -48.04 3.83 37.06
CA LYS G 225 -47.86 3.44 38.46
C LYS G 225 -46.40 3.10 38.75
N TYR G 226 -46.06 2.96 40.04
CA TYR G 226 -44.78 2.39 40.43
C TYR G 226 -44.81 0.90 40.17
N PRO G 227 -43.98 0.43 39.24
CA PRO G 227 -43.97 -1.02 38.98
C PRO G 227 -43.52 -1.77 40.22
N ASN G 228 -44.06 -2.97 40.43
CA ASN G 228 -43.67 -3.75 41.60
C ASN G 228 -43.41 -5.22 41.23
N THR G 229 -43.15 -6.04 42.23
CA THR G 229 -42.66 -7.39 42.02
C THR G 229 -43.64 -8.27 41.25
N SER G 230 -44.92 -8.06 41.48
CA SER G 230 -45.94 -8.87 40.82
C SER G 230 -45.94 -8.50 39.34
N ASP G 231 -45.92 -7.20 39.07
CA ASP G 231 -45.88 -6.69 37.71
C ASP G 231 -44.67 -7.25 36.97
N LEU G 232 -43.51 -7.16 37.62
CA LEU G 232 -42.29 -7.73 37.07
C LEU G 232 -42.50 -9.22 36.72
N ASP G 233 -43.14 -9.96 37.62
CA ASP G 233 -43.39 -11.38 37.41
C ASP G 233 -44.33 -11.66 36.23
N ARG G 234 -45.37 -10.87 36.07
CA ARG G 234 -46.22 -11.04 34.89
C ARG G 234 -45.41 -10.73 33.62
N LEU G 235 -44.64 -9.65 33.66
CA LEU G 235 -43.86 -9.20 32.50
C LEU G 235 -42.87 -10.27 32.01
N THR G 236 -42.42 -11.10 32.94
CA THR G 236 -41.43 -12.12 32.64
C THR G 236 -41.88 -13.15 31.59
N GLN G 237 -43.19 -13.27 31.39
CA GLN G 237 -43.70 -14.21 30.39
C GLN G 237 -43.23 -13.84 28.98
N SER G 238 -43.53 -12.62 28.58
CA SER G 238 -43.12 -12.11 27.27
C SER G 238 -41.61 -11.74 27.20
N HIS G 239 -40.98 -11.61 28.37
CA HIS G 239 -39.61 -11.12 28.46
C HIS G 239 -38.76 -11.90 29.43
N PRO G 240 -38.30 -13.08 29.01
CA PRO G 240 -37.51 -14.01 29.81
C PRO G 240 -36.33 -13.31 30.47
N ILE G 241 -35.75 -12.33 29.78
CA ILE G 241 -34.58 -11.62 30.27
C ILE G 241 -34.79 -11.08 31.68
N LEU G 242 -36.04 -10.72 32.00
CA LEU G 242 -36.37 -10.09 33.29
C LEU G 242 -36.27 -11.04 34.47
N ASN G 243 -36.08 -12.32 34.20
CA ASN G 243 -35.84 -13.32 35.25
C ASN G 243 -34.57 -12.96 36.00
N MET G 244 -33.70 -12.22 35.32
CA MET G 244 -32.41 -11.83 35.85
C MET G 244 -32.55 -10.85 37.01
N ILE G 245 -33.60 -10.04 36.95
CA ILE G 245 -33.94 -9.16 38.06
C ILE G 245 -34.69 -9.96 39.12
N ASP G 246 -33.94 -10.51 40.08
CA ASP G 246 -34.51 -11.31 41.14
C ASP G 246 -34.75 -10.47 42.39
N THR G 247 -36.00 -10.14 42.60
CA THR G 247 -36.38 -9.16 43.61
C THR G 247 -36.23 -9.75 45.02
N LYS G 248 -36.25 -11.08 45.13
CA LYS G 248 -35.98 -11.73 46.40
C LYS G 248 -34.53 -11.45 46.81
N LYS G 249 -33.62 -11.58 45.84
CA LYS G 249 -32.18 -11.49 46.09
C LYS G 249 -31.62 -10.06 46.04
N SER G 250 -32.43 -9.08 45.65
CA SER G 250 -31.95 -7.70 45.59
C SER G 250 -31.95 -7.06 46.98
N SER G 251 -31.15 -6.01 47.13
CA SER G 251 -30.93 -5.43 48.45
C SER G 251 -30.39 -3.98 48.42
N LEU G 252 -30.31 -3.36 49.59
CA LEU G 252 -29.95 -1.94 49.71
C LEU G 252 -28.44 -1.70 49.83
N ASN G 253 -27.96 -0.67 49.14
CA ASN G 253 -26.55 -0.31 49.16
C ASN G 253 -25.61 -1.40 48.71
N ILE G 254 -25.91 -2.06 47.59
CA ILE G 254 -24.97 -3.02 47.04
C ILE G 254 -24.53 -2.68 45.61
N SER G 255 -24.64 -1.40 45.26
CA SER G 255 -24.10 -0.86 44.01
C SER G 255 -24.89 -1.22 42.75
N GLY G 256 -24.75 -0.39 41.72
CA GLY G 256 -25.45 -0.59 40.47
C GLY G 256 -24.98 -1.75 39.60
N TYR G 257 -24.06 -2.56 40.10
CA TYR G 257 -23.65 -3.75 39.36
C TYR G 257 -24.58 -4.91 39.66
N ASN G 258 -25.20 -4.91 40.83
CA ASN G 258 -26.23 -5.89 41.12
C ASN G 258 -27.57 -5.40 40.64
N PHE G 259 -28.45 -6.31 40.25
CA PHE G 259 -29.74 -5.95 39.68
C PHE G 259 -30.79 -5.65 40.73
N SER G 260 -31.76 -4.83 40.35
CA SER G 260 -32.88 -4.50 41.21
C SER G 260 -34.02 -4.05 40.33
N LEU G 261 -35.24 -4.07 40.85
CA LEU G 261 -36.39 -3.59 40.07
C LEU G 261 -36.34 -2.09 39.90
N GLY G 262 -35.88 -1.40 40.94
CA GLY G 262 -35.82 0.04 40.89
C GLY G 262 -34.88 0.54 39.81
N ALA G 263 -33.73 -0.12 39.69
CA ALA G 263 -32.74 0.27 38.73
C ALA G 263 -33.22 -0.06 37.33
N ALA G 264 -33.94 -1.17 37.21
CA ALA G 264 -34.50 -1.57 35.92
C ALA G 264 -35.52 -0.56 35.46
N VAL G 265 -36.32 -0.08 36.39
CA VAL G 265 -37.33 0.92 36.09
C VAL G 265 -36.69 2.23 35.66
N LYS G 266 -35.62 2.62 36.36
CA LYS G 266 -34.89 3.83 36.01
C LYS G 266 -34.40 3.74 34.57
N ALA G 267 -33.93 2.57 34.19
CA ALA G 267 -33.47 2.33 32.84
C ALA G 267 -34.62 2.40 31.85
N GLY G 268 -35.71 1.73 32.18
CA GLY G 268 -36.84 1.68 31.27
C GLY G 268 -37.38 3.06 30.97
N ALA G 269 -37.25 3.96 31.94
CA ALA G 269 -37.72 5.34 31.78
C ALA G 269 -37.02 6.04 30.62
N CYS G 270 -35.76 5.69 30.41
CA CYS G 270 -34.94 6.31 29.37
C CYS G 270 -35.18 5.66 28.01
N MET G 271 -35.98 4.60 28.00
CA MET G 271 -36.22 3.84 26.77
C MET G 271 -37.37 4.39 25.95
N LEU G 272 -38.23 5.20 26.55
CA LEU G 272 -39.28 5.86 25.80
C LEU G 272 -38.90 7.29 25.55
N ASP G 273 -38.98 7.70 24.28
CA ASP G 273 -38.63 9.07 23.96
C ASP G 273 -39.85 9.95 24.15
N GLY G 274 -40.20 10.10 25.42
CA GLY G 274 -41.35 10.87 25.85
C GLY G 274 -41.69 10.40 27.25
N GLY G 275 -42.88 10.76 27.72
CA GLY G 275 -43.33 10.39 29.05
C GLY G 275 -42.92 11.44 30.06
N ASN G 276 -42.12 12.41 29.61
CA ASN G 276 -41.61 13.44 30.50
C ASN G 276 -41.07 12.84 31.78
N MET G 277 -40.20 11.85 31.66
CA MET G 277 -39.67 11.16 32.82
C MET G 277 -38.59 11.99 33.47
N LEU G 278 -38.62 12.09 34.78
CA LEU G 278 -37.62 12.86 35.52
C LEU G 278 -36.19 12.38 35.23
N GLU G 279 -36.07 11.07 35.04
CA GLU G 279 -34.79 10.43 34.75
C GLU G 279 -34.05 11.08 33.59
N THR G 280 -34.78 11.58 32.62
CA THR G 280 -34.15 12.16 31.43
C THR G 280 -33.87 13.66 31.53
N ILE G 281 -33.94 14.20 32.73
CA ILE G 281 -33.71 15.62 32.91
C ILE G 281 -32.22 15.93 32.85
N LYS G 282 -31.86 16.95 32.09
CA LYS G 282 -30.48 17.44 32.14
C LYS G 282 -30.39 18.77 32.87
N VAL G 283 -29.36 18.91 33.69
CA VAL G 283 -29.10 20.14 34.40
C VAL G 283 -27.81 20.82 33.88
N SER G 284 -27.87 22.14 33.72
CA SER G 284 -26.70 22.94 33.38
C SER G 284 -26.68 24.17 34.27
N PRO G 285 -25.56 24.89 34.31
CA PRO G 285 -25.50 26.08 35.17
C PRO G 285 -26.58 27.12 34.84
N GLN G 286 -26.96 27.22 33.57
CA GLN G 286 -28.00 28.15 33.15
C GLN G 286 -29.37 27.69 33.59
N THR G 287 -29.67 26.42 33.31
CA THR G 287 -31.01 25.86 33.59
C THR G 287 -31.25 25.51 35.06
N MET G 288 -30.21 25.63 35.86
CA MET G 288 -30.25 25.16 37.26
C MET G 288 -31.40 25.82 38.04
N ASP G 289 -31.42 27.16 38.03
CA ASP G 289 -32.37 27.90 38.86
C ASP G 289 -33.79 27.67 38.39
N GLY G 290 -33.99 27.70 37.08
CA GLY G 290 -35.31 27.46 36.50
C GLY G 290 -35.89 26.15 36.99
N ILE G 291 -35.02 25.15 37.16
CA ILE G 291 -35.44 23.81 37.58
C ILE G 291 -35.84 23.79 39.06
N LEU G 292 -34.97 24.37 39.89
CA LEU G 292 -35.25 24.53 41.32
C LEU G 292 -36.56 25.27 41.58
N LYS G 293 -36.65 26.50 41.04
CA LYS G 293 -37.90 27.25 41.05
C LYS G 293 -39.12 26.37 40.69
N SER G 294 -39.08 25.70 39.54
CA SER G 294 -40.21 24.86 39.12
C SER G 294 -40.53 23.79 40.15
N ILE G 295 -39.50 23.31 40.83
CA ILE G 295 -39.73 22.27 41.83
C ILE G 295 -40.45 22.90 43.01
N LEU G 296 -39.91 24.03 43.46
CA LEU G 296 -40.50 24.77 44.57
C LEU G 296 -41.99 25.00 44.33
N LYS G 297 -42.33 25.44 43.13
CA LYS G 297 -43.72 25.63 42.75
C LYS G 297 -44.55 24.36 43.05
N VAL G 298 -44.07 23.19 42.62
CA VAL G 298 -44.78 21.94 42.88
C VAL G 298 -44.83 21.65 44.38
N LYS G 299 -43.72 21.94 45.05
CA LYS G 299 -43.61 21.69 46.48
C LYS G 299 -44.73 22.40 47.22
N LYS G 300 -44.88 23.68 46.91
CA LYS G 300 -45.98 24.51 47.41
C LYS G 300 -47.32 23.85 47.08
N ALA G 301 -47.68 23.92 45.80
CA ALA G 301 -48.92 23.33 45.31
C ALA G 301 -49.32 21.99 45.97
N LEU G 302 -48.38 21.05 46.16
CA LEU G 302 -48.74 19.72 46.66
C LEU G 302 -48.36 19.53 48.12
N GLY G 303 -47.70 20.55 48.68
CA GLY G 303 -47.24 20.52 50.06
C GLY G 303 -46.20 19.45 50.37
N MET G 304 -45.28 19.25 49.42
CA MET G 304 -44.21 18.26 49.58
C MET G 304 -43.22 18.72 50.64
N PHE G 305 -42.47 17.77 51.19
CA PHE G 305 -41.53 18.07 52.26
C PHE G 305 -40.44 16.99 52.37
N ILE G 306 -39.39 17.31 53.12
CA ILE G 306 -38.35 16.34 53.45
C ILE G 306 -38.80 15.48 54.63
N SER G 307 -38.86 14.17 54.45
CA SER G 307 -39.23 13.24 55.52
C SER G 307 -38.20 13.28 56.66
N ASP G 308 -38.56 12.72 57.81
CA ASP G 308 -37.66 12.68 58.96
C ASP G 308 -37.23 11.25 59.27
N THR G 309 -38.21 10.35 59.27
CA THR G 309 -37.96 8.92 59.34
C THR G 309 -36.81 8.58 58.40
N PRO G 310 -35.74 7.98 58.94
CA PRO G 310 -34.52 7.77 58.15
C PRO G 310 -34.68 6.85 56.93
N GLY G 311 -35.61 5.89 57.00
CA GLY G 311 -35.77 4.92 55.94
C GLY G 311 -36.48 5.41 54.69
N GLU G 312 -37.48 6.26 54.88
CA GLU G 312 -38.28 6.75 53.76
C GLU G 312 -37.56 7.84 52.97
N ARG G 313 -37.35 7.60 51.68
CA ARG G 313 -36.84 8.61 50.76
C ARG G 313 -37.89 8.86 49.68
N ASN G 314 -38.34 10.11 49.56
CA ASN G 314 -39.49 10.40 48.70
C ASN G 314 -39.17 11.22 47.45
N PRO G 315 -40.12 11.28 46.51
CA PRO G 315 -39.89 12.00 45.26
C PRO G 315 -39.29 13.38 45.45
N TYR G 316 -39.70 14.10 46.48
CA TYR G 316 -39.20 15.46 46.65
C TYR G 316 -37.74 15.45 47.06
N GLU G 317 -37.41 14.72 48.12
CA GLU G 317 -36.03 14.77 48.58
C GLU G 317 -35.11 14.09 47.57
N ASN G 318 -35.68 13.14 46.84
CA ASN G 318 -34.91 12.48 45.81
C ASN G 318 -34.44 13.46 44.72
N ILE G 319 -35.39 14.19 44.11
CA ILE G 319 -35.04 15.12 43.04
C ILE G 319 -34.17 16.28 43.56
N LEU G 320 -34.45 16.71 44.78
CA LEU G 320 -33.66 17.80 45.38
C LEU G 320 -32.18 17.41 45.58
N TYR G 321 -31.94 16.31 46.28
CA TYR G 321 -30.56 15.85 46.45
C TYR G 321 -29.87 15.63 45.09
N LYS G 322 -30.61 15.00 44.17
CA LYS G 322 -30.02 14.64 42.90
C LYS G 322 -29.60 15.86 42.09
N ILE G 323 -30.47 16.86 42.03
CA ILE G 323 -30.17 18.09 41.31
C ILE G 323 -28.97 18.84 41.92
N CYS G 324 -28.97 18.95 43.24
CA CYS G 324 -28.00 19.80 43.93
C CYS G 324 -26.63 19.20 44.09
N LEU G 325 -26.47 17.95 43.66
CA LEU G 325 -25.16 17.31 43.70
C LEU G 325 -24.18 17.96 42.71
N SER G 326 -24.71 18.38 41.55
CA SER G 326 -23.91 19.05 40.54
C SER G 326 -24.77 19.86 39.58
N GLY G 327 -24.28 21.04 39.21
CA GLY G 327 -24.99 21.88 38.30
C GLY G 327 -24.69 21.55 36.85
N ASP G 328 -24.10 20.39 36.62
CA ASP G 328 -23.81 19.98 35.25
C ASP G 328 -23.78 18.46 35.07
N GLY G 329 -24.88 17.92 34.56
CA GLY G 329 -24.97 16.50 34.27
C GLY G 329 -26.38 16.02 34.05
N TRP G 330 -26.58 14.72 34.19
CA TRP G 330 -27.93 14.15 34.19
C TRP G 330 -28.14 13.57 35.56
N PRO G 331 -28.84 14.32 36.44
CA PRO G 331 -28.92 14.04 37.88
C PRO G 331 -29.32 12.61 38.20
N TYR G 332 -30.17 12.00 37.37
CA TYR G 332 -30.71 10.69 37.68
C TYR G 332 -29.91 9.54 37.09
N ILE G 333 -29.32 9.76 35.94
CA ILE G 333 -28.88 8.63 35.12
C ILE G 333 -27.44 8.67 34.64
N ALA G 334 -26.71 9.73 34.99
CA ALA G 334 -25.33 9.88 34.51
C ALA G 334 -24.34 9.10 35.37
N SER G 335 -23.09 9.12 34.94
CA SER G 335 -22.02 8.54 35.73
C SER G 335 -21.51 9.61 36.68
N ARG G 336 -21.77 9.39 37.96
CA ARG G 336 -21.46 10.41 38.95
C ARG G 336 -20.28 10.00 39.82
N THR G 337 -19.59 8.93 39.45
CA THR G 337 -18.56 8.37 40.31
C THR G 337 -17.37 9.30 40.45
N SER G 338 -17.31 10.28 39.55
CA SER G 338 -16.24 11.27 39.54
C SER G 338 -16.47 12.39 40.55
N ILE G 339 -17.73 12.60 40.91
CA ILE G 339 -18.12 13.68 41.82
C ILE G 339 -17.61 13.45 43.24
N THR G 340 -17.17 14.52 43.88
CA THR G 340 -16.83 14.49 45.30
C THR G 340 -17.89 15.29 46.07
N GLY G 341 -18.18 14.87 47.31
CA GLY G 341 -19.07 15.62 48.18
C GLY G 341 -20.54 15.31 48.05
N ARG G 342 -21.37 15.93 48.89
CA ARG G 342 -22.80 15.70 48.88
C ARG G 342 -23.53 16.93 48.38
N ALA G 343 -24.82 16.78 48.12
CA ALA G 343 -25.62 17.88 47.57
C ALA G 343 -25.53 19.18 48.40
N TRP G 344 -25.58 19.06 49.72
CA TRP G 344 -25.53 20.22 50.58
C TRP G 344 -24.14 20.87 50.64
N GLU G 345 -23.14 20.20 50.10
CA GLU G 345 -21.83 20.81 50.01
C GLU G 345 -21.60 21.42 48.63
N ASN G 346 -22.25 20.85 47.62
CA ASN G 346 -21.96 21.23 46.24
C ASN G 346 -22.90 22.31 45.74
N THR G 347 -23.96 22.54 46.49
CA THR G 347 -24.88 23.65 46.22
C THR G 347 -25.08 24.44 47.51
N VAL G 348 -24.70 25.72 47.47
CA VAL G 348 -24.84 26.60 48.63
C VAL G 348 -25.76 27.77 48.31
N VAL G 349 -26.44 28.28 49.34
CA VAL G 349 -27.33 29.43 49.19
C VAL G 349 -26.64 30.72 49.64
N ASP G 350 -26.89 31.80 48.92
CA ASP G 350 -26.32 33.11 49.26
C ASP G 350 -27.42 34.16 49.49
N LEU G 351 -27.77 34.39 50.75
CA LEU G 351 -28.83 35.32 51.10
C LEU G 351 -28.36 36.75 50.95
N GLU G 352 -27.04 36.88 51.04
CA GLU G 352 -26.29 38.13 51.02
C GLU G 352 -26.15 38.63 52.45
N LYS I 21 42.40 38.11 -17.30
CA LYS I 21 43.09 39.33 -16.87
C LYS I 21 43.63 39.05 -15.50
N SER I 22 42.68 38.71 -14.64
CA SER I 22 42.93 38.26 -13.28
C SER I 22 43.94 37.11 -13.28
N PHE I 23 43.62 36.02 -14.01
CA PHE I 23 44.47 34.83 -14.00
C PHE I 23 45.89 35.14 -14.46
N LEU I 24 45.99 36.10 -15.39
CA LEU I 24 47.30 36.58 -15.84
C LEU I 24 48.12 37.20 -14.69
N TRP I 25 47.49 38.05 -13.88
CA TRP I 25 48.14 38.58 -12.70
C TRP I 25 48.58 37.45 -11.78
N THR I 26 47.64 36.55 -11.53
CA THR I 26 47.87 35.41 -10.65
C THR I 26 49.14 34.69 -11.08
N GLN I 27 49.23 34.41 -12.37
CA GLN I 27 50.35 33.63 -12.88
C GLN I 27 51.67 34.39 -12.87
N SER I 28 51.59 35.70 -13.06
CA SER I 28 52.79 36.54 -13.07
C SER I 28 53.39 36.57 -11.67
N LEU I 29 52.49 36.66 -10.69
CA LEU I 29 52.86 36.67 -9.29
C LEU I 29 53.51 35.35 -8.92
N ARG I 30 52.92 34.25 -9.40
CA ARG I 30 53.43 32.93 -9.13
C ARG I 30 54.88 32.80 -9.57
N ARG I 31 55.14 33.24 -10.80
CA ARG I 31 56.48 33.09 -11.40
C ARG I 31 57.47 33.96 -10.63
N GLU I 32 57.05 35.18 -10.33
CA GLU I 32 57.92 36.12 -9.65
C GLU I 32 58.25 35.65 -8.23
N LEU I 33 57.23 35.15 -7.53
CA LEU I 33 57.37 34.85 -6.11
C LEU I 33 57.76 33.41 -5.83
N SER I 34 57.87 32.62 -6.89
CA SER I 34 58.23 31.19 -6.78
C SER I 34 59.35 30.86 -5.78
N GLY I 35 60.27 31.80 -5.56
CA GLY I 35 61.40 31.58 -4.67
C GLY I 35 60.96 31.43 -3.23
N TYR I 36 59.84 32.07 -2.90
CA TYR I 36 59.31 32.07 -1.55
C TYR I 36 58.28 30.97 -1.28
N CYS I 37 57.89 30.24 -2.32
CA CYS I 37 56.93 29.15 -2.17
C CYS I 37 57.66 27.92 -1.65
N SER I 38 56.94 27.12 -0.88
CA SER I 38 57.50 25.92 -0.25
C SER I 38 56.60 24.69 -0.42
N ASN I 39 57.15 23.50 -0.19
CA ASN I 39 56.36 22.26 -0.19
C ASN I 39 55.72 22.02 1.17
N ILE I 40 54.40 22.08 1.23
CA ILE I 40 53.74 21.99 2.52
C ILE I 40 52.70 20.88 2.61
N LYS I 41 52.64 20.05 1.57
CA LYS I 41 51.69 18.94 1.56
C LYS I 41 51.72 18.16 2.88
N LEU I 42 52.91 17.76 3.28
CA LEU I 42 53.16 17.07 4.55
C LEU I 42 52.48 17.70 5.77
N GLN I 43 52.85 18.95 6.07
CA GLN I 43 52.24 19.67 7.19
C GLN I 43 50.72 19.75 7.12
N VAL I 44 50.21 20.26 6.00
CA VAL I 44 48.79 20.38 5.79
C VAL I 44 48.08 19.06 6.08
N VAL I 45 48.59 17.96 5.53
CA VAL I 45 48.00 16.66 5.84
C VAL I 45 48.19 16.29 7.31
N LYS I 46 49.39 16.51 7.85
CA LYS I 46 49.60 16.25 9.27
C LYS I 46 48.56 16.99 10.11
N ASP I 47 48.34 18.27 9.78
CA ASP I 47 47.40 19.11 10.52
C ASP I 47 45.95 18.63 10.35
N ALA I 48 45.59 18.21 9.14
CA ALA I 48 44.28 17.64 8.92
C ALA I 48 44.04 16.46 9.84
N GLN I 49 45.05 15.60 9.95
CA GLN I 49 44.98 14.44 10.81
C GLN I 49 44.74 14.87 12.27
N ALA I 50 45.51 15.86 12.74
CA ALA I 50 45.33 16.39 14.08
C ALA I 50 43.87 16.78 14.35
N LEU I 51 43.26 17.48 13.39
CA LEU I 51 41.88 17.92 13.53
C LEU I 51 40.90 16.73 13.52
N LEU I 52 41.10 15.80 12.59
CA LEU I 52 40.28 14.59 12.54
C LEU I 52 40.27 13.84 13.86
N HIS I 53 41.38 13.87 14.57
CA HIS I 53 41.48 13.12 15.82
C HIS I 53 41.02 13.92 17.03
N GLY I 54 41.18 15.23 16.99
CA GLY I 54 41.03 16.03 18.18
C GLY I 54 39.89 17.02 18.23
N LEU I 55 39.26 17.25 17.09
CA LEU I 55 38.22 18.27 17.01
C LEU I 55 36.85 17.68 17.32
N ASP I 56 35.97 18.50 17.88
CA ASP I 56 34.57 18.11 18.11
C ASP I 56 33.72 18.36 16.86
N PHE I 57 33.55 17.34 16.03
CA PHE I 57 32.85 17.55 14.76
C PHE I 57 31.35 17.76 14.94
N SER I 58 30.90 17.56 16.17
CA SER I 58 29.54 17.87 16.55
C SER I 58 29.38 19.37 16.61
N GLU I 59 30.28 20.05 17.33
CA GLU I 59 30.27 21.50 17.33
C GLU I 59 30.57 22.08 15.94
N VAL I 60 31.41 21.42 15.15
CA VAL I 60 31.59 21.83 13.75
C VAL I 60 30.24 21.94 13.02
N SER I 61 29.39 20.93 13.17
CA SER I 61 28.08 20.95 12.55
C SER I 61 27.31 22.18 13.01
N ASN I 62 27.33 22.45 14.30
CA ASN I 62 26.57 23.55 14.84
C ASN I 62 27.03 24.87 14.31
N VAL I 63 28.33 25.09 14.35
CA VAL I 63 28.87 26.33 13.85
C VAL I 63 28.59 26.50 12.37
N GLN I 64 28.59 25.40 11.63
CA GLN I 64 28.24 25.44 10.22
C GLN I 64 26.85 26.06 10.03
N ARG I 65 25.88 25.52 10.75
CA ARG I 65 24.52 26.02 10.75
C ARG I 65 24.39 27.44 11.27
N LEU I 66 24.92 27.68 12.46
CA LEU I 66 24.91 29.03 13.01
C LEU I 66 25.41 30.05 12.00
N MET I 67 26.40 29.70 11.21
CA MET I 67 26.99 30.68 10.31
C MET I 67 26.11 30.96 9.11
N ARG I 68 25.14 30.09 8.89
CA ARG I 68 24.24 30.24 7.73
C ARG I 68 22.98 31.07 7.99
N LYS I 69 22.59 31.25 9.25
CA LYS I 69 21.52 32.17 9.60
C LYS I 69 21.72 33.56 8.97
N GLU I 70 20.64 34.28 8.65
CA GLU I 70 20.79 35.65 8.15
C GLU I 70 20.93 36.65 9.30
N ARG I 71 20.13 36.50 10.34
CA ARG I 71 20.34 37.35 11.49
C ARG I 71 21.23 36.64 12.52
N ARG I 72 22.52 37.00 12.54
CA ARG I 72 23.55 36.44 13.44
C ARG I 72 23.95 37.40 14.56
N ASP I 73 24.06 36.92 15.80
CA ASP I 73 24.32 37.80 16.95
C ASP I 73 25.65 37.46 17.62
N ASP I 74 25.87 38.05 18.80
CA ASP I 74 27.10 37.82 19.54
C ASP I 74 27.26 36.39 20.05
N ASN I 75 26.15 35.72 20.32
CA ASN I 75 26.21 34.35 20.81
C ASN I 75 26.73 33.41 19.73
N ASP I 76 26.33 33.68 18.50
CA ASP I 76 26.80 32.91 17.37
C ASP I 76 28.26 33.22 17.13
N LEU I 77 28.64 34.49 17.25
CA LEU I 77 30.03 34.88 17.08
C LEU I 77 30.96 34.24 18.10
N LYS I 78 30.59 34.25 19.38
CA LYS I 78 31.39 33.56 20.41
C LYS I 78 31.54 32.09 20.10
N ARG I 79 30.48 31.51 19.55
CA ARG I 79 30.51 30.12 19.21
C ARG I 79 31.60 29.89 18.17
N LEU I 80 31.66 30.75 17.16
CA LEU I 80 32.61 30.62 16.06
C LEU I 80 34.01 30.82 16.55
N ARG I 81 34.23 31.85 17.35
CA ARG I 81 35.56 32.14 17.81
C ARG I 81 36.09 31.05 18.71
N ASP I 82 35.21 30.44 19.50
CA ASP I 82 35.62 29.35 20.38
C ASP I 82 36.08 28.16 19.58
N LEU I 83 35.31 27.77 18.59
CA LEU I 83 35.73 26.71 17.68
C LEU I 83 37.07 27.04 17.03
N ASN I 84 37.23 28.28 16.58
CA ASN I 84 38.47 28.71 15.96
C ASN I 84 39.66 28.52 16.86
N GLN I 85 39.48 28.75 18.15
CA GLN I 85 40.58 28.56 19.08
C GLN I 85 40.93 27.10 19.23
N ALA I 86 39.92 26.24 19.18
CA ALA I 86 40.13 24.82 19.28
C ALA I 86 41.00 24.35 18.15
N VAL I 87 40.75 24.94 16.99
CA VAL I 87 41.41 24.56 15.76
C VAL I 87 42.82 25.12 15.77
N ASN I 88 42.95 26.33 16.30
CA ASN I 88 44.26 26.94 16.39
C ASN I 88 45.18 26.09 17.24
N ASN I 89 44.62 25.38 18.20
CA ASN I 89 45.39 24.57 19.11
C ASN I 89 45.85 23.25 18.55
N LEU I 90 45.20 22.78 17.52
CA LEU I 90 45.55 21.49 16.99
C LEU I 90 46.56 21.56 15.86
N VAL I 91 46.75 22.75 15.31
CA VAL I 91 47.51 22.87 14.05
C VAL I 91 48.86 23.58 14.21
N GLU I 92 49.80 23.21 13.36
CA GLU I 92 51.15 23.77 13.44
C GLU I 92 51.34 24.99 12.53
N LEU I 93 50.67 24.99 11.39
CA LEU I 93 50.72 26.10 10.44
C LEU I 93 49.88 27.25 10.92
N LYS I 94 50.49 28.12 11.74
CA LYS I 94 49.81 29.31 12.22
C LYS I 94 50.51 30.57 11.76
N SER I 95 49.79 31.68 11.78
CA SER I 95 50.40 32.98 11.69
C SER I 95 50.38 33.54 13.11
N THR I 96 51.37 34.34 13.47
CA THR I 96 51.41 34.97 14.78
C THR I 96 51.38 36.47 14.66
N GLN I 97 50.98 37.16 15.72
CA GLN I 97 50.93 38.61 15.68
C GLN I 97 52.34 39.13 15.48
N GLN I 98 52.53 39.85 14.39
CA GLN I 98 53.85 40.38 14.04
C GLN I 98 53.70 41.71 13.30
N LYS I 99 53.75 42.80 14.06
CA LYS I 99 53.68 44.13 13.48
C LYS I 99 54.90 44.35 12.59
N SER I 100 54.69 45.02 11.46
CA SER I 100 55.78 45.31 10.53
C SER I 100 55.87 46.80 10.25
N ILE I 101 57.09 47.31 10.30
CA ILE I 101 57.36 48.68 9.87
C ILE I 101 58.25 48.67 8.63
N LEU I 102 57.74 49.24 7.55
CA LEU I 102 58.45 49.24 6.27
C LEU I 102 59.33 50.49 6.16
N ARG I 103 60.65 50.27 6.07
CA ARG I 103 61.64 51.33 6.00
C ARG I 103 62.51 51.25 4.73
N VAL I 104 62.99 52.39 4.25
CA VAL I 104 63.88 52.44 3.08
C VAL I 104 65.05 51.51 3.31
N GLY I 105 65.03 50.37 2.62
CA GLY I 105 66.06 49.36 2.79
C GLY I 105 66.15 48.67 1.45
N THR I 106 65.88 47.37 1.43
CA THR I 106 65.81 46.68 0.15
C THR I 106 64.60 47.24 -0.58
N LEU I 107 63.77 48.00 0.14
CA LEU I 107 62.66 48.75 -0.44
C LEU I 107 63.05 50.21 -0.74
N THR I 108 62.83 50.63 -1.98
CA THR I 108 63.09 52.03 -2.40
C THR I 108 62.13 52.97 -1.69
N SER I 109 62.35 54.26 -1.85
CA SER I 109 61.47 55.24 -1.21
C SER I 109 60.20 55.45 -2.04
N ASP I 110 60.29 55.15 -3.34
CA ASP I 110 59.12 55.21 -4.22
C ASP I 110 58.21 54.07 -3.88
N ASP I 111 58.81 52.91 -3.63
CA ASP I 111 58.08 51.72 -3.21
C ASP I 111 57.26 51.98 -1.95
N LEU I 112 57.87 52.59 -0.93
CA LEU I 112 57.16 52.95 0.30
C LEU I 112 55.94 53.81 0.01
N LEU I 113 56.09 54.72 -0.94
CA LEU I 113 54.98 55.58 -1.33
C LEU I 113 53.82 54.77 -1.92
N ILE I 114 54.15 53.89 -2.88
CA ILE I 114 53.14 53.03 -3.50
C ILE I 114 52.44 52.20 -2.44
N LEU I 115 53.24 51.57 -1.57
CA LEU I 115 52.69 50.69 -0.53
C LEU I 115 51.80 51.47 0.41
N ALA I 116 52.32 52.60 0.89
CA ALA I 116 51.57 53.44 1.82
C ALA I 116 50.23 53.88 1.23
N ALA I 117 50.22 54.11 -0.08
CA ALA I 117 49.02 54.55 -0.80
C ALA I 117 48.05 53.38 -0.98
N ASP I 118 48.60 52.24 -1.38
CA ASP I 118 47.79 51.06 -1.64
C ASP I 118 47.15 50.50 -0.36
N LEU I 119 47.89 50.55 0.75
CA LEU I 119 47.33 50.17 2.03
C LEU I 119 46.15 51.07 2.35
N GLU I 120 46.30 52.35 2.09
CA GLU I 120 45.23 53.30 2.36
C GLU I 120 44.01 52.98 1.51
N LYS I 121 44.26 52.51 0.29
CA LYS I 121 43.19 52.17 -0.65
C LYS I 121 42.38 50.98 -0.13
N LEU I 122 43.07 50.00 0.43
CA LEU I 122 42.41 48.88 1.09
C LEU I 122 41.54 49.40 2.23
N LYS I 123 42.13 50.20 3.10
CA LYS I 123 41.41 50.74 4.24
C LYS I 123 40.12 51.40 3.81
N SER I 124 40.20 52.24 2.79
CA SER I 124 39.06 53.06 2.39
C SER I 124 37.90 52.27 1.80
N LYS I 125 38.19 51.17 1.11
CA LYS I 125 37.12 50.29 0.62
C LYS I 125 36.28 49.76 1.78
N VAL I 126 36.79 49.90 3.00
CA VAL I 126 36.10 49.45 4.19
C VAL I 126 35.78 50.58 5.18
N ASN I 141 12.17 46.23 4.90
CA ASN I 141 11.56 46.93 6.04
C ASN I 141 10.55 46.15 6.93
N LEU I 142 10.81 44.88 7.23
CA LEU I 142 9.82 44.14 7.96
C LEU I 142 10.16 44.10 9.44
N SER I 143 9.43 43.31 10.21
CA SER I 143 9.81 43.08 11.59
C SER I 143 10.43 41.70 11.62
N SER I 144 11.23 41.41 12.63
CA SER I 144 11.81 40.08 12.75
C SER I 144 10.68 39.07 12.59
N GLN I 145 9.54 39.35 13.23
CA GLN I 145 8.38 38.47 13.17
C GLN I 145 7.81 38.30 11.74
N GLN I 146 7.55 39.41 11.07
CA GLN I 146 7.13 39.38 9.69
C GLN I 146 8.11 38.54 8.88
N LEU I 147 9.38 38.76 9.10
CA LEU I 147 10.44 38.11 8.36
C LEU I 147 10.43 36.58 8.32
N ASP I 148 10.18 35.95 9.45
CA ASP I 148 10.24 34.49 9.49
C ASP I 148 8.86 33.87 9.30
N GLN I 149 7.83 34.60 9.70
CA GLN I 149 6.50 34.28 9.19
C GLN I 149 6.49 34.19 7.65
N ARG I 150 7.16 35.13 7.02
CA ARG I 150 7.37 35.08 5.58
C ARG I 150 8.22 33.88 5.14
N ARG I 151 9.17 33.46 5.97
CA ARG I 151 9.98 32.30 5.64
C ARG I 151 9.08 31.08 5.57
N ALA I 152 8.35 30.86 6.63
CA ALA I 152 7.33 29.84 6.66
C ALA I 152 6.51 29.80 5.35
N LEU I 153 5.98 30.94 4.93
CA LEU I 153 5.14 31.00 3.73
C LEU I 153 5.90 30.65 2.48
N LEU I 154 7.18 30.95 2.44
CA LEU I 154 7.91 30.72 1.20
C LEU I 154 8.38 29.29 1.15
N ASN I 155 8.39 28.62 2.31
CA ASN I 155 8.79 27.22 2.35
C ASN I 155 7.73 26.41 1.67
N MET I 156 6.49 26.55 2.14
CA MET I 156 5.35 25.99 1.42
C MET I 156 5.52 26.03 -0.09
N ILE I 157 5.85 27.20 -0.63
CA ILE I 157 5.85 27.37 -2.07
C ILE I 157 7.14 26.99 -2.84
N GLY I 158 8.32 27.33 -2.32
CA GLY I 158 9.58 27.00 -2.99
C GLY I 158 10.61 28.12 -2.98
N ARG I 175 22.86 39.18 4.92
CA ARG I 175 23.59 38.76 6.13
C ARG I 175 24.05 39.84 7.16
N VAL I 176 23.09 40.62 7.67
CA VAL I 176 23.21 41.34 8.95
C VAL I 176 24.03 40.61 10.05
N TRP I 177 24.85 41.37 10.79
CA TRP I 177 25.47 40.90 12.02
C TRP I 177 25.06 41.86 13.11
N ASP I 178 24.37 41.38 14.11
CA ASP I 178 24.01 42.23 15.22
C ASP I 178 24.99 41.99 16.38
N VAL I 179 26.11 42.71 16.36
CA VAL I 179 27.14 42.51 17.36
C VAL I 179 27.55 43.80 18.07
N LYS I 180 27.95 43.67 19.33
CA LYS I 180 28.41 44.79 20.13
C LYS I 180 29.67 45.42 19.56
N ASN I 181 30.65 44.59 19.28
CA ASN I 181 31.92 45.07 18.78
C ASN I 181 32.34 44.28 17.57
N ALA I 182 32.40 44.94 16.43
CA ALA I 182 32.63 44.24 15.17
C ALA I 182 34.09 44.00 14.90
N GLU I 183 34.95 44.43 15.82
CA GLU I 183 36.36 44.08 15.71
C GLU I 183 36.48 42.57 15.77
N LEU I 184 35.59 41.98 16.56
CA LEU I 184 35.66 40.56 16.88
C LEU I 184 35.33 39.66 15.71
N LEU I 185 34.94 40.26 14.58
CA LEU I 185 34.74 39.47 13.38
C LEU I 185 36.06 39.33 12.64
N SER I 186 36.96 40.29 12.86
CA SER I 186 38.19 40.36 12.12
C SER I 186 39.01 39.09 12.33
N ASN I 187 39.32 38.42 11.23
CA ASN I 187 40.19 37.24 11.20
C ASN I 187 39.58 35.91 11.62
N GLN I 188 38.28 35.92 11.88
CA GLN I 188 37.57 34.73 12.31
C GLN I 188 36.94 33.98 11.16
N PHE I 189 37.03 34.53 9.96
CA PHE I 189 36.24 34.02 8.85
C PHE I 189 37.05 33.46 7.70
N GLY I 190 38.36 33.32 7.89
CA GLY I 190 39.23 32.80 6.85
C GLY I 190 39.06 31.32 6.50
N THR I 191 39.69 30.89 5.41
CA THR I 191 39.65 29.50 4.99
C THR I 191 41.04 28.91 5.13
N MET I 192 41.08 27.64 5.52
CA MET I 192 42.32 26.98 5.87
C MET I 192 42.30 25.56 5.31
N PRO I 193 43.28 25.23 4.44
CA PRO I 193 43.32 23.92 3.77
C PRO I 193 43.21 22.73 4.72
N SER I 194 43.99 22.71 5.80
CA SER I 194 43.94 21.59 6.75
C SER I 194 42.53 21.33 7.32
N LEU I 195 41.83 22.42 7.63
CA LEU I 195 40.45 22.37 8.09
C LEU I 195 39.49 21.88 6.97
N THR I 196 39.71 22.33 5.74
CA THR I 196 38.86 21.91 4.64
C THR I 196 38.98 20.39 4.43
N LEU I 197 40.22 19.94 4.50
CA LEU I 197 40.52 18.53 4.37
C LEU I 197 39.79 17.75 5.43
N ALA I 198 39.96 18.19 6.68
CA ALA I 198 39.38 17.47 7.79
C ALA I 198 37.85 17.36 7.65
N CYS I 199 37.20 18.48 7.33
CA CYS I 199 35.74 18.46 7.26
C CYS I 199 35.23 17.66 6.08
N LEU I 200 35.92 17.76 4.95
CA LEU I 200 35.57 16.93 3.78
C LEU I 200 35.63 15.45 4.15
N THR I 201 36.64 15.12 4.93
CA THR I 201 36.87 13.74 5.27
C THR I 201 35.85 13.20 6.27
N LYS I 202 35.67 13.86 7.41
CA LYS I 202 34.67 13.38 8.37
C LYS I 202 33.26 13.45 7.79
N GLN I 203 32.87 14.59 7.26
CA GLN I 203 31.51 14.75 6.77
C GLN I 203 31.23 13.95 5.52
N GLY I 204 32.24 13.78 4.68
CA GLY I 204 32.08 12.99 3.46
C GLY I 204 32.18 11.51 3.73
N GLN I 205 32.64 11.15 4.93
CA GLN I 205 32.90 9.77 5.32
C GLN I 205 33.76 9.03 4.30
N VAL I 206 34.99 9.49 4.16
CA VAL I 206 35.96 8.86 3.26
C VAL I 206 37.29 8.83 3.96
N ASP I 207 38.30 8.32 3.27
CA ASP I 207 39.66 8.28 3.80
C ASP I 207 40.31 9.62 3.58
N LEU I 208 41.08 10.07 4.56
CA LEU I 208 41.84 11.31 4.37
C LEU I 208 42.54 11.32 3.00
N ASN I 209 43.01 10.16 2.58
CA ASN I 209 43.65 10.05 1.29
C ASN I 209 42.72 10.34 0.09
N ASP I 210 41.49 9.83 0.14
CA ASP I 210 40.55 10.06 -0.96
C ASP I 210 40.31 11.55 -1.18
N ALA I 211 40.24 12.29 -0.07
CA ALA I 211 40.07 13.73 -0.11
C ALA I 211 41.31 14.38 -0.73
N VAL I 212 42.50 13.98 -0.26
CA VAL I 212 43.75 14.54 -0.78
C VAL I 212 43.88 14.34 -2.31
N GLN I 213 43.57 13.15 -2.80
CA GLN I 213 43.65 12.90 -4.24
C GLN I 213 42.65 13.76 -5.03
N ALA I 214 41.41 13.83 -4.55
CA ALA I 214 40.39 14.67 -5.17
C ALA I 214 40.84 16.14 -5.26
N LEU I 215 41.31 16.68 -4.14
CA LEU I 215 41.76 18.07 -4.11
C LEU I 215 43.01 18.32 -4.99
N THR I 216 43.84 17.28 -5.12
CA THR I 216 45.04 17.42 -5.93
C THR I 216 44.67 17.68 -7.37
N ASP I 217 43.59 17.06 -7.81
CA ASP I 217 43.13 17.27 -9.18
C ASP I 217 42.70 18.71 -9.44
N LEU I 218 41.88 19.23 -8.51
CA LEU I 218 41.57 20.65 -8.47
C LEU I 218 42.83 21.50 -8.53
N GLY I 219 43.82 21.13 -7.72
CA GLY I 219 45.09 21.83 -7.71
C GLY I 219 45.78 21.91 -9.06
N LEU I 220 45.82 20.78 -9.79
CA LEU I 220 46.50 20.77 -11.08
C LEU I 220 45.75 21.66 -12.08
N ILE I 221 44.44 21.55 -12.10
CA ILE I 221 43.66 22.40 -12.98
C ILE I 221 44.01 23.84 -12.71
N TYR I 222 44.17 24.13 -11.43
CA TYR I 222 44.32 25.50 -10.95
C TYR I 222 45.60 26.12 -11.46
N THR I 223 46.52 25.28 -11.93
CA THR I 223 47.79 25.78 -12.47
C THR I 223 47.59 26.36 -13.87
N ALA I 224 46.47 25.99 -14.50
CA ALA I 224 46.16 26.42 -15.86
C ALA I 224 45.04 27.44 -15.92
N LYS I 225 44.00 27.23 -15.12
CA LYS I 225 42.85 28.15 -15.11
C LYS I 225 42.22 28.24 -13.72
N TYR I 226 41.32 29.21 -13.54
CA TYR I 226 40.50 29.23 -12.36
C TYR I 226 39.44 28.13 -12.47
N PRO I 227 39.54 27.09 -11.62
CA PRO I 227 38.51 26.04 -11.68
C PRO I 227 37.12 26.63 -11.41
N ASN I 228 36.10 26.11 -12.07
CA ASN I 228 34.74 26.58 -11.84
C ASN I 228 33.75 25.44 -11.61
N THR I 229 32.47 25.79 -11.53
CA THR I 229 31.43 24.83 -11.15
C THR I 229 31.29 23.65 -12.11
N SER I 230 31.40 23.93 -13.41
CA SER I 230 31.32 22.88 -14.42
C SER I 230 32.50 21.92 -14.29
N ASP I 231 33.69 22.47 -14.07
CA ASP I 231 34.89 21.66 -13.88
C ASP I 231 34.72 20.78 -12.65
N LEU I 232 34.27 21.39 -11.57
CA LEU I 232 33.98 20.63 -10.36
C LEU I 232 33.03 19.48 -10.64
N ASP I 233 31.99 19.76 -11.42
CA ASP I 233 31.00 18.75 -11.79
C ASP I 233 31.59 17.58 -12.64
N ARG I 234 32.40 17.91 -13.64
CA ARG I 234 33.10 16.88 -14.43
C ARG I 234 34.06 16.03 -13.57
N LEU I 235 34.70 16.66 -12.58
CA LEU I 235 35.65 15.99 -11.69
C LEU I 235 34.96 15.02 -10.72
N THR I 236 33.70 15.28 -10.43
CA THR I 236 32.92 14.49 -9.46
C THR I 236 32.74 13.02 -9.85
N GLN I 237 32.88 12.74 -11.16
CA GLN I 237 32.79 11.37 -11.66
C GLN I 237 33.84 10.49 -11.04
N SER I 238 35.11 10.87 -11.22
CA SER I 238 36.23 10.14 -10.64
C SER I 238 36.38 10.35 -9.13
N HIS I 239 35.76 11.41 -8.62
CA HIS I 239 35.92 11.79 -7.22
C HIS I 239 34.60 12.13 -6.53
N PRO I 240 33.87 11.09 -6.10
CA PRO I 240 32.56 11.23 -5.46
C PRO I 240 32.61 12.22 -4.28
N ILE I 241 33.73 12.21 -3.55
CA ILE I 241 33.87 13.05 -2.37
C ILE I 241 33.54 14.51 -2.69
N LEU I 242 33.79 14.93 -3.93
CA LEU I 242 33.59 16.32 -4.33
C LEU I 242 32.12 16.74 -4.40
N ASN I 243 31.21 15.76 -4.33
CA ASN I 243 29.79 16.05 -4.23
C ASN I 243 29.49 16.89 -3.00
N MET I 244 30.39 16.83 -2.02
CA MET I 244 30.24 17.53 -0.76
C MET I 244 30.35 19.02 -0.94
N ILE I 245 31.17 19.43 -1.90
CA ILE I 245 31.28 20.82 -2.29
C ILE I 245 30.11 21.22 -3.19
N ASP I 246 29.04 21.71 -2.58
CA ASP I 246 27.82 22.04 -3.32
C ASP I 246 27.80 23.53 -3.60
N THR I 247 28.09 23.87 -4.84
CA THR I 247 28.32 25.25 -5.21
C THR I 247 26.99 26.04 -5.23
N LYS I 248 25.89 25.30 -5.36
CA LYS I 248 24.56 25.90 -5.30
C LYS I 248 24.21 26.32 -3.87
N LYS I 249 24.85 25.70 -2.88
CA LYS I 249 24.58 25.98 -1.47
C LYS I 249 25.68 26.81 -0.77
N SER I 250 26.80 27.05 -1.46
CA SER I 250 27.88 27.83 -0.87
C SER I 250 27.62 29.35 -0.93
N SER I 251 28.29 30.11 -0.08
CA SER I 251 27.94 31.53 0.07
C SER I 251 29.08 32.38 0.69
N LEU I 252 28.86 33.68 0.74
CA LEU I 252 29.89 34.62 1.17
C LEU I 252 29.81 34.89 2.67
N ASN I 253 30.99 34.96 3.31
CA ASN I 253 31.11 35.23 4.75
C ASN I 253 30.39 34.23 5.67
N ILE I 254 30.56 32.94 5.41
CA ILE I 254 29.99 31.93 6.30
C ILE I 254 31.05 30.98 6.89
N SER I 255 32.28 31.44 6.91
CA SER I 255 33.39 30.79 7.62
C SER I 255 33.90 29.55 6.93
N GLY I 256 35.14 29.20 7.22
CA GLY I 256 35.79 28.07 6.58
C GLY I 256 35.31 26.70 7.02
N TYR I 257 34.30 26.65 7.88
CA TYR I 257 33.74 25.35 8.25
C TYR I 257 32.72 24.88 7.21
N ASN I 258 32.12 25.81 6.48
CA ASN I 258 31.26 25.47 5.36
C ASN I 258 32.10 25.33 4.08
N PHE I 259 31.69 24.41 3.22
CA PHE I 259 32.42 24.14 1.98
C PHE I 259 32.16 25.16 0.87
N SER I 260 33.19 25.33 0.03
CA SER I 260 33.09 26.17 -1.15
C SER I 260 34.12 25.67 -2.14
N LEU I 261 33.95 26.02 -3.41
CA LEU I 261 34.91 25.64 -4.45
C LEU I 261 36.22 26.38 -4.27
N GLY I 262 36.11 27.65 -3.86
CA GLY I 262 37.28 28.48 -3.66
C GLY I 262 38.19 27.93 -2.59
N ALA I 263 37.59 27.51 -1.49
CA ALA I 263 38.34 26.96 -0.39
C ALA I 263 38.94 25.61 -0.76
N ALA I 264 38.22 24.86 -1.59
CA ALA I 264 38.72 23.55 -2.02
C ALA I 264 39.89 23.73 -2.98
N VAL I 265 39.84 24.77 -3.79
CA VAL I 265 40.93 25.06 -4.70
C VAL I 265 42.14 25.51 -3.91
N LYS I 266 41.93 26.32 -2.88
CA LYS I 266 43.04 26.78 -2.04
C LYS I 266 43.77 25.58 -1.45
N ALA I 267 42.99 24.59 -1.02
CA ALA I 267 43.53 23.37 -0.43
C ALA I 267 44.29 22.58 -1.48
N GLY I 268 43.67 22.42 -2.65
CA GLY I 268 44.26 21.63 -3.71
C GLY I 268 45.62 22.17 -4.13
N ALA I 269 45.78 23.48 -3.99
CA ALA I 269 47.03 24.14 -4.32
C ALA I 269 48.18 23.63 -3.44
N CYS I 270 47.86 23.30 -2.19
CA CYS I 270 48.87 22.83 -1.24
C CYS I 270 49.17 21.35 -1.39
N MET I 271 48.42 20.71 -2.28
CA MET I 271 48.55 19.28 -2.50
C MET I 271 49.63 18.88 -3.51
N LEU I 272 50.02 19.82 -4.38
CA LEU I 272 51.12 19.57 -5.31
C LEU I 272 52.39 20.23 -4.80
N ASP I 273 53.46 19.44 -4.69
CA ASP I 273 54.72 19.99 -4.21
C ASP I 273 55.45 20.63 -5.37
N GLY I 274 54.90 21.75 -5.82
CA GLY I 274 55.40 22.51 -6.94
C GLY I 274 54.22 23.33 -7.47
N GLY I 275 54.39 23.90 -8.67
CA GLY I 275 53.36 24.73 -9.24
C GLY I 275 53.60 26.18 -8.84
N ASN I 276 54.54 26.39 -7.92
CA ASN I 276 54.78 27.75 -7.41
C ASN I 276 53.48 28.44 -7.06
N MET I 277 52.68 27.80 -6.21
CA MET I 277 51.37 28.34 -5.87
C MET I 277 51.53 29.38 -4.78
N LEU I 278 50.86 30.52 -4.96
CA LEU I 278 50.95 31.60 -3.97
C LEU I 278 50.57 31.11 -2.58
N GLU I 279 49.61 30.19 -2.54
CA GLU I 279 49.09 29.63 -1.30
C GLU I 279 50.20 29.13 -0.39
N THR I 280 51.27 28.60 -0.99
CA THR I 280 52.35 27.98 -0.20
C THR I 280 53.46 28.94 0.22
N ILE I 281 53.23 30.23 0.00
CA ILE I 281 54.22 31.23 0.37
C ILE I 281 54.32 31.38 1.88
N LYS I 282 55.53 31.35 2.41
CA LYS I 282 55.75 31.73 3.79
C LYS I 282 56.38 33.12 3.92
N VAL I 283 55.89 33.91 4.88
CA VAL I 283 56.47 35.21 5.18
C VAL I 283 57.14 35.23 6.56
N SER I 284 58.30 35.89 6.62
CA SER I 284 59.02 36.10 7.87
C SER I 284 59.52 37.53 7.90
N PRO I 285 59.95 38.01 9.08
CA PRO I 285 60.37 39.42 9.14
C PRO I 285 61.52 39.73 8.16
N GLN I 286 62.37 38.74 7.92
CA GLN I 286 63.50 38.91 7.01
C GLN I 286 63.01 38.95 5.57
N THR I 287 62.24 37.94 5.18
CA THR I 287 61.79 37.83 3.79
C THR I 287 60.66 38.82 3.40
N MET I 288 60.18 39.57 4.38
CA MET I 288 59.00 40.42 4.17
C MET I 288 59.20 41.43 3.05
N ASP I 289 60.28 42.20 3.13
CA ASP I 289 60.53 43.26 2.16
C ASP I 289 60.78 42.72 0.75
N GLY I 290 61.58 41.66 0.67
CA GLY I 290 61.87 41.02 -0.60
C GLY I 290 60.60 40.60 -1.33
N ILE I 291 59.62 40.14 -0.56
CA ILE I 291 58.34 39.73 -1.13
C ILE I 291 57.52 40.91 -1.63
N LEU I 292 57.41 41.95 -0.81
CA LEU I 292 56.73 43.19 -1.20
C LEU I 292 57.35 43.81 -2.46
N LYS I 293 58.68 43.87 -2.48
CA LYS I 293 59.39 44.43 -3.62
C LYS I 293 59.11 43.62 -4.89
N SER I 294 59.14 42.30 -4.78
CA SER I 294 58.85 41.46 -5.92
C SER I 294 57.43 41.67 -6.43
N ILE I 295 56.51 41.92 -5.50
CA ILE I 295 55.11 42.17 -5.88
C ILE I 295 54.98 43.48 -6.62
N LEU I 296 55.57 44.53 -6.05
CA LEU I 296 55.63 45.83 -6.71
C LEU I 296 56.14 45.72 -8.15
N LYS I 297 57.22 44.95 -8.33
CA LYS I 297 57.79 44.66 -9.64
C LYS I 297 56.72 44.15 -10.62
N VAL I 298 55.90 43.21 -10.17
CA VAL I 298 54.83 42.66 -11.00
C VAL I 298 53.73 43.70 -11.22
N LYS I 299 53.43 44.46 -10.16
CA LYS I 299 52.40 45.50 -10.21
C LYS I 299 52.68 46.51 -11.32
N LYS I 300 53.90 47.08 -11.34
CA LYS I 300 54.37 47.90 -12.48
C LYS I 300 54.24 47.14 -13.81
N ALA I 301 55.04 46.09 -13.98
CA ALA I 301 55.00 45.28 -15.20
C ALA I 301 53.60 45.04 -15.77
N LEU I 302 52.64 44.67 -14.93
CA LEU I 302 51.31 44.30 -15.42
C LEU I 302 50.25 45.37 -15.19
N GLY I 303 50.66 46.46 -14.55
CA GLY I 303 49.79 47.59 -14.28
C GLY I 303 48.66 47.26 -13.31
N MET I 304 48.95 46.40 -12.33
CA MET I 304 47.95 45.97 -11.37
C MET I 304 47.57 47.11 -10.43
N PHE I 305 46.42 47.01 -9.80
CA PHE I 305 45.90 48.08 -8.95
C PHE I 305 44.83 47.56 -7.97
N ILE I 306 44.54 48.39 -6.98
CA ILE I 306 43.42 48.13 -6.05
C ILE I 306 42.11 48.58 -6.68
N SER I 307 41.17 47.66 -6.85
CA SER I 307 39.84 47.99 -7.37
C SER I 307 39.11 48.98 -6.45
N ASP I 308 38.01 49.53 -6.94
CA ASP I 308 37.20 50.45 -6.15
C ASP I 308 35.82 49.89 -5.87
N THR I 309 35.21 49.35 -6.92
CA THR I 309 34.00 48.56 -6.78
C THR I 309 34.14 47.63 -5.58
N PRO I 310 33.23 47.75 -4.60
CA PRO I 310 33.35 47.00 -3.34
C PRO I 310 33.33 45.47 -3.47
N GLY I 311 32.62 44.95 -4.46
CA GLY I 311 32.47 43.51 -4.62
C GLY I 311 33.69 42.78 -5.17
N GLU I 312 34.39 43.41 -6.10
CA GLU I 312 35.53 42.78 -6.76
C GLU I 312 36.79 42.80 -5.88
N ARG I 313 37.32 41.61 -5.61
CA ARG I 313 38.59 41.47 -4.93
C ARG I 313 39.55 40.70 -5.83
N ASN I 314 40.66 41.33 -6.20
CA ASN I 314 41.54 40.78 -7.23
C ASN I 314 42.89 40.25 -6.72
N PRO I 315 43.60 39.50 -7.58
CA PRO I 315 44.89 38.90 -7.17
C PRO I 315 45.85 39.87 -6.48
N TYR I 316 45.88 41.12 -6.92
CA TYR I 316 46.81 42.08 -6.32
C TYR I 316 46.39 42.46 -4.90
N GLU I 317 45.15 42.92 -4.72
CA GLU I 317 44.74 43.35 -3.39
C GLU I 317 44.67 42.16 -2.45
N ASN I 318 44.36 41.00 -3.03
CA ASN I 318 44.37 39.79 -2.23
C ASN I 318 45.73 39.53 -1.60
N ILE I 319 46.76 39.36 -2.43
CA ILE I 319 48.09 39.08 -1.90
C ILE I 319 48.60 40.21 -0.99
N LEU I 320 48.27 41.45 -1.33
CA LEU I 320 48.74 42.57 -0.55
C LEU I 320 48.17 42.53 0.85
N TYR I 321 46.84 42.40 0.95
CA TYR I 321 46.20 42.38 2.27
C TYR I 321 46.68 41.18 3.08
N LYS I 322 46.81 40.03 2.41
CA LYS I 322 47.22 38.81 3.07
C LYS I 322 48.64 38.87 3.63
N ILE I 323 49.59 39.40 2.86
CA ILE I 323 50.95 39.56 3.33
C ILE I 323 51.03 40.51 4.52
N CYS I 324 50.34 41.63 4.43
CA CYS I 324 50.54 42.72 5.36
C CYS I 324 49.79 42.56 6.67
N LEU I 325 49.04 41.48 6.79
CA LEU I 325 48.34 41.17 8.04
C LEU I 325 49.32 40.80 9.16
N SER I 326 50.38 40.09 8.77
CA SER I 326 51.42 39.68 9.70
C SER I 326 52.72 39.36 8.99
N GLY I 327 53.82 39.76 9.60
CA GLY I 327 55.14 39.49 9.05
C GLY I 327 55.68 38.12 9.45
N ASP I 328 54.81 37.27 9.95
CA ASP I 328 55.24 35.93 10.31
C ASP I 328 54.11 34.93 10.22
N GLY I 329 54.10 34.15 9.15
CA GLY I 329 53.15 33.07 9.00
C GLY I 329 53.05 32.56 7.57
N TRP I 330 51.93 31.92 7.26
CA TRP I 330 51.59 31.55 5.88
C TRP I 330 50.33 32.32 5.47
N PRO I 331 50.53 33.44 4.75
CA PRO I 331 49.49 34.45 4.56
C PRO I 331 48.19 33.88 4.02
N TYR I 332 48.28 32.80 3.24
CA TYR I 332 47.11 32.28 2.54
C TYR I 332 46.43 31.14 3.28
N ILE I 333 47.22 30.35 3.98
CA ILE I 333 46.75 29.03 4.41
C ILE I 333 46.88 28.68 5.91
N ALA I 334 47.50 29.58 6.67
CA ALA I 334 47.70 29.35 8.09
C ALA I 334 46.43 29.62 8.93
N SER I 335 46.54 29.33 10.22
CA SER I 335 45.49 29.67 11.16
C SER I 335 45.74 31.08 11.63
N ARG I 336 44.87 31.98 11.22
CA ARG I 336 45.06 33.38 11.55
C ARG I 336 44.09 33.92 12.60
N THR I 337 43.35 33.02 13.26
CA THR I 337 42.28 33.40 14.17
C THR I 337 42.82 34.12 15.39
N SER I 338 44.12 33.95 15.63
CA SER I 338 44.81 34.53 16.78
C SER I 338 45.14 36.01 16.56
N ILE I 339 45.25 36.39 15.28
CA ILE I 339 45.67 37.73 14.88
C ILE I 339 44.61 38.76 15.22
N THR I 340 45.04 39.93 15.70
CA THR I 340 44.12 41.04 15.90
C THR I 340 44.44 42.13 14.87
N GLY I 341 43.43 42.87 14.43
CA GLY I 341 43.67 43.98 13.51
C GLY I 341 43.71 43.66 12.02
N ARG I 342 43.75 44.70 11.20
CA ARG I 342 43.75 44.50 9.75
C ARG I 342 45.13 44.79 9.15
N ALA I 343 45.31 44.47 7.86
CA ALA I 343 46.62 44.64 7.22
C ALA I 343 47.17 46.06 7.34
N TRP I 344 46.31 47.06 7.17
CA TRP I 344 46.72 48.45 7.27
C TRP I 344 47.03 48.94 8.69
N GLU I 345 46.71 48.13 9.68
CA GLU I 345 47.09 48.43 11.05
C GLU I 345 48.36 47.68 11.44
N ASN I 346 48.57 46.51 10.85
CA ASN I 346 49.65 45.63 11.26
C ASN I 346 50.92 45.83 10.46
N THR I 347 50.80 46.54 9.36
CA THR I 347 51.96 46.94 8.57
C THR I 347 51.87 48.45 8.32
N VAL I 348 52.87 49.17 8.79
CA VAL I 348 52.92 50.62 8.60
C VAL I 348 54.18 51.03 7.86
N VAL I 349 54.08 52.14 7.11
CA VAL I 349 55.19 52.66 6.32
C VAL I 349 55.88 53.80 7.05
N ASP I 350 57.21 53.84 6.94
CA ASP I 350 58.00 54.88 7.59
C ASP I 350 58.84 55.66 6.56
N LEU I 351 58.33 56.81 6.14
CA LEU I 351 59.00 57.64 5.13
C LEU I 351 60.19 58.42 5.68
N GLU I 352 60.07 58.83 6.95
CA GLU I 352 61.15 59.52 7.67
C GLU I 352 62.10 60.29 6.75
N LYS K 21 33.05 -15.20 -1.12
CA LYS K 21 32.03 -16.08 -1.67
C LYS K 21 31.96 -15.97 -3.18
N SER K 22 32.20 -17.11 -3.80
CA SER K 22 31.96 -17.37 -5.22
C SER K 22 30.52 -17.05 -5.63
N PHE K 23 29.55 -17.60 -4.88
CA PHE K 23 28.16 -17.42 -5.22
C PHE K 23 27.79 -15.94 -5.25
N LEU K 24 28.41 -15.17 -4.37
CA LEU K 24 28.23 -13.71 -4.35
C LEU K 24 28.63 -13.07 -5.68
N TRP K 25 29.78 -13.48 -6.21
CA TRP K 25 30.21 -12.99 -7.51
C TRP K 25 29.19 -13.38 -8.54
N THR K 26 28.86 -14.68 -8.54
CA THR K 26 27.91 -15.23 -9.48
C THR K 26 26.66 -14.34 -9.53
N GLN K 27 26.15 -14.00 -8.36
CA GLN K 27 24.90 -13.26 -8.27
C GLN K 27 25.02 -11.79 -8.68
N SER K 28 26.17 -11.21 -8.43
CA SER K 28 26.40 -9.81 -8.78
C SER K 28 26.45 -9.71 -10.30
N LEU K 29 27.10 -10.69 -10.91
CA LEU K 29 27.21 -10.77 -12.35
C LEU K 29 25.83 -10.90 -12.97
N ARG K 30 25.00 -11.76 -12.38
CA ARG K 30 23.66 -12.01 -12.89
C ARG K 30 22.86 -10.72 -12.93
N ARG K 31 22.93 -9.97 -11.84
CA ARG K 31 22.15 -8.75 -11.72
C ARG K 31 22.64 -7.73 -12.76
N GLU K 32 23.96 -7.62 -12.87
CA GLU K 32 24.57 -6.63 -13.75
C GLU K 32 24.28 -6.97 -15.21
N LEU K 33 24.41 -8.24 -15.55
CA LEU K 33 24.33 -8.65 -16.95
C LEU K 33 22.92 -9.01 -17.40
N SER K 34 21.97 -8.92 -16.47
CA SER K 34 20.59 -9.33 -16.72
C SER K 34 20.02 -8.85 -18.07
N GLY K 35 20.47 -7.69 -18.52
CA GLY K 35 19.97 -7.12 -19.76
C GLY K 35 20.32 -7.96 -20.99
N TYR K 36 21.37 -8.75 -20.88
CA TYR K 36 21.87 -9.56 -22.00
C TYR K 36 21.40 -11.01 -21.94
N CYS K 37 20.71 -11.36 -20.85
CA CYS K 37 20.13 -12.68 -20.70
C CYS K 37 18.82 -12.78 -21.48
N SER K 38 18.56 -13.96 -22.02
CA SER K 38 17.36 -14.18 -22.84
C SER K 38 16.59 -15.44 -22.41
N ASN K 39 15.35 -15.55 -22.89
CA ASN K 39 14.56 -16.75 -22.69
C ASN K 39 14.90 -17.78 -23.78
N ILE K 40 15.49 -18.91 -23.39
CA ILE K 40 15.88 -19.89 -24.38
C ILE K 40 15.36 -21.30 -24.14
N LYS K 41 14.43 -21.44 -23.19
CA LYS K 41 13.86 -22.76 -22.89
C LYS K 41 13.39 -23.46 -24.17
N LEU K 42 12.57 -22.75 -24.94
CA LEU K 42 12.11 -23.18 -26.25
C LEU K 42 13.17 -23.83 -27.13
N GLN K 43 14.19 -23.04 -27.50
CA GLN K 43 15.30 -23.51 -28.33
C GLN K 43 15.96 -24.73 -27.76
N VAL K 44 16.36 -24.61 -26.50
CA VAL K 44 17.02 -25.72 -25.85
C VAL K 44 16.21 -27.02 -25.94
N VAL K 45 14.92 -26.91 -25.68
CA VAL K 45 14.05 -28.08 -25.80
C VAL K 45 13.90 -28.53 -27.25
N LYS K 46 13.76 -27.58 -28.17
CA LYS K 46 13.70 -27.91 -29.60
C LYS K 46 14.95 -28.66 -30.00
N ASP K 47 16.09 -28.20 -29.53
CA ASP K 47 17.36 -28.84 -29.87
C ASP K 47 17.51 -30.24 -29.27
N ALA K 48 17.02 -30.40 -28.05
CA ALA K 48 17.03 -31.70 -27.42
C ALA K 48 16.22 -32.69 -28.24
N GLN K 49 15.10 -32.22 -28.79
CA GLN K 49 14.23 -33.07 -29.58
C GLN K 49 14.98 -33.51 -30.83
N ALA K 50 15.63 -32.55 -31.49
CA ALA K 50 16.45 -32.84 -32.67
C ALA K 50 17.46 -33.97 -32.41
N LEU K 51 18.17 -33.88 -31.31
CA LEU K 51 19.12 -34.90 -30.98
C LEU K 51 18.42 -36.22 -30.72
N LEU K 52 17.35 -36.20 -29.94
CA LEU K 52 16.63 -37.43 -29.64
C LEU K 52 16.19 -38.19 -30.91
N HIS K 53 15.88 -37.44 -31.97
CA HIS K 53 15.37 -38.03 -33.20
C HIS K 53 16.50 -38.40 -34.16
N GLY K 54 17.60 -37.66 -34.11
CA GLY K 54 18.60 -37.77 -35.14
C GLY K 54 19.95 -38.36 -34.77
N LEU K 55 20.23 -38.41 -33.49
CA LEU K 55 21.55 -38.83 -33.02
C LEU K 55 21.64 -40.34 -32.90
N ASP K 56 22.85 -40.87 -33.05
CA ASP K 56 23.09 -42.29 -32.84
C ASP K 56 23.44 -42.55 -31.37
N PHE K 57 22.45 -42.93 -30.58
CA PHE K 57 22.68 -43.07 -29.13
C PHE K 57 23.53 -44.31 -28.79
N SER K 58 23.73 -45.14 -29.81
CA SER K 58 24.64 -46.29 -29.69
C SER K 58 26.06 -45.76 -29.62
N GLU K 59 26.42 -44.88 -30.56
CA GLU K 59 27.73 -44.23 -30.53
C GLU K 59 27.90 -43.35 -29.28
N VAL K 60 26.79 -42.74 -28.83
CA VAL K 60 26.82 -41.97 -27.59
C VAL K 60 27.33 -42.85 -26.45
N SER K 61 26.81 -44.06 -26.35
CA SER K 61 27.27 -44.99 -25.32
C SER K 61 28.77 -45.26 -25.41
N ASN K 62 29.24 -45.48 -26.64
CA ASN K 62 30.65 -45.78 -26.86
C ASN K 62 31.52 -44.62 -26.43
N VAL K 63 31.21 -43.45 -26.96
CA VAL K 63 32.03 -42.30 -26.64
C VAL K 63 32.06 -42.04 -25.14
N GLN K 64 30.94 -42.35 -24.48
CA GLN K 64 30.85 -42.26 -23.03
C GLN K 64 31.95 -43.12 -22.40
N ARG K 65 31.99 -44.40 -22.81
CA ARG K 65 32.96 -45.39 -22.32
C ARG K 65 34.40 -44.95 -22.65
N LEU K 66 34.64 -44.70 -23.93
CA LEU K 66 35.94 -44.21 -24.40
C LEU K 66 36.48 -43.03 -23.61
N MET K 67 35.60 -42.09 -23.25
CA MET K 67 36.07 -40.91 -22.53
C MET K 67 36.48 -41.26 -21.10
N ARG K 68 36.04 -42.42 -20.62
CA ARG K 68 36.28 -42.81 -19.22
C ARG K 68 37.60 -43.54 -18.98
N LYS K 69 38.15 -44.15 -20.02
CA LYS K 69 39.49 -44.75 -19.95
C LYS K 69 40.53 -43.75 -19.40
N GLU K 70 41.54 -44.24 -18.68
CA GLU K 70 42.63 -43.36 -18.22
C GLU K 70 43.56 -43.25 -19.42
N ARG K 71 43.48 -44.32 -20.21
CA ARG K 71 44.23 -44.62 -21.42
C ARG K 71 43.60 -44.04 -22.69
N ARG K 72 43.79 -42.74 -22.95
CA ARG K 72 43.12 -42.18 -24.12
C ARG K 72 44.05 -41.70 -25.24
N ASP K 73 43.82 -42.22 -26.45
CA ASP K 73 44.68 -41.90 -27.60
C ASP K 73 43.97 -41.09 -28.68
N ASP K 74 44.60 -40.98 -29.86
CA ASP K 74 44.02 -40.21 -30.97
C ASP K 74 42.79 -40.90 -31.59
N ASN K 75 42.73 -42.23 -31.48
CA ASN K 75 41.55 -42.94 -31.98
C ASN K 75 40.28 -42.62 -31.18
N ASP K 76 40.45 -42.54 -29.87
CA ASP K 76 39.36 -42.12 -29.00
C ASP K 76 38.99 -40.67 -29.27
N LEU K 77 39.98 -39.78 -29.38
CA LEU K 77 39.69 -38.37 -29.65
C LEU K 77 38.96 -38.14 -31.01
N LYS K 78 39.36 -38.89 -32.04
CA LYS K 78 38.70 -38.83 -33.34
C LYS K 78 37.24 -39.21 -33.16
N ARG K 79 37.02 -40.26 -32.37
CA ARG K 79 35.67 -40.72 -32.08
C ARG K 79 34.82 -39.59 -31.46
N LEU K 80 35.40 -38.90 -30.48
CA LEU K 80 34.71 -37.83 -29.78
C LEU K 80 34.39 -36.68 -30.74
N ARG K 81 35.37 -36.27 -31.53
CA ARG K 81 35.16 -35.09 -32.37
C ARG K 81 34.13 -35.39 -33.46
N ASP K 82 34.08 -36.65 -33.90
CA ASP K 82 33.10 -37.02 -34.93
C ASP K 82 31.67 -36.89 -34.39
N LEU K 83 31.47 -37.50 -33.22
CA LEU K 83 30.20 -37.36 -32.50
C LEU K 83 29.85 -35.88 -32.34
N ASN K 84 30.80 -35.08 -31.86
CA ASN K 84 30.54 -33.65 -31.68
C ASN K 84 30.01 -33.00 -32.93
N GLN K 85 30.51 -33.45 -34.08
CA GLN K 85 30.13 -32.83 -35.33
C GLN K 85 28.71 -33.23 -35.66
N ALA K 86 28.38 -34.48 -35.34
CA ALA K 86 27.03 -34.97 -35.54
C ALA K 86 26.07 -34.08 -34.77
N VAL K 87 26.46 -33.77 -33.53
CA VAL K 87 25.64 -32.98 -32.62
C VAL K 87 25.56 -31.55 -33.11
N ASN K 88 26.70 -31.05 -33.60
CA ASN K 88 26.73 -29.68 -34.09
C ASN K 88 25.75 -29.49 -35.27
N ASN K 89 25.47 -30.59 -35.95
CA ASN K 89 24.59 -30.53 -37.11
C ASN K 89 23.13 -30.55 -36.80
N LEU K 90 22.79 -31.05 -35.62
CA LEU K 90 21.38 -31.16 -35.29
C LEU K 90 20.84 -29.93 -34.56
N VAL K 91 21.75 -29.11 -34.03
CA VAL K 91 21.34 -28.05 -33.11
C VAL K 91 21.44 -26.65 -33.67
N GLU K 92 20.57 -25.75 -33.20
CA GLU K 92 20.52 -24.39 -33.72
C GLU K 92 21.34 -23.43 -32.88
N LEU K 93 21.43 -23.71 -31.58
CA LEU K 93 22.20 -22.87 -30.64
C LEU K 93 23.68 -23.16 -30.76
N LYS K 94 24.35 -22.51 -31.71
CA LYS K 94 25.80 -22.69 -31.92
C LYS K 94 26.55 -21.40 -31.66
N SER K 95 27.84 -21.54 -31.38
CA SER K 95 28.78 -20.44 -31.45
C SER K 95 29.53 -20.60 -32.76
N THR K 96 29.85 -19.48 -33.40
CA THR K 96 30.61 -19.53 -34.65
C THR K 96 31.97 -18.85 -34.47
N GLN K 97 32.93 -19.21 -35.32
CA GLN K 97 34.25 -18.56 -35.26
C GLN K 97 34.11 -17.05 -35.50
N GLN K 98 34.49 -16.27 -34.49
CA GLN K 98 34.34 -14.82 -34.56
C GLN K 98 35.45 -14.16 -33.74
N LYS K 99 36.56 -13.86 -34.43
CA LYS K 99 37.66 -13.14 -33.81
C LYS K 99 37.21 -11.75 -33.35
N SER K 100 37.70 -11.34 -32.19
CA SER K 100 37.35 -10.02 -31.65
C SER K 100 38.60 -9.20 -31.38
N ILE K 101 38.56 -7.93 -31.80
CA ILE K 101 39.58 -6.95 -31.43
C ILE K 101 38.98 -5.85 -30.55
N LEU K 102 39.50 -5.75 -29.34
CA LEU K 102 38.99 -4.79 -28.38
C LEU K 102 39.69 -3.44 -28.51
N ARG K 103 38.90 -2.41 -28.86
CA ARG K 103 39.37 -1.04 -29.05
C ARG K 103 38.97 -0.13 -27.88
N VAL K 104 39.55 1.07 -27.86
CA VAL K 104 39.04 2.15 -27.02
C VAL K 104 37.76 2.67 -27.68
N GLY K 105 36.62 2.32 -27.10
CA GLY K 105 35.33 2.71 -27.63
C GLY K 105 34.43 2.86 -26.44
N THR K 106 33.37 2.05 -26.38
CA THR K 106 32.55 2.03 -25.18
C THR K 106 33.43 1.46 -24.06
N LEU K 107 34.57 0.90 -24.45
CA LEU K 107 35.59 0.45 -23.49
C LEU K 107 36.68 1.52 -23.28
N THR K 108 36.91 1.87 -22.02
CA THR K 108 37.99 2.80 -21.65
C THR K 108 39.35 2.20 -21.97
N SER K 109 40.39 3.02 -21.83
CA SER K 109 41.74 2.55 -22.11
C SER K 109 42.30 1.81 -20.89
N ASP K 110 41.78 2.13 -19.71
CA ASP K 110 42.15 1.42 -18.50
C ASP K 110 41.56 0.01 -18.55
N ASP K 111 40.33 -0.05 -19.04
CA ASP K 111 39.63 -1.31 -19.24
C ASP K 111 40.44 -2.25 -20.14
N LEU K 112 40.91 -1.73 -21.26
CA LEU K 112 41.75 -2.53 -22.18
C LEU K 112 42.98 -3.13 -21.48
N LEU K 113 43.54 -2.35 -20.56
CA LEU K 113 44.70 -2.78 -19.79
C LEU K 113 44.35 -3.97 -18.90
N ILE K 114 43.26 -3.82 -18.14
CA ILE K 114 42.76 -4.88 -17.25
C ILE K 114 42.49 -6.14 -18.04
N LEU K 115 41.74 -6.00 -19.12
CA LEU K 115 41.38 -7.13 -19.98
C LEU K 115 42.61 -7.81 -20.56
N ALA K 116 43.51 -6.99 -21.12
CA ALA K 116 44.75 -7.47 -21.73
C ALA K 116 45.58 -8.27 -20.72
N ALA K 117 45.62 -7.76 -19.49
CA ALA K 117 46.33 -8.42 -18.38
C ALA K 117 45.65 -9.74 -17.98
N ASP K 118 44.33 -9.67 -17.81
CA ASP K 118 43.57 -10.82 -17.33
C ASP K 118 43.56 -11.95 -18.34
N LEU K 119 43.50 -11.58 -19.62
CA LEU K 119 43.60 -12.59 -20.67
C LEU K 119 44.94 -13.34 -20.52
N GLU K 120 45.98 -12.55 -20.29
CA GLU K 120 47.34 -13.09 -20.14
C GLU K 120 47.41 -14.08 -18.96
N LYS K 121 46.81 -13.66 -17.83
CA LYS K 121 46.67 -14.51 -16.65
C LYS K 121 46.06 -15.87 -16.99
N LEU K 122 44.94 -15.84 -17.74
CA LEU K 122 44.31 -17.08 -18.21
C LEU K 122 45.32 -17.94 -18.97
N LYS K 123 45.94 -17.33 -19.98
CA LYS K 123 46.94 -18.02 -20.79
C LYS K 123 47.99 -18.74 -19.91
N SER K 124 48.52 -18.00 -18.94
CA SER K 124 49.62 -18.48 -18.14
C SER K 124 49.24 -19.68 -17.27
N ASN K 141 61.20 -23.50 -28.46
CA ASN K 141 62.08 -23.48 -29.64
C ASN K 141 62.59 -24.87 -30.01
N LEU K 142 61.87 -25.55 -30.88
CA LEU K 142 62.12 -26.94 -31.16
C LEU K 142 61.40 -27.21 -32.46
N SER K 143 61.72 -28.29 -33.15
CA SER K 143 61.21 -28.49 -34.51
C SER K 143 59.93 -29.28 -34.50
N SER K 144 59.31 -29.37 -35.67
CA SER K 144 58.20 -30.28 -35.88
C SER K 144 58.56 -31.72 -35.48
N GLN K 145 59.29 -32.44 -36.34
CA GLN K 145 59.56 -33.86 -36.07
C GLN K 145 60.12 -34.13 -34.67
N GLN K 146 60.86 -33.18 -34.12
CA GLN K 146 61.35 -33.35 -32.76
C GLN K 146 60.17 -33.69 -31.89
N LEU K 147 59.14 -32.87 -31.99
CA LEU K 147 57.93 -33.00 -31.19
C LEU K 147 57.20 -34.31 -31.45
N ASP K 148 57.07 -34.66 -32.74
CA ASP K 148 56.55 -35.99 -33.09
C ASP K 148 57.38 -37.03 -32.35
N GLN K 149 58.69 -36.80 -32.29
CA GLN K 149 59.58 -37.73 -31.62
C GLN K 149 59.41 -37.69 -30.10
N ARG K 150 59.30 -36.50 -29.53
CA ARG K 150 59.03 -36.35 -28.09
C ARG K 150 57.80 -37.15 -27.69
N ARG K 151 56.66 -36.79 -28.28
CA ARG K 151 55.42 -37.55 -28.14
C ARG K 151 55.76 -39.02 -27.98
N ALA K 152 56.19 -39.65 -29.07
CA ALA K 152 56.47 -41.09 -29.06
C ALA K 152 57.18 -41.53 -27.77
N LEU K 153 58.10 -40.68 -27.30
CA LEU K 153 58.91 -40.95 -26.12
C LEU K 153 58.13 -40.79 -24.81
N LEU K 154 57.38 -39.70 -24.73
CA LEU K 154 56.53 -39.43 -23.57
C LEU K 154 55.39 -40.46 -23.37
N ASN K 155 54.99 -41.14 -24.43
CA ASN K 155 54.03 -42.22 -24.29
C ASN K 155 54.71 -43.41 -23.66
N MET K 156 55.84 -43.79 -24.25
CA MET K 156 56.58 -44.95 -23.82
C MET K 156 56.86 -44.95 -22.31
N ILE K 157 56.89 -43.76 -21.72
CA ILE K 157 57.13 -43.63 -20.26
C ILE K 157 55.87 -43.68 -19.39
N GLY K 158 54.70 -43.81 -20.00
CA GLY K 158 53.45 -43.83 -19.26
C GLY K 158 52.52 -44.96 -19.67
N ASP K 178 47.30 -39.41 -24.77
CA ASP K 178 48.41 -39.68 -25.69
C ASP K 178 48.02 -39.31 -27.11
N VAL K 179 48.25 -38.03 -27.45
CA VAL K 179 47.83 -37.50 -28.74
C VAL K 179 48.93 -36.75 -29.50
N LYS K 180 48.88 -36.87 -30.82
CA LYS K 180 49.84 -36.19 -31.68
C LYS K 180 49.75 -34.67 -31.52
N ASN K 181 48.55 -34.14 -31.68
CA ASN K 181 48.34 -32.70 -31.60
C ASN K 181 47.24 -32.34 -30.60
N ALA K 182 47.62 -31.70 -29.50
CA ALA K 182 46.68 -31.45 -28.40
C ALA K 182 45.81 -30.22 -28.66
N GLU K 183 46.02 -29.57 -29.80
CA GLU K 183 45.12 -28.48 -30.18
C GLU K 183 43.72 -29.07 -30.35
N LEU K 184 43.70 -30.30 -30.85
CA LEU K 184 42.45 -30.99 -31.19
C LEU K 184 41.59 -31.39 -29.98
N LEU K 185 42.10 -31.18 -28.77
CA LEU K 185 41.25 -31.31 -27.59
C LEU K 185 40.46 -30.01 -27.36
N SER K 186 41.06 -28.89 -27.76
CA SER K 186 40.44 -27.56 -27.54
C SER K 186 38.98 -27.49 -28.05
N ASN K 187 38.05 -27.19 -27.13
CA ASN K 187 36.61 -27.01 -27.44
C ASN K 187 35.80 -28.28 -27.74
N GLN K 188 36.38 -29.45 -27.49
CA GLN K 188 35.67 -30.72 -27.74
C GLN K 188 35.05 -31.29 -26.46
N PHE K 189 35.29 -30.63 -25.33
CA PHE K 189 34.92 -31.21 -24.03
C PHE K 189 33.86 -30.46 -23.22
N GLY K 190 33.26 -29.43 -23.83
CA GLY K 190 32.26 -28.61 -23.16
C GLY K 190 30.96 -29.34 -22.82
N THR K 191 30.12 -28.67 -22.04
CA THR K 191 28.81 -29.20 -21.69
C THR K 191 27.72 -28.32 -22.29
N MET K 192 26.67 -28.98 -22.76
CA MET K 192 25.63 -28.31 -23.54
C MET K 192 24.27 -28.82 -23.04
N PRO K 193 23.41 -27.89 -22.58
CA PRO K 193 22.10 -28.23 -22.02
C PRO K 193 21.28 -29.15 -22.92
N SER K 194 21.13 -28.78 -24.20
CA SER K 194 20.31 -29.59 -25.10
C SER K 194 20.81 -31.04 -25.20
N LEU K 195 22.12 -31.21 -25.13
CA LEU K 195 22.69 -32.56 -25.14
C LEU K 195 22.43 -33.31 -23.81
N THR K 196 22.54 -32.59 -22.71
CA THR K 196 22.30 -33.19 -21.40
C THR K 196 20.85 -33.72 -21.29
N LEU K 197 19.92 -32.87 -21.75
CA LEU K 197 18.51 -33.24 -21.81
C LEU K 197 18.33 -34.49 -22.62
N ALA K 198 18.86 -34.49 -23.84
CA ALA K 198 18.68 -35.61 -24.76
C ALA K 198 19.18 -36.91 -24.14
N CYS K 199 20.37 -36.87 -23.56
CA CYS K 199 20.96 -38.09 -23.01
C CYS K 199 20.24 -38.57 -21.76
N LEU K 200 19.84 -37.62 -20.90
CA LEU K 200 19.05 -37.95 -19.72
C LEU K 200 17.79 -38.69 -20.14
N THR K 201 17.18 -38.18 -21.21
CA THR K 201 15.92 -38.70 -21.67
C THR K 201 16.05 -40.09 -22.26
N LYS K 202 16.95 -40.28 -23.24
CA LYS K 202 17.08 -41.61 -23.85
C LYS K 202 17.62 -42.63 -22.84
N GLN K 203 18.71 -42.27 -22.17
CA GLN K 203 19.32 -43.23 -21.25
C GLN K 203 18.48 -43.47 -20.01
N GLY K 204 17.80 -42.44 -19.52
CA GLY K 204 16.90 -42.60 -18.41
C GLY K 204 15.57 -43.25 -18.77
N GLN K 205 15.30 -43.36 -20.06
CA GLN K 205 14.02 -43.87 -20.54
C GLN K 205 12.82 -43.19 -19.90
N VAL K 206 12.71 -41.88 -20.13
CA VAL K 206 11.58 -41.10 -19.67
C VAL K 206 11.11 -40.17 -20.80
N ASP K 207 10.10 -39.36 -20.53
CA ASP K 207 9.62 -38.37 -21.47
C ASP K 207 10.50 -37.15 -21.40
N LEU K 208 10.80 -36.59 -22.57
CA LEU K 208 11.52 -35.33 -22.58
C LEU K 208 11.01 -34.38 -21.50
N ASN K 209 9.72 -34.39 -21.31
CA ASN K 209 9.11 -33.54 -20.33
C ASN K 209 9.60 -33.82 -18.92
N ASP K 210 9.60 -35.09 -18.54
CA ASP K 210 10.00 -35.48 -17.20
C ASP K 210 11.37 -34.96 -16.86
N ALA K 211 12.26 -34.99 -17.85
CA ALA K 211 13.60 -34.46 -17.70
C ALA K 211 13.56 -32.96 -17.52
N VAL K 212 12.76 -32.28 -18.33
CA VAL K 212 12.67 -30.82 -18.23
C VAL K 212 12.20 -30.38 -16.85
N GLN K 213 11.19 -31.04 -16.32
CA GLN K 213 10.66 -30.66 -15.03
C GLN K 213 11.71 -30.89 -13.93
N ALA K 214 12.39 -32.04 -13.97
CA ALA K 214 13.41 -32.34 -13.00
C ALA K 214 14.48 -31.26 -13.01
N LEU K 215 14.99 -30.93 -14.18
CA LEU K 215 16.07 -29.98 -14.29
C LEU K 215 15.63 -28.57 -13.88
N THR K 216 14.35 -28.26 -14.08
CA THR K 216 13.85 -26.95 -13.71
C THR K 216 13.96 -26.76 -12.20
N ASP K 217 13.76 -27.82 -11.44
CA ASP K 217 13.88 -27.73 -10.00
C ASP K 217 15.31 -27.38 -9.61
N LEU K 218 16.25 -28.12 -10.17
CA LEU K 218 17.67 -27.77 -10.04
C LEU K 218 17.90 -26.29 -10.33
N GLY K 219 17.28 -25.81 -11.40
CA GLY K 219 17.45 -24.45 -11.85
C GLY K 219 16.93 -23.43 -10.87
N LEU K 220 15.81 -23.72 -10.21
CA LEU K 220 15.28 -22.81 -9.20
C LEU K 220 16.18 -22.75 -7.98
N ILE K 221 16.60 -23.92 -7.50
CA ILE K 221 17.54 -23.94 -6.39
C ILE K 221 18.76 -23.08 -6.71
N TYR K 222 19.23 -23.22 -7.93
CA TYR K 222 20.44 -22.57 -8.39
C TYR K 222 20.34 -21.04 -8.31
N THR K 223 19.12 -20.52 -8.19
CA THR K 223 18.97 -19.07 -8.12
C THR K 223 19.30 -18.60 -6.70
N ALA K 224 19.35 -19.54 -5.76
CA ALA K 224 19.61 -19.20 -4.37
C ALA K 224 20.98 -19.70 -3.87
N LYS K 225 21.35 -20.90 -4.29
CA LYS K 225 22.63 -21.49 -3.89
C LYS K 225 23.23 -22.40 -4.97
N TYR K 226 24.48 -22.77 -4.80
CA TYR K 226 25.07 -23.78 -5.66
C TYR K 226 24.50 -25.13 -5.25
N PRO K 227 23.71 -25.74 -6.13
CA PRO K 227 23.17 -27.06 -5.76
C PRO K 227 24.31 -28.04 -5.54
N ASN K 228 24.13 -28.96 -4.59
CA ASN K 228 25.14 -29.97 -4.32
C ASN K 228 24.56 -31.38 -4.22
N THR K 229 25.41 -32.34 -3.88
CA THR K 229 25.05 -33.74 -3.98
C THR K 229 23.90 -34.10 -3.06
N SER K 230 23.85 -33.46 -1.90
CA SER K 230 22.80 -33.78 -0.95
C SER K 230 21.48 -33.26 -1.50
N ASP K 231 21.52 -32.07 -2.06
CA ASP K 231 20.33 -31.47 -2.65
C ASP K 231 19.83 -32.33 -3.80
N LEU K 232 20.76 -32.79 -4.62
CA LEU K 232 20.41 -33.68 -5.71
C LEU K 232 19.71 -34.92 -5.15
N ASP K 233 20.24 -35.45 -4.07
CA ASP K 233 19.69 -36.66 -3.46
C ASP K 233 18.27 -36.43 -2.93
N ARG K 234 18.02 -35.25 -2.34
CA ARG K 234 16.68 -34.93 -1.82
C ARG K 234 15.70 -34.78 -2.99
N LEU K 235 16.18 -34.20 -4.06
CA LEU K 235 15.35 -33.97 -5.23
C LEU K 235 14.95 -35.25 -5.94
N THR K 236 15.76 -36.30 -5.79
CA THR K 236 15.52 -37.57 -6.48
C THR K 236 14.23 -38.27 -6.06
N GLN K 237 13.68 -37.89 -4.92
CA GLN K 237 12.41 -38.45 -4.46
C GLN K 237 11.27 -38.14 -5.43
N SER K 238 11.07 -36.85 -5.69
CA SER K 238 10.05 -36.40 -6.62
C SER K 238 10.45 -36.61 -8.09
N HIS K 239 11.75 -36.79 -8.35
CA HIS K 239 12.26 -36.87 -9.71
C HIS K 239 13.24 -38.00 -9.94
N PRO K 240 12.70 -39.22 -10.10
CA PRO K 240 13.49 -40.46 -10.25
C PRO K 240 14.57 -40.33 -11.32
N ILE K 241 14.26 -39.58 -12.39
CA ILE K 241 15.17 -39.43 -13.51
C ILE K 241 16.55 -38.97 -13.04
N LEU K 242 16.59 -38.24 -11.92
CA LEU K 242 17.83 -37.65 -11.43
C LEU K 242 18.78 -38.68 -10.85
N ASN K 243 18.30 -39.90 -10.67
CA ASN K 243 19.16 -41.00 -10.27
C ASN K 243 20.27 -41.21 -11.30
N MET K 244 19.99 -40.79 -12.53
CA MET K 244 20.92 -40.94 -13.64
C MET K 244 22.18 -40.12 -13.44
N ILE K 245 22.03 -39.00 -12.76
CA ILE K 245 23.18 -38.16 -12.40
C ILE K 245 23.84 -38.74 -11.16
N ASP K 246 24.81 -39.61 -11.36
CA ASP K 246 25.48 -40.27 -10.26
C ASP K 246 26.77 -39.54 -9.96
N THR K 247 26.74 -38.80 -8.86
CA THR K 247 27.81 -37.87 -8.53
C THR K 247 29.08 -38.60 -8.02
N LYS K 248 28.92 -39.79 -7.47
CA LYS K 248 30.10 -40.60 -7.17
C LYS K 248 30.85 -41.09 -8.44
N LYS K 249 30.11 -41.32 -9.52
CA LYS K 249 30.72 -41.80 -10.76
C LYS K 249 31.11 -40.67 -11.74
N SER K 250 30.73 -39.44 -11.46
CA SER K 250 31.08 -38.33 -12.37
C SER K 250 32.53 -37.90 -12.18
N SER K 251 33.10 -37.22 -13.17
CA SER K 251 34.53 -36.89 -13.13
C SER K 251 34.96 -35.74 -14.05
N LEU K 252 36.22 -35.35 -13.93
CA LEU K 252 36.74 -34.19 -14.66
C LEU K 252 37.27 -34.54 -16.06
N ASN K 253 36.99 -33.67 -17.03
CA ASN K 253 37.41 -33.85 -18.42
C ASN K 253 36.98 -35.17 -19.06
N ILE K 254 35.70 -35.53 -18.92
CA ILE K 254 35.19 -36.72 -19.62
C ILE K 254 34.01 -36.42 -20.59
N SER K 255 33.92 -35.13 -20.98
CA SER K 255 33.01 -34.66 -22.04
C SER K 255 31.52 -34.60 -21.62
N GLY K 256 30.78 -33.79 -22.35
CA GLY K 256 29.39 -33.56 -22.03
C GLY K 256 28.45 -34.72 -22.33
N TYR K 257 28.99 -35.87 -22.73
CA TYR K 257 28.15 -37.05 -22.97
C TYR K 257 27.96 -37.85 -21.70
N ASN K 258 28.91 -37.71 -20.78
CA ASN K 258 28.71 -38.26 -19.44
C ASN K 258 28.04 -37.24 -18.51
N PHE K 259 27.26 -37.75 -17.58
CA PHE K 259 26.46 -36.90 -16.69
C PHE K 259 27.26 -36.35 -15.52
N SER K 260 26.84 -35.18 -15.07
CA SER K 260 27.41 -34.55 -13.89
C SER K 260 26.38 -33.58 -13.30
N LEU K 261 26.54 -33.26 -12.01
CA LEU K 261 25.60 -32.35 -11.39
C LEU K 261 25.75 -30.95 -11.97
N GLY K 262 27.00 -30.60 -12.30
CA GLY K 262 27.32 -29.27 -12.80
C GLY K 262 26.67 -29.01 -14.15
N ALA K 263 26.72 -30.04 -15.01
CA ALA K 263 26.11 -29.95 -16.32
C ALA K 263 24.57 -29.92 -16.21
N ALA K 264 24.05 -30.67 -15.24
CA ALA K 264 22.60 -30.71 -15.02
C ALA K 264 22.12 -29.34 -14.56
N VAL K 265 22.92 -28.72 -13.72
CA VAL K 265 22.56 -27.41 -13.20
C VAL K 265 22.61 -26.38 -14.33
N LYS K 266 23.59 -26.53 -15.22
CA LYS K 266 23.70 -25.61 -16.34
C LYS K 266 22.43 -25.70 -17.20
N ALA K 267 21.98 -26.93 -17.42
CA ALA K 267 20.75 -27.17 -18.16
C ALA K 267 19.53 -26.57 -17.44
N GLY K 268 19.40 -26.88 -16.15
CA GLY K 268 18.28 -26.40 -15.37
C GLY K 268 18.17 -24.89 -15.40
N ALA K 269 19.30 -24.21 -15.56
CA ALA K 269 19.32 -22.74 -15.61
C ALA K 269 18.57 -22.20 -16.83
N CYS K 270 18.62 -22.96 -17.93
CA CYS K 270 17.96 -22.56 -19.16
C CYS K 270 16.46 -22.92 -19.18
N MET K 271 16.01 -23.59 -18.14
CA MET K 271 14.65 -24.09 -18.06
C MET K 271 13.68 -23.06 -17.50
N LEU K 272 14.20 -22.06 -16.77
CA LEU K 272 13.35 -20.98 -16.26
C LEU K 272 13.56 -19.80 -17.13
N ASP K 273 12.49 -19.24 -17.67
CA ASP K 273 12.62 -18.07 -18.55
C ASP K 273 13.58 -17.00 -18.00
N GLY K 274 13.38 -16.70 -16.72
CA GLY K 274 14.00 -15.59 -16.01
C GLY K 274 15.09 -16.09 -15.09
N GLY K 275 15.28 -15.39 -13.98
CA GLY K 275 16.34 -15.72 -13.05
C GLY K 275 17.62 -15.00 -13.45
N ASN K 276 17.61 -14.35 -14.61
CA ASN K 276 18.79 -13.66 -15.14
C ASN K 276 20.02 -14.55 -15.03
N MET K 277 19.91 -15.75 -15.57
CA MET K 277 20.99 -16.71 -15.45
C MET K 277 22.08 -16.37 -16.48
N LEU K 278 23.33 -16.44 -16.04
CA LEU K 278 24.44 -16.17 -16.95
C LEU K 278 24.42 -17.12 -18.15
N GLU K 279 24.03 -18.35 -17.90
CA GLU K 279 23.95 -19.37 -18.95
C GLU K 279 23.18 -18.89 -20.20
N THR K 280 22.18 -18.04 -20.00
CA THR K 280 21.30 -17.66 -21.11
C THR K 280 21.76 -16.39 -21.82
N ILE K 281 22.98 -15.97 -21.51
CA ILE K 281 23.56 -14.78 -22.14
C ILE K 281 23.96 -15.05 -23.57
N LYS K 282 23.53 -14.15 -24.46
CA LYS K 282 24.00 -14.19 -25.85
C LYS K 282 24.99 -13.06 -26.15
N VAL K 283 26.08 -13.42 -26.83
CA VAL K 283 27.08 -12.44 -27.25
C VAL K 283 27.06 -12.23 -28.77
N SER K 284 27.16 -10.97 -29.18
CA SER K 284 27.29 -10.62 -30.59
C SER K 284 28.40 -9.58 -30.71
N PRO K 285 28.86 -9.35 -31.95
CA PRO K 285 29.93 -8.34 -32.12
C PRO K 285 29.53 -6.97 -31.56
N GLN K 286 28.26 -6.59 -31.70
CA GLN K 286 27.80 -5.30 -31.19
C GLN K 286 27.78 -5.29 -29.65
N THR K 287 27.16 -6.30 -29.05
CA THR K 287 26.96 -6.33 -27.60
C THR K 287 28.22 -6.74 -26.84
N MET K 288 29.26 -7.13 -27.58
CA MET K 288 30.45 -7.69 -26.96
C MET K 288 31.09 -6.75 -25.92
N ASP K 289 31.30 -5.50 -26.30
CA ASP K 289 32.01 -4.55 -25.45
C ASP K 289 31.20 -4.20 -24.20
N GLY K 290 29.92 -3.91 -24.42
CA GLY K 290 28.98 -3.61 -23.34
C GLY K 290 28.99 -4.68 -22.25
N ILE K 291 29.12 -5.94 -22.67
CA ILE K 291 29.17 -7.07 -21.75
C ILE K 291 30.47 -7.07 -20.94
N LEU K 292 31.61 -6.94 -21.64
CA LEU K 292 32.93 -6.87 -21.01
C LEU K 292 32.99 -5.73 -20.01
N LYS K 293 32.52 -4.55 -20.44
CA LYS K 293 32.51 -3.37 -19.58
C LYS K 293 31.67 -3.61 -18.31
N SER K 294 30.49 -4.19 -18.48
CA SER K 294 29.63 -4.51 -17.34
C SER K 294 30.31 -5.49 -16.39
N ILE K 295 31.07 -6.44 -16.94
CA ILE K 295 31.79 -7.39 -16.10
C ILE K 295 32.86 -6.68 -15.29
N LEU K 296 33.65 -5.86 -15.99
CA LEU K 296 34.71 -5.05 -15.36
C LEU K 296 34.15 -4.27 -14.17
N LYS K 297 33.01 -3.62 -14.37
CA LYS K 297 32.34 -2.89 -13.29
C LYS K 297 32.09 -3.75 -12.03
N VAL K 298 31.65 -4.99 -12.24
CA VAL K 298 31.45 -5.94 -11.14
C VAL K 298 32.80 -6.36 -10.54
N LYS K 299 33.77 -6.58 -11.42
CA LYS K 299 35.11 -7.00 -11.01
C LYS K 299 35.67 -6.00 -9.99
N LYS K 300 35.56 -4.73 -10.36
CA LYS K 300 35.95 -3.61 -9.50
C LYS K 300 35.18 -3.69 -8.18
N ALA K 301 33.88 -3.40 -8.28
CA ALA K 301 32.97 -3.41 -7.13
C ALA K 301 33.23 -4.54 -6.10
N LEU K 302 33.43 -5.77 -6.58
CA LEU K 302 33.56 -6.94 -5.70
C LEU K 302 35.01 -7.42 -5.54
N GLY K 303 35.92 -6.77 -6.28
CA GLY K 303 37.33 -7.10 -6.24
C GLY K 303 37.65 -8.50 -6.77
N MET K 304 36.96 -8.88 -7.83
CA MET K 304 37.16 -10.21 -8.42
C MET K 304 38.51 -10.28 -9.13
N PHE K 305 39.00 -11.50 -9.34
CA PHE K 305 40.32 -11.70 -9.93
C PHE K 305 40.49 -13.09 -10.52
N ILE K 306 41.52 -13.26 -11.34
CA ILE K 306 41.89 -14.58 -11.83
C ILE K 306 42.71 -15.32 -10.78
N SER K 307 42.26 -16.51 -10.38
CA SER K 307 42.99 -17.33 -9.41
C SER K 307 44.32 -17.80 -10.01
N ASP K 308 45.20 -18.32 -9.15
CA ASP K 308 46.51 -18.79 -9.56
C ASP K 308 46.61 -20.30 -9.40
N THR K 309 46.19 -20.78 -8.23
CA THR K 309 46.03 -22.19 -8.00
C THR K 309 45.37 -22.83 -9.23
N PRO K 310 46.02 -23.84 -9.83
CA PRO K 310 45.54 -24.41 -11.10
C PRO K 310 44.15 -25.07 -11.05
N GLY K 311 43.78 -25.65 -9.90
CA GLY K 311 42.52 -26.36 -9.75
C GLY K 311 41.26 -25.52 -9.64
N GLU K 312 41.36 -24.38 -8.96
CA GLU K 312 40.22 -23.49 -8.74
C GLU K 312 39.89 -22.65 -9.98
N ARG K 313 38.66 -22.83 -10.48
CA ARG K 313 38.12 -22.00 -11.56
C ARG K 313 36.88 -21.27 -11.04
N ASN K 314 36.92 -19.94 -11.04
CA ASN K 314 35.89 -19.15 -10.37
C ASN K 314 34.97 -18.41 -11.32
N PRO K 315 33.84 -17.89 -10.79
CA PRO K 315 32.86 -17.14 -11.59
C PRO K 315 33.47 -16.11 -12.54
N TYR K 316 34.51 -15.41 -12.10
CA TYR K 316 35.10 -14.36 -12.92
C TYR K 316 35.88 -14.92 -14.11
N GLU K 317 36.82 -15.81 -13.84
CA GLU K 317 37.59 -16.35 -14.96
C GLU K 317 36.70 -17.18 -15.87
N ASN K 318 35.68 -17.80 -15.28
CA ASN K 318 34.75 -18.58 -16.07
C ASN K 318 34.05 -17.74 -17.14
N ILE K 319 33.37 -16.68 -16.70
CA ILE K 319 32.65 -15.82 -17.65
C ILE K 319 33.59 -15.13 -18.65
N LEU K 320 34.75 -14.71 -18.17
CA LEU K 320 35.76 -14.08 -19.03
C LEU K 320 36.21 -15.02 -20.17
N TYR K 321 36.75 -16.18 -19.81
CA TYR K 321 37.18 -17.13 -20.84
C TYR K 321 36.04 -17.45 -21.82
N LYS K 322 34.84 -17.66 -21.28
CA LYS K 322 33.72 -18.09 -22.09
C LYS K 322 33.31 -17.03 -23.08
N ILE K 323 33.25 -15.77 -22.60
CA ILE K 323 32.88 -14.67 -23.49
C ILE K 323 33.89 -14.50 -24.62
N CYS K 324 35.16 -14.52 -24.26
CA CYS K 324 36.23 -14.14 -25.19
C CYS K 324 36.59 -15.23 -26.19
N LEU K 325 36.00 -16.40 -26.06
CA LEU K 325 36.26 -17.48 -27.00
C LEU K 325 35.69 -17.12 -28.40
N SER K 326 34.60 -16.35 -28.42
CA SER K 326 33.98 -15.94 -29.66
C SER K 326 33.00 -14.81 -29.43
N GLY K 327 33.00 -13.86 -30.36
CA GLY K 327 32.13 -12.70 -30.29
C GLY K 327 30.77 -12.97 -30.92
N ASP K 328 30.46 -14.25 -31.15
CA ASP K 328 29.16 -14.62 -31.70
C ASP K 328 28.70 -16.01 -31.27
N GLY K 329 27.81 -16.05 -30.27
CA GLY K 329 27.23 -17.30 -29.81
C GLY K 329 26.54 -17.19 -28.45
N TRP K 330 26.37 -18.34 -27.82
CA TRP K 330 25.90 -18.42 -26.43
C TRP K 330 27.05 -19.02 -25.66
N PRO K 331 27.87 -18.15 -25.04
CA PRO K 331 29.15 -18.53 -24.41
C PRO K 331 29.07 -19.73 -23.48
N TYR K 332 27.93 -19.92 -22.80
CA TYR K 332 27.82 -20.96 -21.78
C TYR K 332 27.23 -22.26 -22.28
N ILE K 333 26.32 -22.16 -23.25
CA ILE K 333 25.41 -23.26 -23.54
C ILE K 333 25.35 -23.71 -24.99
N ALA K 334 26.04 -22.99 -25.87
CA ALA K 334 25.98 -23.28 -27.32
C ALA K 334 26.83 -24.49 -27.69
N SER K 335 26.74 -24.88 -28.96
CA SER K 335 27.67 -25.88 -29.50
C SER K 335 28.93 -25.19 -29.98
N ARG K 336 30.02 -25.46 -29.28
CA ARG K 336 31.26 -24.74 -29.54
C ARG K 336 32.32 -25.64 -30.19
N THR K 337 31.92 -26.85 -30.59
CA THR K 337 32.87 -27.82 -31.09
C THR K 337 33.50 -27.40 -32.44
N SER K 338 32.85 -26.44 -33.09
CA SER K 338 33.31 -25.90 -34.38
C SER K 338 34.45 -24.87 -34.22
N ILE K 339 34.50 -24.24 -33.05
CA ILE K 339 35.49 -23.21 -32.73
C ILE K 339 36.91 -23.79 -32.66
N THR K 340 37.86 -23.03 -33.20
CA THR K 340 39.28 -23.34 -33.05
C THR K 340 39.94 -22.30 -32.12
N GLY K 341 40.92 -22.73 -31.33
CA GLY K 341 41.67 -21.79 -30.51
C GLY K 341 41.09 -21.45 -29.15
N ARG K 342 41.81 -20.64 -28.37
CA ARG K 342 41.43 -20.33 -26.99
C ARG K 342 41.00 -18.87 -26.91
N ALA K 343 40.42 -18.49 -25.76
CA ALA K 343 39.91 -17.12 -25.58
C ALA K 343 40.97 -16.04 -25.83
N TRP K 344 42.17 -16.28 -25.30
CA TRP K 344 43.27 -15.32 -25.45
C TRP K 344 43.81 -15.24 -26.89
N GLU K 345 43.43 -16.20 -27.74
CA GLU K 345 43.78 -16.14 -29.15
C GLU K 345 42.65 -15.52 -29.99
N ASN K 346 41.40 -15.71 -29.55
CA ASN K 346 40.24 -15.29 -30.34
C ASN K 346 39.75 -13.88 -30.01
N THR K 347 40.23 -13.38 -28.88
CA THR K 347 39.99 -12.00 -28.51
C THR K 347 41.34 -11.34 -28.16
N VAL K 348 41.66 -10.28 -28.91
CA VAL K 348 42.90 -9.52 -28.71
C VAL K 348 42.60 -8.04 -28.39
N VAL K 349 43.48 -7.44 -27.59
CA VAL K 349 43.36 -6.03 -27.21
C VAL K 349 44.22 -5.13 -28.11
#